data_2WPZ
# 
_entry.id   2WPZ 
# 
_audit_conform.dict_name       mmcif_pdbx.dic 
_audit_conform.dict_version    5.399 
_audit_conform.dict_location   http://mmcif.pdb.org/dictionaries/ascii/mmcif_pdbx.dic 
# 
loop_
_database_2.database_id 
_database_2.database_code 
_database_2.pdbx_database_accession 
_database_2.pdbx_DOI 
PDB   2WPZ         pdb_00002wpz 10.2210/pdb2wpz/pdb 
PDBE  EBI-40735    ?            ?                   
WWPDB D_1290040735 ?            ?                   
# 
loop_
_pdbx_audit_revision_history.ordinal 
_pdbx_audit_revision_history.data_content_type 
_pdbx_audit_revision_history.major_revision 
_pdbx_audit_revision_history.minor_revision 
_pdbx_audit_revision_history.revision_date 
1 'Structure model' 1 0 2009-11-03 
2 'Structure model' 1 1 2011-05-08 
3 'Structure model' 1 2 2011-07-13 
4 'Structure model' 1 3 2023-12-20 
5 'Structure model' 1 4 2024-11-20 
# 
_pdbx_audit_revision_details.ordinal             1 
_pdbx_audit_revision_details.revision_ordinal    1 
_pdbx_audit_revision_details.data_content_type   'Structure model' 
_pdbx_audit_revision_details.provider            repository 
_pdbx_audit_revision_details.type                'Initial release' 
_pdbx_audit_revision_details.description         ? 
_pdbx_audit_revision_details.details             ? 
# 
loop_
_pdbx_audit_revision_group.ordinal 
_pdbx_audit_revision_group.revision_ordinal 
_pdbx_audit_revision_group.data_content_type 
_pdbx_audit_revision_group.group 
1 2 'Structure model' 'Version format compliance' 
2 3 'Structure model' 'Version format compliance' 
3 4 'Structure model' 'Data collection'           
4 4 'Structure model' 'Database references'       
5 4 'Structure model' 'Derived calculations'      
6 4 'Structure model' Other                       
7 4 'Structure model' 'Refinement description'    
8 5 'Structure model' 'Structure summary'         
# 
loop_
_pdbx_audit_revision_category.ordinal 
_pdbx_audit_revision_category.revision_ordinal 
_pdbx_audit_revision_category.data_content_type 
_pdbx_audit_revision_category.category 
1 4 'Structure model' chem_comp_atom                
2 4 'Structure model' chem_comp_bond                
3 4 'Structure model' database_2                    
4 4 'Structure model' pdbx_database_status          
5 4 'Structure model' pdbx_initial_refinement_model 
6 4 'Structure model' struct_conn                   
7 4 'Structure model' struct_site                   
8 5 'Structure model' pdbx_entry_details            
9 5 'Structure model' pdbx_modification_feature     
# 
loop_
_pdbx_audit_revision_item.ordinal 
_pdbx_audit_revision_item.revision_ordinal 
_pdbx_audit_revision_item.data_content_type 
_pdbx_audit_revision_item.item 
1 4 'Structure model' '_database_2.pdbx_DOI'                         
2 4 'Structure model' '_database_2.pdbx_database_accession'          
3 4 'Structure model' '_pdbx_database_status.status_code_sf'         
4 4 'Structure model' '_struct_conn.pdbx_leaving_atom_flag'          
5 4 'Structure model' '_struct_site.pdbx_auth_asym_id'               
6 4 'Structure model' '_struct_site.pdbx_auth_comp_id'               
7 4 'Structure model' '_struct_site.pdbx_auth_seq_id'                
8 5 'Structure model' '_pdbx_entry_details.has_protein_modification' 
# 
_pdbx_database_status.status_code                     REL 
_pdbx_database_status.entry_id                        2WPZ 
_pdbx_database_status.deposit_site                    PDBE 
_pdbx_database_status.process_site                    PDBE 
_pdbx_database_status.SG_entry                        . 
_pdbx_database_status.recvd_initial_deposition_date   2009-08-12 
_pdbx_database_status.pdb_format_compatible           Y 
_pdbx_database_status.status_code_sf                  REL 
_pdbx_database_status.status_code_mr                  ? 
_pdbx_database_status.status_code_cs                  ? 
_pdbx_database_status.methods_development_category    ? 
_pdbx_database_status.status_code_nmr_data            ? 
# 
loop_
_pdbx_database_related.db_name 
_pdbx_database_related.db_id 
_pdbx_database_related.content_type 
_pdbx_database_related.details 
PDB 1RB5 unspecified 'ANTIPARALLEL TRIMER OF GCN4-LEUCINE ZIPPER CORE MUTANT ASN16A TRIGONAL FORM' 
PDB 1GCM unspecified 'GCN4 LEUCINE ZIPPER CORE MUTANT P-LI' 
PDB 1UNT unspecified 'STRUCTURE BASED ENGINEERING OF INTERNAL MOLECULAR SURFACES OF FOUR HELIX BUNDLES' 
PDB 1LLM unspecified 'CRYSTAL STRUCTURE OF A ZIF23-GCN4 CHIMERA BOUND TO DNA' 
PDB 2ZTA unspecified 'GCN4 LEUCINE ZIPPER' 
PDB 1UO2 unspecified 'STRUCTURE BASED ENGINEERING OF INTERNAL MOLECULAR SURFACES OF FOUR HELIX BUNDLES' 
PDB 1UNW unspecified 'STRUCTURE BASED ENGINEERING OF INTERNAL MOLECULAR SURFACES OF FOUR HELIX BUNDLES' 
PDB 2CCF unspecified 'ANTIPARALLEL CONFIGURATION OF PLI E20S' 
PDB 1CE9 unspecified 'HELIX CAPPING IN THE GCN4 LEUCINE ZIPPER' 
PDB 2WG6 unspecified 
'PROTEASOME-ACTIVATING NUCLEOTIDASE (PAN) N- DOMAIN (57-134) FROM ARCHAEOGLOBUS FULGIDUS FUSED TO GCN4, P61A MUTANT'           
PDB 1TMZ unspecified 'TMZIP: A CHIMERIC PEPTIDE MODEL OF THE N- TERMINUS OF ALPHA TROPOMYOSIN, NMR, 15 STRUCTURES' 
PDB 1ZIL unspecified 'GCN4-LEUCINE ZIPPER CORE MUTANT ASN16GLN IN THE DIMERIC STATE' 
PDB 2CCN unspecified 'PLI E20C IS ANTIPARALLEL' 
PDB 1W5L unspecified 'AN ANTI-PARALLEL TO PARALLEL SWITCH.' 
PDB 1RB6 unspecified 'ANTIPARALLEL TRIMER OF GCN4-LEUCINE ZIPPER CORE MUTANT ASN16A TETRAGONAL FORM' 
PDB 1ZIJ unspecified 'GCN4-LEUCINE ZIPPER CORE MUTANT ASN16ABA IN THE TRIMERIC STATE' 
PDB 1UNZ unspecified 'STRUCTURE BASED ENGINEERING OF INTERNAL MOLECULAR SURFACES OF FOUR HELIX BUNDLES' 
PDB 1W5K unspecified 'AN ANTI-PARALLEL FOUR HELIX BUNDLE' 
PDB 1PIQ unspecified 'CRYSTAL STRUCTURE OF GCN4-PIQ, A TRIMERIC COILED COIL WITH BURIED POLAR RESIDUES' 
PDB 1UNX unspecified 'STRUCTURE BASED ENGINEERING OF INTERNAL MOLECULAR SURFACES OF FOUR HELIX BUNDLES' 
PDB 1UNY unspecified 'STRUCTURE BASED ENGINEERING OF INTERNAL MOLECULAR SURFACES OF FOUR HELIX BUNDLES' 
PDB 1ZIK unspecified 'GCN4-LEUCINE ZIPPER CORE MUTANT ASN16LYS IN THE DIMERIC STATE' 
PDB 1YSA unspecified 'GCN4 (BASIC REGION, LEUCINE ZIPPER) COMPLEX WITH AP-1 DEOXYRIBONUCLEIC ACID' 
PDB 1W5H unspecified 'AN ANTI-PARALLEL FOUR HELIX BUNDLE.' 
PDB 1IJ2 unspecified 'GCN4-PVTL COILED-COIL TRIMER WITH THREONINE AT THE A(16)POSITION' 
PDB 1UNV unspecified 'STRUCTURE BASED ENGINEERING OF INTERNAL MOLECULAR SURFACES OF FOUR HELIX BUNDLES' 
PDB 1UO3 unspecified 'STRUCTURE BASED ENGINEERING OF INTERNAL MOLECULAR SURFACES OF FOUR HELIX BUNDLES' 
PDB 2CCE unspecified 'PARALLEL CONFIGURATION OF PLI E20S' 
PDB 1IJ0 unspecified 'COILED COIL TRIMER GCN4-PVLS SER AT BURIED D POSITION' 
PDB 1W5G unspecified 'AN ANTI-PARALLEL FOUR HELIX BUNDLE ( ACETIMIDE MODIFICATION).' 
PDB 1UNU unspecified 'STRUCTURE BASED ENGINEERING OF INTERNAL MOLECULAR SURFACES OF FOUR HELIX BUNDLES' 
PDB 2B22 unspecified 'ANTIPARALLEL FOUR-STRANDED COILED COIL SPECIFIED BY A 3-3-1HYDROPHOBIC HEPTAD REPEAT' 
PDB 1LD4 unspecified 'PLACEMENT OF THE STRUCTURAL PROTEINS IN SINDBIS VIRUS' 
PDB 2B1F unspecified 'ANTIPARALLEL FOUR-STRANDED COILED COIL SPECIFIED BY A 3-3-1HYDROPHOBIC HEPTAD REPEAT' 
PDB 2WG5 unspecified 'PROTEASOME-ACTIVATING NUCLEOTIDASE (PAN) N- DOMAIN (57-134) FROM ARCHAEOGLOBUS FULGIDUS FUSED TO GCN4' 
PDB 1UO0 unspecified 'STRUCTURE BASED ENGINEERING OF INTERNAL MOLECULAR SURFACES OF FOUR HELIX BUNDLES' 
PDB 1UO1 unspecified 'STRUCTURE BASED ENGINEERING OF INTERNAL MOLECULAR SURFACES OF FOUR HELIX BUNDLES' 
PDB 1SWI unspecified 'GCN4-LEUCINE ZIPPER CORE MUTANT AS N16A COMPLEXED WITH BENZENE' 
PDB 1W5I unspecified 'ABA DOES NOT AFFECT TOPOLOGY OF PLI.' 
PDB 2DGC unspecified 'GCN4 BASIC DOMAIN, LEUCINE ZIPPER COMPLEXED WITH ATF/CREB SITE DEOXYRIBONUCLEIC ACID' 
PDB 2D3E unspecified 'CRYSTAL STRUCTURE OF THE C-TERMINAL FRAGMENT OF RABBITSKELETAL ALPHA-TROPOMYOSIN' 
PDB 1NKN unspecified 
'VISUALIZING AN UNSTABLE COILED COIL: THE CRYSTAL STRUCTUREOF AN N-TERMINAL SEGMENT OF THE SCALLOP MYOSIN ROD'                 
PDB 1GCL unspecified 'GCN4 LEUCINE ZIPPER CORE MUTANT P-LI' 
PDB 1ZII unspecified 'GCN4-LEUCINE ZIPPER CORE MUTANT ASN16ABA IN THE DIMERIC STATE' 
PDB 1KQL unspecified 'CRYSTAL STRUCTURE OF THE C-TERMINAL REGION OF STRIATEDMUSCLE ALPHA-TROPOMYOSIN AT 2.7 ANGSTROM RESOLUTION' 
PDB 1UO5 unspecified 'STRUCTURE BASED ENGINEERING OF INTERNAL MOLECULAR SURFACES OF FOUR HELIX BUNDLES' 
PDB 1RB4 unspecified 'ANTIPARALLEL TRIMER OF GCN4-LEUCINE ZIPPER CORE MUTANT ASN16A TETRAGONAL AUTOMATIC SOLUTION' 
PDB 1IHQ unspecified 
'GLYTM1BZIP: A CHIMERIC PEPTIDE MODEL OF THE N-TERMINUS OF ARAT SHORT ALPHA TROPOMYOSIN WITH THE N-TERMINUS ENCODED BYEXON 1B' 
PDB 1UO4 unspecified 'STRUCTURE BASED ENGINEERING OF INTERNAL MOLECULAR SURFACES OF FOUR HELIX BUNDLES' 
PDB 1IJ3 unspecified 'GCN4-PVSL COILED-COIL TRIMER WITH SERINE AT THE A(16)POSITION' 
PDB 1ZTA unspecified 'LEUCINE ZIPPER MONOMER (NMR, 20 STRUCTURES)' 
PDB 1W5J unspecified 'AN ANTI-PARALLEL FOUR HELIX BUNDLE' 
PDB 1IJ1 unspecified 'GCN4-PVLT COILED-COIL TRIMER WITH THREONINE AT THE D(12)POSITION' 
PDB 1DGC unspecified 'GCN4 LEUCINE ZIPPER COMPLEXED WITH SPECIFIC ATF/CREB SITE DEOXYRIBONUCLEIC ACID' 
PDB 1RB1 unspecified 'GCN4-LEUCINE ZIPPER CORE MUTANT AS N16A TRIGONAL AUTOMATICSOLUTION' 
PDB 1ZIM unspecified 'GCN4-LEUCINE ZIPPER CORE MUTANT ASN16GLN IN THE TRIMERIC STATE' 
PDB 1GZL unspecified 
'CRYSTAL STRUCTURE OF C14LINKMID/IQN17: A CROSS-LINKED INHIBITOR OF HIV-1 ENTRY BOUND TO THE GP41 HYDROPHOBIC POCKET'          
PDB 2BNI unspecified 'PLI MUTANT E20C L16G Y17H, ANTIPARALLEL' 
PDB 2WPS unspecified 'SALMONELLA ENTERICA SADA 483-523 FUSED TO GCN4 ADAPTORS (SADAK3B-V2, OUT-OF-REGISTER FUSION)' 
PDB 2WPY unspecified 'GCN4 LEUCINE ZIPPER MUTANT WITH ONE VXXNXXX MOTIF COORDINATING CHLORIDE' 
PDB 2WQ0 unspecified 'GCN4 LEUCINE ZIPPER MUTANT WITH THREE IXXNTXX MOTIFS COORDINATING CHLORIDE' 
PDB 2WQ3 unspecified 'GCN4 LEUCINE ZIPPER MUTANT WITH THREE IXXNTXX MOTIFS COORDINATING CHLORIDE AND NITRATE' 
PDB 2WPQ unspecified 'SALMONELLA ENTERICA SADA 479-519 FUSED TO GCN4 ADAPTORS (SADAK3, IN-REGISTER FUSION)' 
PDB 2WQ1 unspecified 'GCN4 LEUCINE ZIPPER MUTANT WITH THREE IXXNTXX MOTIFS COORDINATING BROMIDE' 
PDB 2WQ2 unspecified 'GCN4 LEUCINE ZIPPER MUTANT WITH THREE IXXNTXX MOTIFS COORDINATING IODIDE' 
PDB 2WPR unspecified 'SALMONELLA ENTERICA SADA 483-523 FUSED TO GCN4 ADAPTORS (SADAK3B-V1, OUT-OF-REGISTER FUSION)' 
# 
loop_
_audit_author.name 
_audit_author.pdbx_ordinal 
'Zeth, K.'              1 
'Hartmann, M.D.'        2 
'Albrecht, R.'          3 
'Lupas, A.N.'           4 
'Hernandez Alvarez, B.' 5 
# 
_citation.id                        primary 
_citation.title                     'A Coiled-Coil Motif that Sequesters Ions to the Hydrophobic Core.' 
_citation.journal_abbrev            Proc.Natl.Acad.Sci.USA 
_citation.journal_volume            106 
_citation.page_first                16950 
_citation.page_last                 ? 
_citation.year                      2009 
_citation.journal_id_ASTM           PNASA6 
_citation.country                   US 
_citation.journal_id_ISSN           0027-8424 
_citation.journal_id_CSD            0040 
_citation.book_publisher            ? 
_citation.pdbx_database_id_PubMed   19805097 
_citation.pdbx_database_id_DOI      10.1073/PNAS.0907256106 
# 
loop_
_citation_author.citation_id 
_citation_author.name 
_citation_author.ordinal 
_citation_author.identifier_ORCID 
primary 'Hartmann, M.D.'      1  ? 
primary 'Ridderbusch, O.'     2  ? 
primary 'Zeth, K.'            3  ? 
primary 'Albrecht, R.'        4  ? 
primary 'Testa, O.'           5  ? 
primary 'Woolfson, D.N.'      6  ? 
primary 'Sauer, G.'           7  ? 
primary 'Dunin-Horkawicz, S.' 8  ? 
primary 'Lupas, A.N.'         9  ? 
primary 'Alvarez, B.H.'       10 ? 
# 
loop_
_entity.id 
_entity.type 
_entity.src_method 
_entity.pdbx_description 
_entity.formula_weight 
_entity.pdbx_number_of_molecules 
_entity.pdbx_ec 
_entity.pdbx_mutation 
_entity.pdbx_fragment 
_entity.details 
1 polymer     syn 'GENERAL CONTROL PROTEIN GCN4' 4018.619 3   ? YES 'COILED-COIL DOMAIN, RESIDUES 249-281' 
'N-TERMINAL ACETYL GROUP' 
2 non-polymer syn 'CHLORIDE ION'                 35.453   2   ? ?   ?                                      ? 
3 water       nat water                          18.015   102 ? ?   ?                                      ? 
# 
_entity_name_com.entity_id   1 
_entity_name_com.name        'AMINO ACID BIOSYNTHESIS REGULATORY PROTEIN, GCN4 LEUCINE ZIPPER MUTANT' 
# 
_entity_poly.entity_id                      1 
_entity_poly.type                           'polypeptide(L)' 
_entity_poly.nstd_linkage                   no 
_entity_poly.nstd_monomer                   yes 
_entity_poly.pdbx_seq_one_letter_code       '(ACE)RMKQLEDKVEENLSKVYHNENEVARLKKLVGER' 
_entity_poly.pdbx_seq_one_letter_code_can   XRMKQLEDKVEENLSKVYHNENEVARLKKLVGER 
_entity_poly.pdbx_strand_id                 A,B,C 
_entity_poly.pdbx_target_identifier         ? 
# 
loop_
_pdbx_entity_nonpoly.entity_id 
_pdbx_entity_nonpoly.name 
_pdbx_entity_nonpoly.comp_id 
2 'CHLORIDE ION' CL  
3 water          HOH 
# 
loop_
_entity_poly_seq.entity_id 
_entity_poly_seq.num 
_entity_poly_seq.mon_id 
_entity_poly_seq.hetero 
1 1  ACE n 
1 2  ARG n 
1 3  MET n 
1 4  LYS n 
1 5  GLN n 
1 6  LEU n 
1 7  GLU n 
1 8  ASP n 
1 9  LYS n 
1 10 VAL n 
1 11 GLU n 
1 12 GLU n 
1 13 ASN n 
1 14 LEU n 
1 15 SER n 
1 16 LYS n 
1 17 VAL n 
1 18 TYR n 
1 19 HIS n 
1 20 ASN n 
1 21 GLU n 
1 22 ASN n 
1 23 GLU n 
1 24 VAL n 
1 25 ALA n 
1 26 ARG n 
1 27 LEU n 
1 28 LYS n 
1 29 LYS n 
1 30 LEU n 
1 31 VAL n 
1 32 GLY n 
1 33 GLU n 
1 34 ARG n 
# 
_pdbx_entity_src_syn.entity_id              1 
_pdbx_entity_src_syn.pdbx_src_id            1 
_pdbx_entity_src_syn.pdbx_alt_source_flag   sample 
_pdbx_entity_src_syn.pdbx_beg_seq_num       ? 
_pdbx_entity_src_syn.pdbx_end_seq_num       ? 
_pdbx_entity_src_syn.organism_scientific    'SACCHAROMYCES CEREVISIAE' 
_pdbx_entity_src_syn.organism_common_name   
;BAKER'S YEAST
;
_pdbx_entity_src_syn.ncbi_taxonomy_id       4932 
_pdbx_entity_src_syn.details                ? 
# 
loop_
_chem_comp.id 
_chem_comp.type 
_chem_comp.mon_nstd_flag 
_chem_comp.name 
_chem_comp.pdbx_synonyms 
_chem_comp.formula 
_chem_comp.formula_weight 
ACE non-polymer         . 'ACETYL GROUP'  ? 'C2 H4 O'        44.053  
ALA 'L-peptide linking' y ALANINE         ? 'C3 H7 N O2'     89.093  
ARG 'L-peptide linking' y ARGININE        ? 'C6 H15 N4 O2 1' 175.209 
ASN 'L-peptide linking' y ASPARAGINE      ? 'C4 H8 N2 O3'    132.118 
ASP 'L-peptide linking' y 'ASPARTIC ACID' ? 'C4 H7 N O4'     133.103 
CL  non-polymer         . 'CHLORIDE ION'  ? 'Cl -1'          35.453  
GLN 'L-peptide linking' y GLUTAMINE       ? 'C5 H10 N2 O3'   146.144 
GLU 'L-peptide linking' y 'GLUTAMIC ACID' ? 'C5 H9 N O4'     147.129 
GLY 'peptide linking'   y GLYCINE         ? 'C2 H5 N O2'     75.067  
HIS 'L-peptide linking' y HISTIDINE       ? 'C6 H10 N3 O2 1' 156.162 
HOH non-polymer         . WATER           ? 'H2 O'           18.015  
LEU 'L-peptide linking' y LEUCINE         ? 'C6 H13 N O2'    131.173 
LYS 'L-peptide linking' y LYSINE          ? 'C6 H15 N2 O2 1' 147.195 
MET 'L-peptide linking' y METHIONINE      ? 'C5 H11 N O2 S'  149.211 
SER 'L-peptide linking' y SERINE          ? 'C3 H7 N O3'     105.093 
TYR 'L-peptide linking' y TYROSINE        ? 'C9 H11 N O3'    181.189 
VAL 'L-peptide linking' y VALINE          ? 'C5 H11 N O2'    117.146 
# 
loop_
_pdbx_poly_seq_scheme.asym_id 
_pdbx_poly_seq_scheme.entity_id 
_pdbx_poly_seq_scheme.seq_id 
_pdbx_poly_seq_scheme.mon_id 
_pdbx_poly_seq_scheme.ndb_seq_num 
_pdbx_poly_seq_scheme.pdb_seq_num 
_pdbx_poly_seq_scheme.auth_seq_num 
_pdbx_poly_seq_scheme.pdb_mon_id 
_pdbx_poly_seq_scheme.auth_mon_id 
_pdbx_poly_seq_scheme.pdb_strand_id 
_pdbx_poly_seq_scheme.pdb_ins_code 
_pdbx_poly_seq_scheme.hetero 
A 1 1  ACE 1  0  0  ACE ACE A . n 
A 1 2  ARG 2  1  1  ARG ARG A . n 
A 1 3  MET 3  2  2  MET MET A . n 
A 1 4  LYS 4  3  3  LYS LYS A . n 
A 1 5  GLN 5  4  4  GLN GLN A . n 
A 1 6  LEU 6  5  5  LEU LEU A . n 
A 1 7  GLU 7  6  6  GLU GLU A . n 
A 1 8  ASP 8  7  7  ASP ASP A . n 
A 1 9  LYS 9  8  8  LYS LYS A . n 
A 1 10 VAL 10 9  9  VAL VAL A . n 
A 1 11 GLU 11 10 10 GLU GLU A . n 
A 1 12 GLU 12 11 11 GLU GLU A . n 
A 1 13 ASN 13 12 12 ASN ASN A . n 
A 1 14 LEU 14 13 13 LEU LEU A . n 
A 1 15 SER 15 14 14 SER SER A . n 
A 1 16 LYS 16 15 15 LYS LYS A . n 
A 1 17 VAL 17 16 16 VAL VAL A . n 
A 1 18 TYR 18 17 17 TYR TYR A . n 
A 1 19 HIS 19 18 18 HIS HIS A . n 
A 1 20 ASN 20 19 19 ASN ASN A . n 
A 1 21 GLU 21 20 20 GLU GLU A . n 
A 1 22 ASN 22 21 21 ASN ASN A . n 
A 1 23 GLU 23 22 22 GLU GLU A . n 
A 1 24 VAL 24 23 23 VAL VAL A . n 
A 1 25 ALA 25 24 24 ALA ALA A . n 
A 1 26 ARG 26 25 25 ARG ARG A . n 
A 1 27 LEU 27 26 26 LEU LEU A . n 
A 1 28 LYS 28 27 27 LYS LYS A . n 
A 1 29 LYS 29 28 28 LYS LYS A . n 
A 1 30 LEU 30 29 29 LEU LEU A . n 
A 1 31 VAL 31 30 30 VAL VAL A . n 
A 1 32 GLY 32 31 31 GLY GLY A . n 
A 1 33 GLU 33 32 ?  ?   ?   A . n 
A 1 34 ARG 34 33 ?  ?   ?   A . n 
B 1 1  ACE 1  0  0  ACE ACE B . n 
B 1 2  ARG 2  1  1  ARG ARG B . n 
B 1 3  MET 3  2  2  MET MET B . n 
B 1 4  LYS 4  3  3  LYS LYS B . n 
B 1 5  GLN 5  4  4  GLN GLN B . n 
B 1 6  LEU 6  5  5  LEU LEU B . n 
B 1 7  GLU 7  6  6  GLU GLU B . n 
B 1 8  ASP 8  7  7  ASP ASP B . n 
B 1 9  LYS 9  8  8  LYS LYS B . n 
B 1 10 VAL 10 9  9  VAL VAL B . n 
B 1 11 GLU 11 10 10 GLU GLU B . n 
B 1 12 GLU 12 11 11 GLU GLU B . n 
B 1 13 ASN 13 12 12 ASN ASN B . n 
B 1 14 LEU 14 13 13 LEU LEU B . n 
B 1 15 SER 15 14 14 SER SER B . n 
B 1 16 LYS 16 15 15 LYS LYS B . n 
B 1 17 VAL 17 16 16 VAL VAL B . n 
B 1 18 TYR 18 17 17 TYR TYR B . n 
B 1 19 HIS 19 18 18 HIS HIS B . n 
B 1 20 ASN 20 19 19 ASN ASN B . n 
B 1 21 GLU 21 20 20 GLU GLU B . n 
B 1 22 ASN 22 21 21 ASN ASN B . n 
B 1 23 GLU 23 22 22 GLU GLU B . n 
B 1 24 VAL 24 23 23 VAL VAL B . n 
B 1 25 ALA 25 24 24 ALA ALA B . n 
B 1 26 ARG 26 25 25 ARG ARG B . n 
B 1 27 LEU 27 26 26 LEU LEU B . n 
B 1 28 LYS 28 27 27 LYS LYS B . n 
B 1 29 LYS 29 28 28 LYS LYS B . n 
B 1 30 LEU 30 29 29 LEU LEU B . n 
B 1 31 VAL 31 30 30 VAL VAL B . n 
B 1 32 GLY 32 31 31 GLY GLY B . n 
B 1 33 GLU 33 32 32 GLU GLU B . n 
B 1 34 ARG 34 33 33 ARG ARG B . n 
C 1 1  ACE 1  0  0  ACE ACE C . n 
C 1 2  ARG 2  1  1  ARG ARG C . n 
C 1 3  MET 3  2  2  MET MET C . n 
C 1 4  LYS 4  3  3  LYS LYS C . n 
C 1 5  GLN 5  4  4  GLN GLN C . n 
C 1 6  LEU 6  5  5  LEU LEU C . n 
C 1 7  GLU 7  6  6  GLU GLU C . n 
C 1 8  ASP 8  7  7  ASP ASP C . n 
C 1 9  LYS 9  8  8  LYS LYS C . n 
C 1 10 VAL 10 9  9  VAL VAL C . n 
C 1 11 GLU 11 10 10 GLU GLU C . n 
C 1 12 GLU 12 11 11 GLU GLU C . n 
C 1 13 ASN 13 12 12 ASN ASN C . n 
C 1 14 LEU 14 13 13 LEU LEU C . n 
C 1 15 SER 15 14 14 SER SER C . n 
C 1 16 LYS 16 15 15 LYS LYS C . n 
C 1 17 VAL 17 16 16 VAL VAL C . n 
C 1 18 TYR 18 17 17 TYR TYR C . n 
C 1 19 HIS 19 18 18 HIS HIS C . n 
C 1 20 ASN 20 19 19 ASN ASN C . n 
C 1 21 GLU 21 20 20 GLU GLU C . n 
C 1 22 ASN 22 21 21 ASN ASN C . n 
C 1 23 GLU 23 22 22 GLU GLU C . n 
C 1 24 VAL 24 23 23 VAL VAL C . n 
C 1 25 ALA 25 24 24 ALA ALA C . n 
C 1 26 ARG 26 25 25 ARG ARG C . n 
C 1 27 LEU 27 26 26 LEU LEU C . n 
C 1 28 LYS 28 27 27 LYS LYS C . n 
C 1 29 LYS 29 28 28 LYS LYS C . n 
C 1 30 LEU 30 29 29 LEU LEU C . n 
C 1 31 VAL 31 30 30 VAL VAL C . n 
C 1 32 GLY 32 31 31 GLY GLY C . n 
C 1 33 GLU 33 32 32 GLU GLU C . n 
C 1 34 ARG 34 33 33 ARG ARG C . n 
# 
loop_
_pdbx_nonpoly_scheme.asym_id 
_pdbx_nonpoly_scheme.entity_id 
_pdbx_nonpoly_scheme.mon_id 
_pdbx_nonpoly_scheme.ndb_seq_num 
_pdbx_nonpoly_scheme.pdb_seq_num 
_pdbx_nonpoly_scheme.auth_seq_num 
_pdbx_nonpoly_scheme.pdb_mon_id 
_pdbx_nonpoly_scheme.auth_mon_id 
_pdbx_nonpoly_scheme.pdb_strand_id 
_pdbx_nonpoly_scheme.pdb_ins_code 
D 2 CL  1  1032 1032 CL  CL  A . 
E 2 CL  1  1033 1033 CL  CL  A . 
F 3 HOH 1  2001 2001 HOH HOH A . 
F 3 HOH 2  2002 2002 HOH HOH A . 
F 3 HOH 3  2003 2003 HOH HOH A . 
F 3 HOH 4  2004 2004 HOH HOH A . 
F 3 HOH 5  2005 2005 HOH HOH A . 
F 3 HOH 6  2006 2006 HOH HOH A . 
F 3 HOH 7  2007 2007 HOH HOH A . 
F 3 HOH 8  2008 2008 HOH HOH A . 
F 3 HOH 9  2009 2009 HOH HOH A . 
F 3 HOH 10 2010 2010 HOH HOH A . 
F 3 HOH 11 2011 2011 HOH HOH A . 
F 3 HOH 12 2012 2012 HOH HOH A . 
F 3 HOH 13 2013 2013 HOH HOH A . 
F 3 HOH 14 2014 2014 HOH HOH A . 
F 3 HOH 15 2015 2015 HOH HOH A . 
F 3 HOH 16 2016 2016 HOH HOH A . 
F 3 HOH 17 2017 2017 HOH HOH A . 
F 3 HOH 18 2018 2018 HOH HOH A . 
F 3 HOH 19 2019 2019 HOH HOH A . 
F 3 HOH 20 2020 2020 HOH HOH A . 
F 3 HOH 21 2021 2021 HOH HOH A . 
F 3 HOH 22 2022 2022 HOH HOH A . 
F 3 HOH 23 2023 2023 HOH HOH A . 
F 3 HOH 24 2024 2024 HOH HOH A . 
F 3 HOH 25 2025 2025 HOH HOH A . 
F 3 HOH 26 2026 2026 HOH HOH A . 
F 3 HOH 27 2027 2027 HOH HOH A . 
F 3 HOH 28 2028 2028 HOH HOH A . 
F 3 HOH 29 2029 2029 HOH HOH A . 
G 3 HOH 1  2001 2001 HOH HOH B . 
G 3 HOH 2  2002 2002 HOH HOH B . 
G 3 HOH 3  2003 2003 HOH HOH B . 
G 3 HOH 4  2004 2004 HOH HOH B . 
G 3 HOH 5  2005 2005 HOH HOH B . 
G 3 HOH 6  2006 2006 HOH HOH B . 
G 3 HOH 7  2007 2007 HOH HOH B . 
G 3 HOH 8  2008 2008 HOH HOH B . 
G 3 HOH 9  2009 2009 HOH HOH B . 
G 3 HOH 10 2010 2010 HOH HOH B . 
G 3 HOH 11 2011 2011 HOH HOH B . 
G 3 HOH 12 2012 2012 HOH HOH B . 
G 3 HOH 13 2013 2013 HOH HOH B . 
G 3 HOH 14 2014 2014 HOH HOH B . 
G 3 HOH 15 2015 2015 HOH HOH B . 
G 3 HOH 16 2016 2016 HOH HOH B . 
G 3 HOH 17 2017 2017 HOH HOH B . 
G 3 HOH 18 2018 2018 HOH HOH B . 
G 3 HOH 19 2019 2019 HOH HOH B . 
G 3 HOH 20 2020 2020 HOH HOH B . 
G 3 HOH 21 2021 2021 HOH HOH B . 
G 3 HOH 22 2022 2022 HOH HOH B . 
G 3 HOH 23 2023 2023 HOH HOH B . 
G 3 HOH 24 2024 2024 HOH HOH B . 
G 3 HOH 25 2025 2025 HOH HOH B . 
G 3 HOH 26 2026 2026 HOH HOH B . 
G 3 HOH 27 2027 2027 HOH HOH B . 
G 3 HOH 28 2028 2028 HOH HOH B . 
G 3 HOH 29 2029 2029 HOH HOH B . 
G 3 HOH 30 2030 2030 HOH HOH B . 
G 3 HOH 31 2031 2031 HOH HOH B . 
G 3 HOH 32 2032 2032 HOH HOH B . 
G 3 HOH 33 2033 2033 HOH HOH B . 
G 3 HOH 34 2034 2034 HOH HOH B . 
H 3 HOH 1  2001 2001 HOH HOH C . 
H 3 HOH 2  2002 2002 HOH HOH C . 
H 3 HOH 3  2003 2003 HOH HOH C . 
H 3 HOH 4  2004 2004 HOH HOH C . 
H 3 HOH 5  2005 2005 HOH HOH C . 
H 3 HOH 6  2006 2006 HOH HOH C . 
H 3 HOH 7  2007 2007 HOH HOH C . 
H 3 HOH 8  2008 2008 HOH HOH C . 
H 3 HOH 9  2009 2009 HOH HOH C . 
H 3 HOH 10 2010 2010 HOH HOH C . 
H 3 HOH 11 2011 2011 HOH HOH C . 
H 3 HOH 12 2012 2012 HOH HOH C . 
H 3 HOH 13 2013 2013 HOH HOH C . 
H 3 HOH 14 2014 2014 HOH HOH C . 
H 3 HOH 15 2015 2015 HOH HOH C . 
H 3 HOH 16 2016 2016 HOH HOH C . 
H 3 HOH 17 2017 2017 HOH HOH C . 
H 3 HOH 18 2018 2018 HOH HOH C . 
H 3 HOH 19 2019 2019 HOH HOH C . 
H 3 HOH 20 2020 2020 HOH HOH C . 
H 3 HOH 21 2021 2021 HOH HOH C . 
H 3 HOH 22 2022 2022 HOH HOH C . 
H 3 HOH 23 2023 2023 HOH HOH C . 
H 3 HOH 24 2024 2024 HOH HOH C . 
H 3 HOH 25 2025 2025 HOH HOH C . 
H 3 HOH 26 2026 2026 HOH HOH C . 
H 3 HOH 27 2027 2027 HOH HOH C . 
H 3 HOH 28 2028 2028 HOH HOH C . 
H 3 HOH 29 2029 2029 HOH HOH C . 
H 3 HOH 30 2030 2030 HOH HOH C . 
H 3 HOH 31 2031 2031 HOH HOH C . 
H 3 HOH 32 2032 2032 HOH HOH C . 
H 3 HOH 33 2033 2033 HOH HOH C . 
H 3 HOH 34 2034 2034 HOH HOH C . 
H 3 HOH 35 2035 2035 HOH HOH C . 
H 3 HOH 36 2036 2036 HOH HOH C . 
H 3 HOH 37 2037 2037 HOH HOH C . 
H 3 HOH 38 2038 2038 HOH HOH C . 
H 3 HOH 39 2039 2039 HOH HOH C . 
# 
loop_
_pdbx_unobs_or_zero_occ_atoms.id 
_pdbx_unobs_or_zero_occ_atoms.PDB_model_num 
_pdbx_unobs_or_zero_occ_atoms.polymer_flag 
_pdbx_unobs_or_zero_occ_atoms.occupancy_flag 
_pdbx_unobs_or_zero_occ_atoms.auth_asym_id 
_pdbx_unobs_or_zero_occ_atoms.auth_comp_id 
_pdbx_unobs_or_zero_occ_atoms.auth_seq_id 
_pdbx_unobs_or_zero_occ_atoms.PDB_ins_code 
_pdbx_unobs_or_zero_occ_atoms.auth_atom_id 
_pdbx_unobs_or_zero_occ_atoms.label_alt_id 
_pdbx_unobs_or_zero_occ_atoms.label_asym_id 
_pdbx_unobs_or_zero_occ_atoms.label_comp_id 
_pdbx_unobs_or_zero_occ_atoms.label_seq_id 
_pdbx_unobs_or_zero_occ_atoms.label_atom_id 
1  1 Y 1 B GLU 32 ? CG  ? B GLU 33 CG  
2  1 Y 1 B GLU 32 ? CD  ? B GLU 33 CD  
3  1 Y 1 B GLU 32 ? OE1 ? B GLU 33 OE1 
4  1 Y 1 B GLU 32 ? OE2 ? B GLU 33 OE2 
5  1 Y 1 B ARG 33 ? N   ? B ARG 34 N   
6  1 Y 1 B ARG 33 ? CA  ? B ARG 34 CA  
7  1 Y 1 B ARG 33 ? C   ? B ARG 34 C   
8  1 Y 1 B ARG 33 ? O   ? B ARG 34 O   
9  1 Y 1 B ARG 33 ? CB  ? B ARG 34 CB  
10 1 Y 1 B ARG 33 ? CG  ? B ARG 34 CG  
# 
loop_
_software.name 
_software.classification 
_software.version 
_software.citation_id 
_software.pdbx_ordinal 
REFMAC refinement       5.2.0019 ? 1 
XDS    'data reduction' .        ? 2 
XSCALE 'data scaling'   .        ? 3 
MOLREP phasing          .        ? 4 
# 
_cell.entry_id           2WPZ 
_cell.length_a           25.380 
_cell.length_b           25.440 
_cell.length_c           33.700 
_cell.angle_alpha        83.98 
_cell.angle_beta         84.86 
_cell.angle_gamma        78.55 
_cell.Z_PDB              3 
_cell.pdbx_unique_axis   ? 
# 
_symmetry.entry_id                         2WPZ 
_symmetry.space_group_name_H-M             'P 1' 
_symmetry.pdbx_full_space_group_name_H-M   ? 
_symmetry.cell_setting                     ? 
_symmetry.Int_Tables_number                1 
# 
_exptl.entry_id          2WPZ 
_exptl.method            'X-RAY DIFFRACTION' 
_exptl.crystals_number   1 
# 
_exptl_crystal.id                    1 
_exptl_crystal.density_meas          ? 
_exptl_crystal.density_Matthews      1.9 
_exptl_crystal.density_percent_sol   35 
_exptl_crystal.description           NONE 
# 
_exptl_crystal_grow.crystal_id      1 
_exptl_crystal_grow.method          ? 
_exptl_crystal_grow.temp            ? 
_exptl_crystal_grow.temp_details    ? 
_exptl_crystal_grow.pH              ? 
_exptl_crystal_grow.pdbx_pH_range   ? 
_exptl_crystal_grow.pdbx_details    '30% PEG 4000, 200 MM NA-ACETATE, 0.1 M TRIS, PH 8.5' 
# 
_diffrn.id                     1 
_diffrn.ambient_temp           100 
_diffrn.ambient_temp_details   ? 
_diffrn.crystal_id             1 
# 
_diffrn_detector.diffrn_id              1 
_diffrn_detector.detector               CCD 
_diffrn_detector.type                   MARRESEARCH 
_diffrn_detector.pdbx_collection_date   ? 
_diffrn_detector.details                ? 
# 
_diffrn_radiation.diffrn_id                        1 
_diffrn_radiation.wavelength_id                    1 
_diffrn_radiation.pdbx_monochromatic_or_laue_m_l   M 
_diffrn_radiation.monochromator                    ? 
_diffrn_radiation.pdbx_diffrn_protocol             'SINGLE WAVELENGTH' 
_diffrn_radiation.pdbx_scattering_type             x-ray 
# 
_diffrn_radiation_wavelength.id           1 
_diffrn_radiation_wavelength.wavelength   1.009 
_diffrn_radiation_wavelength.wt           1.0 
# 
_diffrn_source.diffrn_id                   1 
_diffrn_source.source                      SYNCHROTRON 
_diffrn_source.type                        'SLS BEAMLINE X10SA' 
_diffrn_source.pdbx_synchrotron_site       SLS 
_diffrn_source.pdbx_synchrotron_beamline   X10SA 
_diffrn_source.pdbx_wavelength             1.009 
_diffrn_source.pdbx_wavelength_list        ? 
# 
_reflns.pdbx_diffrn_id               1 
_reflns.pdbx_ordinal                 1 
_reflns.entry_id                     2WPZ 
_reflns.observed_criterion_sigma_I   0.0 
_reflns.observed_criterion_sigma_F   ? 
_reflns.d_resolution_low             40.00 
_reflns.d_resolution_high            1.25 
_reflns.number_obs                   20616 
_reflns.number_all                   ? 
_reflns.percent_possible_obs         91.1 
_reflns.pdbx_Rmerge_I_obs            0.04 
_reflns.pdbx_Rsym_value              ? 
_reflns.pdbx_netI_over_sigmaI        10.80 
_reflns.B_iso_Wilson_estimate        17.3 
_reflns.pdbx_redundancy              2.0 
# 
_reflns_shell.pdbx_diffrn_id         1 
_reflns_shell.pdbx_ordinal           1 
_reflns_shell.d_res_high             1.25 
_reflns_shell.d_res_low              1.33 
_reflns_shell.percent_possible_all   87.4 
_reflns_shell.Rmerge_I_obs           0.47 
_reflns_shell.pdbx_Rsym_value        ? 
_reflns_shell.meanI_over_sigI_obs    1.85 
_reflns_shell.pdbx_redundancy        1.98 
# 
_refine.pdbx_refine_id                           'X-RAY DIFFRACTION' 
_refine.entry_id                                 2WPZ 
_refine.pdbx_diffrn_id                           1 
_refine.pdbx_TLS_residual_ADP_flag               ? 
_refine.ls_number_reflns_obs                     19310 
_refine.ls_number_reflns_all                     ? 
_refine.pdbx_ls_sigma_I                          ? 
_refine.pdbx_ls_sigma_F                          . 
_refine.pdbx_data_cutoff_high_absF               ? 
_refine.pdbx_data_cutoff_low_absF                ? 
_refine.pdbx_data_cutoff_high_rms_absF           ? 
_refine.ls_d_res_low                             19.51 
_refine.ls_d_res_high                            1.25 
_refine.ls_percent_reflns_obs                    100.00 
_refine.ls_R_factor_obs                          0.18126 
_refine.ls_R_factor_all                          ? 
_refine.ls_R_factor_R_work                       0.17807 
_refine.ls_R_factor_R_free                       0.22339 
_refine.ls_R_factor_R_free_error                 ? 
_refine.ls_R_factor_R_free_error_details         ? 
_refine.ls_percent_reflns_R_free                 7.0 
_refine.ls_number_reflns_R_free                  1453 
_refine.ls_number_parameters                     ? 
_refine.ls_number_restraints                     ? 
_refine.occupancy_min                            ? 
_refine.occupancy_max                            ? 
_refine.correlation_coeff_Fo_to_Fc               0.969 
_refine.correlation_coeff_Fo_to_Fc_free          0.953 
_refine.B_iso_mean                               14.911 
_refine.aniso_B[1][1]                            0.07 
_refine.aniso_B[2][2]                            -0.06 
_refine.aniso_B[3][3]                            -0.03 
_refine.aniso_B[1][2]                            0.04 
_refine.aniso_B[1][3]                            0.37 
_refine.aniso_B[2][3]                            -0.30 
_refine.solvent_model_details                    'BABINET MODEL WITH MASK' 
_refine.solvent_model_param_ksol                 ? 
_refine.solvent_model_param_bsol                 ? 
_refine.pdbx_solvent_vdw_probe_radii             1.20 
_refine.pdbx_solvent_ion_probe_radii             0.80 
_refine.pdbx_solvent_shrinkage_radii             0.80 
_refine.pdbx_ls_cross_valid_method               THROUGHOUT 
_refine.details                                  'HYDROGENS HAVE BEEN ADDED IN THE RIDING POSITIONS.' 
_refine.pdbx_starting_model                      'PDB ENTRY 1GCM' 
_refine.pdbx_method_to_determine_struct          'MOLECULAR REPLACEMENT' 
_refine.pdbx_isotropic_thermal_model             ? 
_refine.pdbx_stereochemistry_target_values       'MAXIMUM LIKELIHOOD' 
_refine.pdbx_stereochem_target_val_spec_case     ? 
_refine.pdbx_R_Free_selection_details            RANDOM 
_refine.pdbx_overall_ESU_R                       0.067 
_refine.pdbx_overall_ESU_R_Free                  0.064 
_refine.overall_SU_ML                            0.049 
_refine.pdbx_overall_phase_error                 ? 
_refine.overall_SU_B                             2.472 
_refine.overall_SU_R_Cruickshank_DPI             ? 
_refine.pdbx_overall_SU_R_free_Cruickshank_DPI   ? 
_refine.pdbx_overall_SU_R_Blow_DPI               ? 
_refine.pdbx_overall_SU_R_free_Blow_DPI          ? 
# 
_refine_hist.pdbx_refine_id                   'X-RAY DIFFRACTION' 
_refine_hist.cycle_id                         LAST 
_refine_hist.pdbx_number_atoms_protein        814 
_refine_hist.pdbx_number_atoms_nucleic_acid   0 
_refine_hist.pdbx_number_atoms_ligand         2 
_refine_hist.number_atoms_solvent             102 
_refine_hist.number_atoms_total               918 
_refine_hist.d_res_high                       1.25 
_refine_hist.d_res_low                        19.51 
# 
loop_
_refine_ls_restr.type 
_refine_ls_restr.dev_ideal 
_refine_ls_restr.dev_ideal_target 
_refine_ls_restr.weight 
_refine_ls_restr.number 
_refine_ls_restr.pdbx_refine_id 
_refine_ls_restr.pdbx_restraint_function 
r_bond_refined_d             0.012  0.022  ? 856  'X-RAY DIFFRACTION' ? 
r_bond_other_d               0.002  0.020  ? 627  'X-RAY DIFFRACTION' ? 
r_angle_refined_deg          1.369  1.995  ? 1136 'X-RAY DIFFRACTION' ? 
r_angle_other_deg            1.325  3.000  ? 1548 'X-RAY DIFFRACTION' ? 
r_dihedral_angle_1_deg       4.215  5.000  ? 93   'X-RAY DIFFRACTION' ? 
r_dihedral_angle_2_deg       36.243 25.833 ? 48   'X-RAY DIFFRACTION' ? 
r_dihedral_angle_3_deg       15.699 15.000 ? 205  'X-RAY DIFFRACTION' ? 
r_dihedral_angle_4_deg       14.903 15.000 ? 7    'X-RAY DIFFRACTION' ? 
r_chiral_restr               0.090  0.200  ? 129  'X-RAY DIFFRACTION' ? 
r_gen_planes_refined         0.005  0.020  ? 877  'X-RAY DIFFRACTION' ? 
r_gen_planes_other           0.001  0.020  ? 143  'X-RAY DIFFRACTION' ? 
r_nbd_refined                0.220  0.200  ? 216  'X-RAY DIFFRACTION' ? 
r_nbd_other                  0.185  0.200  ? 569  'X-RAY DIFFRACTION' ? 
r_nbtor_refined              0.178  0.200  ? 399  'X-RAY DIFFRACTION' ? 
r_nbtor_other                0.077  0.200  ? 491  'X-RAY DIFFRACTION' ? 
r_xyhbond_nbd_refined        0.194  0.200  ? 71   'X-RAY DIFFRACTION' ? 
r_xyhbond_nbd_other          ?      ?      ? ?    'X-RAY DIFFRACTION' ? 
r_metal_ion_refined          ?      ?      ? ?    'X-RAY DIFFRACTION' ? 
r_metal_ion_other            ?      ?      ? ?    'X-RAY DIFFRACTION' ? 
r_symmetry_vdw_refined       0.192  0.200  ? 23   'X-RAY DIFFRACTION' ? 
r_symmetry_vdw_other         0.288  0.200  ? 66   'X-RAY DIFFRACTION' ? 
r_symmetry_hbond_refined     0.153  0.200  ? 16   'X-RAY DIFFRACTION' ? 
r_symmetry_hbond_other       ?      ?      ? ?    'X-RAY DIFFRACTION' ? 
r_symmetry_metal_ion_refined ?      ?      ? ?    'X-RAY DIFFRACTION' ? 
r_symmetry_metal_ion_other   ?      ?      ? ?    'X-RAY DIFFRACTION' ? 
r_mcbond_it                  4.414  12.000 ? 515  'X-RAY DIFFRACTION' ? 
r_mcbond_other               1.828  12.000 ? 195  'X-RAY DIFFRACTION' ? 
r_mcangle_it                 5.175  18.000 ? 804  'X-RAY DIFFRACTION' ? 
r_mcangle_other              ?      ?      ? ?    'X-RAY DIFFRACTION' ? 
r_scbond_it                  6.184  24.000 ? 374  'X-RAY DIFFRACTION' ? 
r_scbond_other               ?      ?      ? ?    'X-RAY DIFFRACTION' ? 
r_scangle_it                 9.061  36.000 ? 332  'X-RAY DIFFRACTION' ? 
r_scangle_other              ?      ?      ? ?    'X-RAY DIFFRACTION' ? 
r_long_range_B_refined       ?      ?      ? ?    'X-RAY DIFFRACTION' ? 
r_long_range_B_other         ?      ?      ? ?    'X-RAY DIFFRACTION' ? 
r_rigid_bond_restr           2.776  3.000  ? 889  'X-RAY DIFFRACTION' ? 
r_sphericity_free            2.488  3.000  ? 2    'X-RAY DIFFRACTION' ? 
r_sphericity_bonded          5.383  3.000  ? 854  'X-RAY DIFFRACTION' ? 
# 
_refine_ls_shell.pdbx_refine_id                   'X-RAY DIFFRACTION' 
_refine_ls_shell.pdbx_total_number_of_bins_used   20 
_refine_ls_shell.d_res_high                       1.250 
_refine_ls_shell.d_res_low                        1.282 
_refine_ls_shell.number_reflns_R_work             1383 
_refine_ls_shell.R_factor_R_work                  0.316 
_refine_ls_shell.percent_reflns_obs               100.00 
_refine_ls_shell.R_factor_R_free                  0.339 
_refine_ls_shell.R_factor_R_free_error            ? 
_refine_ls_shell.percent_reflns_R_free            ? 
_refine_ls_shell.number_reflns_R_free             104 
_refine_ls_shell.number_reflns_all                ? 
_refine_ls_shell.R_factor_all                     ? 
# 
_struct.entry_id                  2WPZ 
_struct.title                     'GCN4 leucine zipper mutant with two VxxNxxx motifs coordinating chloride' 
_struct.pdbx_model_details        ? 
_struct.pdbx_CASP_flag            ? 
_struct.pdbx_model_type_details   ? 
# 
_struct_keywords.entry_id        2WPZ 
_struct_keywords.pdbx_keywords   TRANSCRIPTION 
_struct_keywords.text            
;AMINO-ACID BIOSYNTHESIS, TRANSCRIPTION REGULATION, ION COORDINATION, POLAR CORE RESIDUES, TRANSCRIPTION, PROTEIN EXPORT, PHOSPHOPROTEIN, TAA, NUCLEUS, ACTIVATOR, COILED COIL, DNA-BINDING, TRIMERIC AUTOTRANSPORTER ADHESIN
;
# 
loop_
_struct_asym.id 
_struct_asym.pdbx_blank_PDB_chainid_flag 
_struct_asym.pdbx_modified 
_struct_asym.entity_id 
_struct_asym.details 
A N N 1 ? 
B N N 1 ? 
C N N 1 ? 
D N N 2 ? 
E N N 2 ? 
F N N 3 ? 
G N N 3 ? 
H N N 3 ? 
# 
loop_
_struct_ref.id 
_struct_ref.db_name 
_struct_ref.db_code 
_struct_ref.entity_id 
_struct_ref.pdbx_seq_one_letter_code 
_struct_ref.pdbx_align_begin 
_struct_ref.pdbx_db_accession 
_struct_ref.pdbx_db_isoform 
1 PDB 2WPZ       1 ? ? 2WPZ   ? 
2 UNP GCN4_YEAST 1 ? ? P03069 ? 
# 
loop_
_struct_ref_seq.align_id 
_struct_ref_seq.ref_id 
_struct_ref_seq.pdbx_PDB_id_code 
_struct_ref_seq.pdbx_strand_id 
_struct_ref_seq.seq_align_beg 
_struct_ref_seq.pdbx_seq_align_beg_ins_code 
_struct_ref_seq.seq_align_end 
_struct_ref_seq.pdbx_seq_align_end_ins_code 
_struct_ref_seq.pdbx_db_accession 
_struct_ref_seq.db_align_beg 
_struct_ref_seq.pdbx_db_align_beg_ins_code 
_struct_ref_seq.db_align_end 
_struct_ref_seq.pdbx_db_align_end_ins_code 
_struct_ref_seq.pdbx_auth_seq_align_beg 
_struct_ref_seq.pdbx_auth_seq_align_end 
1 1 2WPZ A 1 ? 1  ? 2WPZ   0   ? 0   ? 0 0  
2 2 2WPZ A 2 ? 34 ? P03069 249 ? 281 ? 1 33 
3 1 2WPZ B 1 ? 1  ? 2WPZ   0   ? 0   ? 0 0  
4 2 2WPZ B 2 ? 34 ? P03069 249 ? 281 ? 1 33 
5 1 2WPZ C 1 ? 1  ? 2WPZ   0   ? 0   ? 0 0  
6 2 2WPZ C 2 ? 34 ? P03069 249 ? 281 ? 1 33 
# 
loop_
_struct_ref_seq_dif.align_id 
_struct_ref_seq_dif.pdbx_pdb_id_code 
_struct_ref_seq_dif.mon_id 
_struct_ref_seq_dif.pdbx_pdb_strand_id 
_struct_ref_seq_dif.seq_num 
_struct_ref_seq_dif.pdbx_pdb_ins_code 
_struct_ref_seq_dif.pdbx_seq_db_name 
_struct_ref_seq_dif.pdbx_seq_db_accession_code 
_struct_ref_seq_dif.db_mon_id 
_struct_ref_seq_dif.pdbx_seq_db_seq_num 
_struct_ref_seq_dif.details 
_struct_ref_seq_dif.pdbx_auth_seq_num 
_struct_ref_seq_dif.pdbx_ordinal 
1 2WPZ ASN A 13 ? UNP P03069 LEU 260 'engineered mutation' 12 1 
1 2WPZ VAL A 17 ? UNP P03069 ASN 264 'engineered mutation' 16 2 
1 2WPZ ASN A 20 ? UNP P03069 LEU 267 'engineered mutation' 19 3 
3 2WPZ ASN B 13 ? UNP P03069 LEU 260 'engineered mutation' 12 4 
3 2WPZ VAL B 17 ? UNP P03069 ASN 264 'engineered mutation' 16 5 
3 2WPZ ASN B 20 ? UNP P03069 LEU 267 'engineered mutation' 19 6 
5 2WPZ ASN C 13 ? UNP P03069 LEU 260 'engineered mutation' 12 7 
5 2WPZ VAL C 17 ? UNP P03069 ASN 264 'engineered mutation' 16 8 
5 2WPZ ASN C 20 ? UNP P03069 LEU 267 'engineered mutation' 19 9 
# 
_pdbx_struct_assembly.id                   1 
_pdbx_struct_assembly.details              author_and_software_defined_assembly 
_pdbx_struct_assembly.method_details       PISA 
_pdbx_struct_assembly.oligomeric_details   trimeric 
_pdbx_struct_assembly.oligomeric_count     3 
# 
loop_
_pdbx_struct_assembly_prop.biol_id 
_pdbx_struct_assembly_prop.type 
_pdbx_struct_assembly_prop.value 
_pdbx_struct_assembly_prop.details 
1 'ABSA (A^2)' 4400   ? 
1 MORE         -44.87 ? 
1 'SSA (A^2)'  7050   ? 
# 
_pdbx_struct_assembly_gen.assembly_id       1 
_pdbx_struct_assembly_gen.oper_expression   1 
_pdbx_struct_assembly_gen.asym_id_list      A,B,C,D,E,F,G,H 
# 
_pdbx_struct_oper_list.id                   1 
_pdbx_struct_oper_list.type                 'identity operation' 
_pdbx_struct_oper_list.name                 1_555 
_pdbx_struct_oper_list.symmetry_operation   x,y,z 
_pdbx_struct_oper_list.matrix[1][1]         1.0000000000 
_pdbx_struct_oper_list.matrix[1][2]         0.0000000000 
_pdbx_struct_oper_list.matrix[1][3]         0.0000000000 
_pdbx_struct_oper_list.vector[1]            0.0000000000 
_pdbx_struct_oper_list.matrix[2][1]         0.0000000000 
_pdbx_struct_oper_list.matrix[2][2]         1.0000000000 
_pdbx_struct_oper_list.matrix[2][3]         0.0000000000 
_pdbx_struct_oper_list.vector[2]            0.0000000000 
_pdbx_struct_oper_list.matrix[3][1]         0.0000000000 
_pdbx_struct_oper_list.matrix[3][2]         0.0000000000 
_pdbx_struct_oper_list.matrix[3][3]         1.0000000000 
_pdbx_struct_oper_list.vector[3]            0.0000000000 
# 
_struct_biol.id   1 
# 
loop_
_struct_conf.conf_type_id 
_struct_conf.id 
_struct_conf.pdbx_PDB_helix_id 
_struct_conf.beg_label_comp_id 
_struct_conf.beg_label_asym_id 
_struct_conf.beg_label_seq_id 
_struct_conf.pdbx_beg_PDB_ins_code 
_struct_conf.end_label_comp_id 
_struct_conf.end_label_asym_id 
_struct_conf.end_label_seq_id 
_struct_conf.pdbx_end_PDB_ins_code 
_struct_conf.beg_auth_comp_id 
_struct_conf.beg_auth_asym_id 
_struct_conf.beg_auth_seq_id 
_struct_conf.end_auth_comp_id 
_struct_conf.end_auth_asym_id 
_struct_conf.end_auth_seq_id 
_struct_conf.pdbx_PDB_helix_class 
_struct_conf.details 
_struct_conf.pdbx_PDB_helix_length 
HELX_P HELX_P1 1 ARG A 2 ? VAL A 31 ? ARG A 1 VAL A 30 1 ? 30 
HELX_P HELX_P2 2 ARG B 2 ? VAL B 31 ? ARG B 1 VAL B 30 1 ? 30 
HELX_P HELX_P3 3 ARG C 2 ? VAL C 31 ? ARG C 1 VAL C 30 1 ? 30 
# 
_struct_conf_type.id          HELX_P 
_struct_conf_type.criteria    ? 
_struct_conf_type.reference   ? 
# 
loop_
_struct_conn.id 
_struct_conn.conn_type_id 
_struct_conn.pdbx_leaving_atom_flag 
_struct_conn.pdbx_PDB_id 
_struct_conn.ptnr1_label_asym_id 
_struct_conn.ptnr1_label_comp_id 
_struct_conn.ptnr1_label_seq_id 
_struct_conn.ptnr1_label_atom_id 
_struct_conn.pdbx_ptnr1_label_alt_id 
_struct_conn.pdbx_ptnr1_PDB_ins_code 
_struct_conn.pdbx_ptnr1_standard_comp_id 
_struct_conn.ptnr1_symmetry 
_struct_conn.ptnr2_label_asym_id 
_struct_conn.ptnr2_label_comp_id 
_struct_conn.ptnr2_label_seq_id 
_struct_conn.ptnr2_label_atom_id 
_struct_conn.pdbx_ptnr2_label_alt_id 
_struct_conn.pdbx_ptnr2_PDB_ins_code 
_struct_conn.ptnr1_auth_asym_id 
_struct_conn.ptnr1_auth_comp_id 
_struct_conn.ptnr1_auth_seq_id 
_struct_conn.ptnr2_auth_asym_id 
_struct_conn.ptnr2_auth_comp_id 
_struct_conn.ptnr2_auth_seq_id 
_struct_conn.ptnr2_symmetry 
_struct_conn.pdbx_ptnr3_label_atom_id 
_struct_conn.pdbx_ptnr3_label_seq_id 
_struct_conn.pdbx_ptnr3_label_comp_id 
_struct_conn.pdbx_ptnr3_label_asym_id 
_struct_conn.pdbx_ptnr3_label_alt_id 
_struct_conn.pdbx_ptnr3_PDB_ins_code 
_struct_conn.details 
_struct_conn.pdbx_dist_value 
_struct_conn.pdbx_value_order 
_struct_conn.pdbx_role 
covale1 covale both ? A ACE 1 C ? ? ? 1_555 A ARG 2 N ? ? A ACE 0 A ARG 1 1_555 ? ? ? ? ? ? ? 1.314 ? ? 
covale2 covale both ? B ACE 1 C ? ? ? 1_555 B ARG 2 N ? ? B ACE 0 B ARG 1 1_555 ? ? ? ? ? ? ? 1.322 ? ? 
covale3 covale both ? C ACE 1 C ? ? ? 1_555 C ARG 2 N ? ? C ACE 0 C ARG 1 1_555 ? ? ? ? ? ? ? 1.319 ? ? 
# 
_struct_conn_type.id          covale 
_struct_conn_type.criteria    ? 
_struct_conn_type.reference   ? 
# 
loop_
_pdbx_modification_feature.ordinal 
_pdbx_modification_feature.label_comp_id 
_pdbx_modification_feature.label_asym_id 
_pdbx_modification_feature.label_seq_id 
_pdbx_modification_feature.label_alt_id 
_pdbx_modification_feature.modified_residue_label_comp_id 
_pdbx_modification_feature.modified_residue_label_asym_id 
_pdbx_modification_feature.modified_residue_label_seq_id 
_pdbx_modification_feature.modified_residue_label_alt_id 
_pdbx_modification_feature.auth_comp_id 
_pdbx_modification_feature.auth_asym_id 
_pdbx_modification_feature.auth_seq_id 
_pdbx_modification_feature.PDB_ins_code 
_pdbx_modification_feature.symmetry 
_pdbx_modification_feature.modified_residue_auth_comp_id 
_pdbx_modification_feature.modified_residue_auth_asym_id 
_pdbx_modification_feature.modified_residue_auth_seq_id 
_pdbx_modification_feature.modified_residue_PDB_ins_code 
_pdbx_modification_feature.modified_residue_symmetry 
_pdbx_modification_feature.comp_id_linking_atom 
_pdbx_modification_feature.modified_residue_id_linking_atom 
_pdbx_modification_feature.modified_residue_id 
_pdbx_modification_feature.ref_pcm_id 
_pdbx_modification_feature.ref_comp_id 
_pdbx_modification_feature.type 
_pdbx_modification_feature.category 
1 ACE A 1 ? ARG A 2 ? ACE A 0 ? 1_555 ARG A 1 ? 1_555 . . ARG 8 ACE None 'Terminal acetylation' 
2 ACE B 1 ? ARG B 2 ? ACE B 0 ? 1_555 ARG B 1 ? 1_555 . . ARG 8 ACE None 'Terminal acetylation' 
3 ACE C 1 ? ARG C 2 ? ACE C 0 ? 1_555 ARG C 1 ? 1_555 . . ARG 8 ACE None 'Terminal acetylation' 
# 
loop_
_struct_site.id 
_struct_site.pdbx_evidence_code 
_struct_site.pdbx_auth_asym_id 
_struct_site.pdbx_auth_comp_id 
_struct_site.pdbx_auth_seq_id 
_struct_site.pdbx_auth_ins_code 
_struct_site.pdbx_num_residues 
_struct_site.details 
AC1 Software A CL 1032 ? 3 'BINDING SITE FOR RESIDUE CL A 1032' 
AC2 Software A CL 1033 ? 4 'BINDING SITE FOR RESIDUE CL A 1033' 
# 
loop_
_struct_site_gen.id 
_struct_site_gen.site_id 
_struct_site_gen.pdbx_num_res 
_struct_site_gen.label_comp_id 
_struct_site_gen.label_asym_id 
_struct_site_gen.label_seq_id 
_struct_site_gen.pdbx_auth_ins_code 
_struct_site_gen.auth_comp_id 
_struct_site_gen.auth_asym_id 
_struct_site_gen.auth_seq_id 
_struct_site_gen.label_atom_id 
_struct_site_gen.label_alt_id 
_struct_site_gen.symmetry 
_struct_site_gen.details 
1 AC1 3 ASN A 13 ? ASN A 12 . ? 1_555 ? 
2 AC1 3 ASN B 13 ? ASN B 12 . ? 1_555 ? 
3 AC1 3 ASN C 13 ? ASN C 12 . ? 1_555 ? 
4 AC2 4 ASN A 20 ? ASN A 19 . ? 1_555 ? 
5 AC2 4 VAL B 17 ? VAL B 16 . ? 1_555 ? 
6 AC2 4 ASN B 20 ? ASN B 19 . ? 1_555 ? 
7 AC2 4 ASN C 20 ? ASN C 19 . ? 1_555 ? 
# 
_pdbx_entry_details.entry_id                   2WPZ 
_pdbx_entry_details.compound_details           
;ENGINEERED RESIDUE IN CHAIN A, LEU 260 TO ASN
ENGINEERED RESIDUE IN CHAIN A, ASN 264 TO VAL
ENGINEERED RESIDUE IN CHAIN A, LEU 267 TO ASN
ENGINEERED RESIDUE IN CHAIN B, LEU 260 TO ASN
ENGINEERED RESIDUE IN CHAIN B, ASN 264 TO VAL
ENGINEERED RESIDUE IN CHAIN B, LEU 267 TO ASN
ENGINEERED RESIDUE IN CHAIN C, LEU 260 TO ASN
ENGINEERED RESIDUE IN CHAIN C, ASN 264 TO VAL
ENGINEERED RESIDUE IN CHAIN C, LEU 267 TO ASN
;
_pdbx_entry_details.source_details             ? 
_pdbx_entry_details.nonpolymer_details         ? 
_pdbx_entry_details.sequence_details           ? 
_pdbx_entry_details.has_ligand_of_interest     ? 
_pdbx_entry_details.has_protein_modification   Y 
# 
loop_
_pdbx_unobs_or_zero_occ_residues.id 
_pdbx_unobs_or_zero_occ_residues.PDB_model_num 
_pdbx_unobs_or_zero_occ_residues.polymer_flag 
_pdbx_unobs_or_zero_occ_residues.occupancy_flag 
_pdbx_unobs_or_zero_occ_residues.auth_asym_id 
_pdbx_unobs_or_zero_occ_residues.auth_comp_id 
_pdbx_unobs_or_zero_occ_residues.auth_seq_id 
_pdbx_unobs_or_zero_occ_residues.PDB_ins_code 
_pdbx_unobs_or_zero_occ_residues.label_asym_id 
_pdbx_unobs_or_zero_occ_residues.label_comp_id 
_pdbx_unobs_or_zero_occ_residues.label_seq_id 
1 1 Y 1 A GLU 32 ? A GLU 33 
2 1 Y 1 A ARG 33 ? A ARG 34 
# 
loop_
_chem_comp_atom.comp_id 
_chem_comp_atom.atom_id 
_chem_comp_atom.type_symbol 
_chem_comp_atom.pdbx_aromatic_flag 
_chem_comp_atom.pdbx_stereo_config 
_chem_comp_atom.pdbx_ordinal 
ACE C    C  N N 1   
ACE O    O  N N 2   
ACE CH3  C  N N 3   
ACE H    H  N N 4   
ACE H1   H  N N 5   
ACE H2   H  N N 6   
ACE H3   H  N N 7   
ALA N    N  N N 8   
ALA CA   C  N S 9   
ALA C    C  N N 10  
ALA O    O  N N 11  
ALA CB   C  N N 12  
ALA OXT  O  N N 13  
ALA H    H  N N 14  
ALA H2   H  N N 15  
ALA HA   H  N N 16  
ALA HB1  H  N N 17  
ALA HB2  H  N N 18  
ALA HB3  H  N N 19  
ALA HXT  H  N N 20  
ARG N    N  N N 21  
ARG CA   C  N S 22  
ARG C    C  N N 23  
ARG O    O  N N 24  
ARG CB   C  N N 25  
ARG CG   C  N N 26  
ARG CD   C  N N 27  
ARG NE   N  N N 28  
ARG CZ   C  N N 29  
ARG NH1  N  N N 30  
ARG NH2  N  N N 31  
ARG OXT  O  N N 32  
ARG H    H  N N 33  
ARG H2   H  N N 34  
ARG HA   H  N N 35  
ARG HB2  H  N N 36  
ARG HB3  H  N N 37  
ARG HG2  H  N N 38  
ARG HG3  H  N N 39  
ARG HD2  H  N N 40  
ARG HD3  H  N N 41  
ARG HE   H  N N 42  
ARG HH11 H  N N 43  
ARG HH12 H  N N 44  
ARG HH21 H  N N 45  
ARG HH22 H  N N 46  
ARG HXT  H  N N 47  
ASN N    N  N N 48  
ASN CA   C  N S 49  
ASN C    C  N N 50  
ASN O    O  N N 51  
ASN CB   C  N N 52  
ASN CG   C  N N 53  
ASN OD1  O  N N 54  
ASN ND2  N  N N 55  
ASN OXT  O  N N 56  
ASN H    H  N N 57  
ASN H2   H  N N 58  
ASN HA   H  N N 59  
ASN HB2  H  N N 60  
ASN HB3  H  N N 61  
ASN HD21 H  N N 62  
ASN HD22 H  N N 63  
ASN HXT  H  N N 64  
ASP N    N  N N 65  
ASP CA   C  N S 66  
ASP C    C  N N 67  
ASP O    O  N N 68  
ASP CB   C  N N 69  
ASP CG   C  N N 70  
ASP OD1  O  N N 71  
ASP OD2  O  N N 72  
ASP OXT  O  N N 73  
ASP H    H  N N 74  
ASP H2   H  N N 75  
ASP HA   H  N N 76  
ASP HB2  H  N N 77  
ASP HB3  H  N N 78  
ASP HD2  H  N N 79  
ASP HXT  H  N N 80  
CL  CL   CL N N 81  
GLN N    N  N N 82  
GLN CA   C  N S 83  
GLN C    C  N N 84  
GLN O    O  N N 85  
GLN CB   C  N N 86  
GLN CG   C  N N 87  
GLN CD   C  N N 88  
GLN OE1  O  N N 89  
GLN NE2  N  N N 90  
GLN OXT  O  N N 91  
GLN H    H  N N 92  
GLN H2   H  N N 93  
GLN HA   H  N N 94  
GLN HB2  H  N N 95  
GLN HB3  H  N N 96  
GLN HG2  H  N N 97  
GLN HG3  H  N N 98  
GLN HE21 H  N N 99  
GLN HE22 H  N N 100 
GLN HXT  H  N N 101 
GLU N    N  N N 102 
GLU CA   C  N S 103 
GLU C    C  N N 104 
GLU O    O  N N 105 
GLU CB   C  N N 106 
GLU CG   C  N N 107 
GLU CD   C  N N 108 
GLU OE1  O  N N 109 
GLU OE2  O  N N 110 
GLU OXT  O  N N 111 
GLU H    H  N N 112 
GLU H2   H  N N 113 
GLU HA   H  N N 114 
GLU HB2  H  N N 115 
GLU HB3  H  N N 116 
GLU HG2  H  N N 117 
GLU HG3  H  N N 118 
GLU HE2  H  N N 119 
GLU HXT  H  N N 120 
GLY N    N  N N 121 
GLY CA   C  N N 122 
GLY C    C  N N 123 
GLY O    O  N N 124 
GLY OXT  O  N N 125 
GLY H    H  N N 126 
GLY H2   H  N N 127 
GLY HA2  H  N N 128 
GLY HA3  H  N N 129 
GLY HXT  H  N N 130 
HIS N    N  N N 131 
HIS CA   C  N S 132 
HIS C    C  N N 133 
HIS O    O  N N 134 
HIS CB   C  N N 135 
HIS CG   C  Y N 136 
HIS ND1  N  Y N 137 
HIS CD2  C  Y N 138 
HIS CE1  C  Y N 139 
HIS NE2  N  Y N 140 
HIS OXT  O  N N 141 
HIS H    H  N N 142 
HIS H2   H  N N 143 
HIS HA   H  N N 144 
HIS HB2  H  N N 145 
HIS HB3  H  N N 146 
HIS HD1  H  N N 147 
HIS HD2  H  N N 148 
HIS HE1  H  N N 149 
HIS HE2  H  N N 150 
HIS HXT  H  N N 151 
HOH O    O  N N 152 
HOH H1   H  N N 153 
HOH H2   H  N N 154 
LEU N    N  N N 155 
LEU CA   C  N S 156 
LEU C    C  N N 157 
LEU O    O  N N 158 
LEU CB   C  N N 159 
LEU CG   C  N N 160 
LEU CD1  C  N N 161 
LEU CD2  C  N N 162 
LEU OXT  O  N N 163 
LEU H    H  N N 164 
LEU H2   H  N N 165 
LEU HA   H  N N 166 
LEU HB2  H  N N 167 
LEU HB3  H  N N 168 
LEU HG   H  N N 169 
LEU HD11 H  N N 170 
LEU HD12 H  N N 171 
LEU HD13 H  N N 172 
LEU HD21 H  N N 173 
LEU HD22 H  N N 174 
LEU HD23 H  N N 175 
LEU HXT  H  N N 176 
LYS N    N  N N 177 
LYS CA   C  N S 178 
LYS C    C  N N 179 
LYS O    O  N N 180 
LYS CB   C  N N 181 
LYS CG   C  N N 182 
LYS CD   C  N N 183 
LYS CE   C  N N 184 
LYS NZ   N  N N 185 
LYS OXT  O  N N 186 
LYS H    H  N N 187 
LYS H2   H  N N 188 
LYS HA   H  N N 189 
LYS HB2  H  N N 190 
LYS HB3  H  N N 191 
LYS HG2  H  N N 192 
LYS HG3  H  N N 193 
LYS HD2  H  N N 194 
LYS HD3  H  N N 195 
LYS HE2  H  N N 196 
LYS HE3  H  N N 197 
LYS HZ1  H  N N 198 
LYS HZ2  H  N N 199 
LYS HZ3  H  N N 200 
LYS HXT  H  N N 201 
MET N    N  N N 202 
MET CA   C  N S 203 
MET C    C  N N 204 
MET O    O  N N 205 
MET CB   C  N N 206 
MET CG   C  N N 207 
MET SD   S  N N 208 
MET CE   C  N N 209 
MET OXT  O  N N 210 
MET H    H  N N 211 
MET H2   H  N N 212 
MET HA   H  N N 213 
MET HB2  H  N N 214 
MET HB3  H  N N 215 
MET HG2  H  N N 216 
MET HG3  H  N N 217 
MET HE1  H  N N 218 
MET HE2  H  N N 219 
MET HE3  H  N N 220 
MET HXT  H  N N 221 
SER N    N  N N 222 
SER CA   C  N S 223 
SER C    C  N N 224 
SER O    O  N N 225 
SER CB   C  N N 226 
SER OG   O  N N 227 
SER OXT  O  N N 228 
SER H    H  N N 229 
SER H2   H  N N 230 
SER HA   H  N N 231 
SER HB2  H  N N 232 
SER HB3  H  N N 233 
SER HG   H  N N 234 
SER HXT  H  N N 235 
TYR N    N  N N 236 
TYR CA   C  N S 237 
TYR C    C  N N 238 
TYR O    O  N N 239 
TYR CB   C  N N 240 
TYR CG   C  Y N 241 
TYR CD1  C  Y N 242 
TYR CD2  C  Y N 243 
TYR CE1  C  Y N 244 
TYR CE2  C  Y N 245 
TYR CZ   C  Y N 246 
TYR OH   O  N N 247 
TYR OXT  O  N N 248 
TYR H    H  N N 249 
TYR H2   H  N N 250 
TYR HA   H  N N 251 
TYR HB2  H  N N 252 
TYR HB3  H  N N 253 
TYR HD1  H  N N 254 
TYR HD2  H  N N 255 
TYR HE1  H  N N 256 
TYR HE2  H  N N 257 
TYR HH   H  N N 258 
TYR HXT  H  N N 259 
VAL N    N  N N 260 
VAL CA   C  N S 261 
VAL C    C  N N 262 
VAL O    O  N N 263 
VAL CB   C  N N 264 
VAL CG1  C  N N 265 
VAL CG2  C  N N 266 
VAL OXT  O  N N 267 
VAL H    H  N N 268 
VAL H2   H  N N 269 
VAL HA   H  N N 270 
VAL HB   H  N N 271 
VAL HG11 H  N N 272 
VAL HG12 H  N N 273 
VAL HG13 H  N N 274 
VAL HG21 H  N N 275 
VAL HG22 H  N N 276 
VAL HG23 H  N N 277 
VAL HXT  H  N N 278 
# 
loop_
_chem_comp_bond.comp_id 
_chem_comp_bond.atom_id_1 
_chem_comp_bond.atom_id_2 
_chem_comp_bond.value_order 
_chem_comp_bond.pdbx_aromatic_flag 
_chem_comp_bond.pdbx_stereo_config 
_chem_comp_bond.pdbx_ordinal 
ACE C   O    doub N N 1   
ACE C   CH3  sing N N 2   
ACE C   H    sing N N 3   
ACE CH3 H1   sing N N 4   
ACE CH3 H2   sing N N 5   
ACE CH3 H3   sing N N 6   
ALA N   CA   sing N N 7   
ALA N   H    sing N N 8   
ALA N   H2   sing N N 9   
ALA CA  C    sing N N 10  
ALA CA  CB   sing N N 11  
ALA CA  HA   sing N N 12  
ALA C   O    doub N N 13  
ALA C   OXT  sing N N 14  
ALA CB  HB1  sing N N 15  
ALA CB  HB2  sing N N 16  
ALA CB  HB3  sing N N 17  
ALA OXT HXT  sing N N 18  
ARG N   CA   sing N N 19  
ARG N   H    sing N N 20  
ARG N   H2   sing N N 21  
ARG CA  C    sing N N 22  
ARG CA  CB   sing N N 23  
ARG CA  HA   sing N N 24  
ARG C   O    doub N N 25  
ARG C   OXT  sing N N 26  
ARG CB  CG   sing N N 27  
ARG CB  HB2  sing N N 28  
ARG CB  HB3  sing N N 29  
ARG CG  CD   sing N N 30  
ARG CG  HG2  sing N N 31  
ARG CG  HG3  sing N N 32  
ARG CD  NE   sing N N 33  
ARG CD  HD2  sing N N 34  
ARG CD  HD3  sing N N 35  
ARG NE  CZ   sing N N 36  
ARG NE  HE   sing N N 37  
ARG CZ  NH1  sing N N 38  
ARG CZ  NH2  doub N N 39  
ARG NH1 HH11 sing N N 40  
ARG NH1 HH12 sing N N 41  
ARG NH2 HH21 sing N N 42  
ARG NH2 HH22 sing N N 43  
ARG OXT HXT  sing N N 44  
ASN N   CA   sing N N 45  
ASN N   H    sing N N 46  
ASN N   H2   sing N N 47  
ASN CA  C    sing N N 48  
ASN CA  CB   sing N N 49  
ASN CA  HA   sing N N 50  
ASN C   O    doub N N 51  
ASN C   OXT  sing N N 52  
ASN CB  CG   sing N N 53  
ASN CB  HB2  sing N N 54  
ASN CB  HB3  sing N N 55  
ASN CG  OD1  doub N N 56  
ASN CG  ND2  sing N N 57  
ASN ND2 HD21 sing N N 58  
ASN ND2 HD22 sing N N 59  
ASN OXT HXT  sing N N 60  
ASP N   CA   sing N N 61  
ASP N   H    sing N N 62  
ASP N   H2   sing N N 63  
ASP CA  C    sing N N 64  
ASP CA  CB   sing N N 65  
ASP CA  HA   sing N N 66  
ASP C   O    doub N N 67  
ASP C   OXT  sing N N 68  
ASP CB  CG   sing N N 69  
ASP CB  HB2  sing N N 70  
ASP CB  HB3  sing N N 71  
ASP CG  OD1  doub N N 72  
ASP CG  OD2  sing N N 73  
ASP OD2 HD2  sing N N 74  
ASP OXT HXT  sing N N 75  
GLN N   CA   sing N N 76  
GLN N   H    sing N N 77  
GLN N   H2   sing N N 78  
GLN CA  C    sing N N 79  
GLN CA  CB   sing N N 80  
GLN CA  HA   sing N N 81  
GLN C   O    doub N N 82  
GLN C   OXT  sing N N 83  
GLN CB  CG   sing N N 84  
GLN CB  HB2  sing N N 85  
GLN CB  HB3  sing N N 86  
GLN CG  CD   sing N N 87  
GLN CG  HG2  sing N N 88  
GLN CG  HG3  sing N N 89  
GLN CD  OE1  doub N N 90  
GLN CD  NE2  sing N N 91  
GLN NE2 HE21 sing N N 92  
GLN NE2 HE22 sing N N 93  
GLN OXT HXT  sing N N 94  
GLU N   CA   sing N N 95  
GLU N   H    sing N N 96  
GLU N   H2   sing N N 97  
GLU CA  C    sing N N 98  
GLU CA  CB   sing N N 99  
GLU CA  HA   sing N N 100 
GLU C   O    doub N N 101 
GLU C   OXT  sing N N 102 
GLU CB  CG   sing N N 103 
GLU CB  HB2  sing N N 104 
GLU CB  HB3  sing N N 105 
GLU CG  CD   sing N N 106 
GLU CG  HG2  sing N N 107 
GLU CG  HG3  sing N N 108 
GLU CD  OE1  doub N N 109 
GLU CD  OE2  sing N N 110 
GLU OE2 HE2  sing N N 111 
GLU OXT HXT  sing N N 112 
GLY N   CA   sing N N 113 
GLY N   H    sing N N 114 
GLY N   H2   sing N N 115 
GLY CA  C    sing N N 116 
GLY CA  HA2  sing N N 117 
GLY CA  HA3  sing N N 118 
GLY C   O    doub N N 119 
GLY C   OXT  sing N N 120 
GLY OXT HXT  sing N N 121 
HIS N   CA   sing N N 122 
HIS N   H    sing N N 123 
HIS N   H2   sing N N 124 
HIS CA  C    sing N N 125 
HIS CA  CB   sing N N 126 
HIS CA  HA   sing N N 127 
HIS C   O    doub N N 128 
HIS C   OXT  sing N N 129 
HIS CB  CG   sing N N 130 
HIS CB  HB2  sing N N 131 
HIS CB  HB3  sing N N 132 
HIS CG  ND1  sing Y N 133 
HIS CG  CD2  doub Y N 134 
HIS ND1 CE1  doub Y N 135 
HIS ND1 HD1  sing N N 136 
HIS CD2 NE2  sing Y N 137 
HIS CD2 HD2  sing N N 138 
HIS CE1 NE2  sing Y N 139 
HIS CE1 HE1  sing N N 140 
HIS NE2 HE2  sing N N 141 
HIS OXT HXT  sing N N 142 
HOH O   H1   sing N N 143 
HOH O   H2   sing N N 144 
LEU N   CA   sing N N 145 
LEU N   H    sing N N 146 
LEU N   H2   sing N N 147 
LEU CA  C    sing N N 148 
LEU CA  CB   sing N N 149 
LEU CA  HA   sing N N 150 
LEU C   O    doub N N 151 
LEU C   OXT  sing N N 152 
LEU CB  CG   sing N N 153 
LEU CB  HB2  sing N N 154 
LEU CB  HB3  sing N N 155 
LEU CG  CD1  sing N N 156 
LEU CG  CD2  sing N N 157 
LEU CG  HG   sing N N 158 
LEU CD1 HD11 sing N N 159 
LEU CD1 HD12 sing N N 160 
LEU CD1 HD13 sing N N 161 
LEU CD2 HD21 sing N N 162 
LEU CD2 HD22 sing N N 163 
LEU CD2 HD23 sing N N 164 
LEU OXT HXT  sing N N 165 
LYS N   CA   sing N N 166 
LYS N   H    sing N N 167 
LYS N   H2   sing N N 168 
LYS CA  C    sing N N 169 
LYS CA  CB   sing N N 170 
LYS CA  HA   sing N N 171 
LYS C   O    doub N N 172 
LYS C   OXT  sing N N 173 
LYS CB  CG   sing N N 174 
LYS CB  HB2  sing N N 175 
LYS CB  HB3  sing N N 176 
LYS CG  CD   sing N N 177 
LYS CG  HG2  sing N N 178 
LYS CG  HG3  sing N N 179 
LYS CD  CE   sing N N 180 
LYS CD  HD2  sing N N 181 
LYS CD  HD3  sing N N 182 
LYS CE  NZ   sing N N 183 
LYS CE  HE2  sing N N 184 
LYS CE  HE3  sing N N 185 
LYS NZ  HZ1  sing N N 186 
LYS NZ  HZ2  sing N N 187 
LYS NZ  HZ3  sing N N 188 
LYS OXT HXT  sing N N 189 
MET N   CA   sing N N 190 
MET N   H    sing N N 191 
MET N   H2   sing N N 192 
MET CA  C    sing N N 193 
MET CA  CB   sing N N 194 
MET CA  HA   sing N N 195 
MET C   O    doub N N 196 
MET C   OXT  sing N N 197 
MET CB  CG   sing N N 198 
MET CB  HB2  sing N N 199 
MET CB  HB3  sing N N 200 
MET CG  SD   sing N N 201 
MET CG  HG2  sing N N 202 
MET CG  HG3  sing N N 203 
MET SD  CE   sing N N 204 
MET CE  HE1  sing N N 205 
MET CE  HE2  sing N N 206 
MET CE  HE3  sing N N 207 
MET OXT HXT  sing N N 208 
SER N   CA   sing N N 209 
SER N   H    sing N N 210 
SER N   H2   sing N N 211 
SER CA  C    sing N N 212 
SER CA  CB   sing N N 213 
SER CA  HA   sing N N 214 
SER C   O    doub N N 215 
SER C   OXT  sing N N 216 
SER CB  OG   sing N N 217 
SER CB  HB2  sing N N 218 
SER CB  HB3  sing N N 219 
SER OG  HG   sing N N 220 
SER OXT HXT  sing N N 221 
TYR N   CA   sing N N 222 
TYR N   H    sing N N 223 
TYR N   H2   sing N N 224 
TYR CA  C    sing N N 225 
TYR CA  CB   sing N N 226 
TYR CA  HA   sing N N 227 
TYR C   O    doub N N 228 
TYR C   OXT  sing N N 229 
TYR CB  CG   sing N N 230 
TYR CB  HB2  sing N N 231 
TYR CB  HB3  sing N N 232 
TYR CG  CD1  doub Y N 233 
TYR CG  CD2  sing Y N 234 
TYR CD1 CE1  sing Y N 235 
TYR CD1 HD1  sing N N 236 
TYR CD2 CE2  doub Y N 237 
TYR CD2 HD2  sing N N 238 
TYR CE1 CZ   doub Y N 239 
TYR CE1 HE1  sing N N 240 
TYR CE2 CZ   sing Y N 241 
TYR CE2 HE2  sing N N 242 
TYR CZ  OH   sing N N 243 
TYR OH  HH   sing N N 244 
TYR OXT HXT  sing N N 245 
VAL N   CA   sing N N 246 
VAL N   H    sing N N 247 
VAL N   H2   sing N N 248 
VAL CA  C    sing N N 249 
VAL CA  CB   sing N N 250 
VAL CA  HA   sing N N 251 
VAL C   O    doub N N 252 
VAL C   OXT  sing N N 253 
VAL CB  CG1  sing N N 254 
VAL CB  CG2  sing N N 255 
VAL CB  HB   sing N N 256 
VAL CG1 HG11 sing N N 257 
VAL CG1 HG12 sing N N 258 
VAL CG1 HG13 sing N N 259 
VAL CG2 HG21 sing N N 260 
VAL CG2 HG22 sing N N 261 
VAL CG2 HG23 sing N N 262 
VAL OXT HXT  sing N N 263 
# 
_pdbx_initial_refinement_model.id               1 
_pdbx_initial_refinement_model.entity_id_list   ? 
_pdbx_initial_refinement_model.type             'experimental model' 
_pdbx_initial_refinement_model.source_name      PDB 
_pdbx_initial_refinement_model.accession_code   1GCM 
_pdbx_initial_refinement_model.details          'PDB ENTRY 1GCM' 
# 
_atom_sites.entry_id                    2WPZ 
_atom_sites.fract_transf_matrix[1][1]   -0.01150387 
_atom_sites.fract_transf_matrix[1][2]   -0.03794804 
_atom_sites.fract_transf_matrix[1][3]   -0.00719825 
_atom_sites.fract_transf_matrix[2][1]   0.03995412 
_atom_sites.fract_transf_matrix[2][2]   -0.00440055 
_atom_sites.fract_transf_matrix[2][3]   0.00238844 
_atom_sites.fract_transf_matrix[3][1]   -0.00466580 
_atom_sites.fract_transf_matrix[3][2]   -0.00193636 
_atom_sites.fract_transf_matrix[3][3]   0.02948336 
_atom_sites.fract_transf_vector[1]      -0.026658 
_atom_sites.fract_transf_vector[2]      0.033565 
_atom_sites.fract_transf_vector[3]      0.028059 
# 
loop_
_atom_type.symbol 
C  
CL 
N  
O  
S  
# 
loop_
_atom_site.group_PDB 
_atom_site.id 
_atom_site.type_symbol 
_atom_site.label_atom_id 
_atom_site.label_alt_id 
_atom_site.label_comp_id 
_atom_site.label_asym_id 
_atom_site.label_entity_id 
_atom_site.label_seq_id 
_atom_site.pdbx_PDB_ins_code 
_atom_site.Cartn_x 
_atom_site.Cartn_y 
_atom_site.Cartn_z 
_atom_site.occupancy 
_atom_site.B_iso_or_equiv 
_atom_site.pdbx_formal_charge 
_atom_site.auth_seq_id 
_atom_site.auth_comp_id 
_atom_site.auth_asym_id 
_atom_site.auth_atom_id 
_atom_site.pdbx_PDB_model_num 
HETATM 1   C  C   . ACE A 1 1  ? -6.369  -3.706  -23.364 1.00 14.88 ? 0    ACE A C   1 
HETATM 2   O  O   . ACE A 1 1  ? -5.510  -3.485  -22.517 1.00 14.23 ? 0    ACE A O   1 
HETATM 3   C  CH3 . ACE A 1 1  ? -6.051  -4.320  -24.697 1.00 16.41 ? 0    ACE A CH3 1 
ATOM   4   N  N   . ARG A 1 2  ? -7.632  -3.407  -23.160 1.00 13.95 ? 1    ARG A N   1 
ATOM   5   C  CA  . ARG A 1 2  ? -8.119  -2.796  -21.924 1.00 13.83 ? 1    ARG A CA  1 
ATOM   6   C  C   . ARG A 1 2  ? -7.801  -3.683  -20.698 1.00 14.12 ? 1    ARG A C   1 
ATOM   7   O  O   . ARG A 1 2  ? -7.386  -3.177  -19.639 1.00 12.02 ? 1    ARG A O   1 
ATOM   8   C  CB  . ARG A 1 2  ? -9.620  -2.538  -22.059 1.00 11.56 ? 1    ARG A CB  1 
ATOM   9   C  CG  . ARG A 1 2  ? -10.217 -1.783  -20.910 1.00 11.96 ? 1    ARG A CG  1 
ATOM   10  C  CD  . ARG A 1 2  ? -11.654 -1.451  -21.229 1.00 12.28 ? 1    ARG A CD  1 
ATOM   11  N  NE  . ARG A 1 2  ? -12.348 -0.865  -20.100 1.00 12.72 ? 1    ARG A NE  1 
ATOM   12  C  CZ  . ARG A 1 2  ? -13.601 -0.470  -20.144 1.00 16.54 ? 1    ARG A CZ  1 
ATOM   13  N  NH1 . ARG A 1 2  ? -14.305 -0.579  -21.259 1.00 18.03 ? 1    ARG A NH1 1 
ATOM   14  N  NH2 . ARG A 1 2  ? -14.159 0.028   -19.066 1.00 19.25 ? 1    ARG A NH2 1 
ATOM   15  N  N   . MET A 1 3  ? -8.016  -4.990  -20.821 1.00 12.77 ? 2    MET A N   1 
ATOM   16  C  CA  . MET A 1 3  ? -7.752  -5.929  -19.738 1.00 14.02 ? 2    MET A CA  1 
ATOM   17  C  C   . MET A 1 3  ? -6.255  -5.990  -19.442 1.00 13.05 ? 2    MET A C   1 
ATOM   18  O  O   . MET A 1 3  ? -5.857  -5.965  -18.306 1.00 14.00 ? 2    MET A O   1 
ATOM   19  C  CB  . MET A 1 3  ? -8.295  -7.311  -20.084 1.00 15.71 ? 2    MET A CB  1 
ATOM   20  C  CG  . MET A 1 3  ? -8.212  -8.303  -18.931 1.00 22.18 ? 2    MET A CG  1 
ATOM   21  S  SD  . MET A 1 3  ? -9.304  -7.997  -17.565 1.00 32.38 ? 2    MET A SD  1 
ATOM   22  C  CE  . MET A 1 3  ? -8.817  -6.445  -16.839 1.00 39.98 ? 2    MET A CE  1 
ATOM   23  N  N   . LYS A 1 4  ? -5.426  -5.992  -20.460 1.00 12.77 ? 3    LYS A N   1 
ATOM   24  C  CA  . LYS A 1 4  ? -3.981  -6.011  -20.210 1.00 14.03 ? 3    LYS A CA  1 
ATOM   25  C  C   . LYS A 1 4  ? -3.521  -4.675  -19.555 1.00 14.58 ? 3    LYS A C   1 
ATOM   26  O  O   . LYS A 1 4  ? -2.682  -4.682  -18.679 1.00 15.60 ? 3    LYS A O   1 
ATOM   27  C  CB  . LYS A 1 4  ? -3.226  -6.345  -21.495 1.00 17.50 ? 3    LYS A CB  1 
ATOM   28  C  CG  . LYS A 1 4  ? -1.745  -5.962  -21.477 1.00 21.09 ? 3    LYS A CG  1 
ATOM   29  C  CD  . LYS A 1 4  ? -1.499  -4.516  -21.879 1.00 31.28 ? 3    LYS A CD  1 
ATOM   30  C  CE  . LYS A 1 4  ? -1.921  -4.221  -23.315 1.00 33.77 ? 3    LYS A CE  1 
ATOM   31  N  NZ  . LYS A 1 4  ? -2.914  -3.120  -23.337 1.00 20.45 ? 3    LYS A NZ  1 
ATOM   32  N  N   . GLN A 1 5  ? -4.125  -3.539  -19.905 1.00 13.39 ? 4    GLN A N   1 
ATOM   33  C  CA  . GLN A 1 5  ? -3.855  -2.286  -19.191 1.00 11.88 ? 4    GLN A CA  1 
ATOM   34  C  C   . GLN A 1 5  ? -4.185  -2.456  -17.703 1.00 10.11 ? 4    GLN A C   1 
ATOM   35  O  O   . GLN A 1 5  ? -3.458  -1.954  -16.860 1.00 12.47 ? 4    GLN A O   1 
ATOM   36  C  CB  . GLN A 1 5  ? -4.707  -1.128  -19.734 1.00 14.04 ? 4    GLN A CB  1 
ATOM   37  C  CG  . GLN A 1 5  ? -4.224  -0.442  -20.964 1.00 17.81 ? 4    GLN A CG  1 
ATOM   38  C  CD  . GLN A 1 5  ? -5.106  0.749   -21.297 1.00 25.30 ? 4    GLN A CD  1 
ATOM   39  O  OE1 . GLN A 1 5  ? -4.733  1.905   -21.069 1.00 32.91 ? 4    GLN A OE1 1 
ATOM   40  N  NE2 . GLN A 1 5  ? -6.306  0.466   -21.791 1.00 27.07 ? 4    GLN A NE2 1 
ATOM   41  N  N   . LEU A 1 6  ? -5.325  -3.058  -17.413 1.00 10.18 ? 5    LEU A N   1 
ATOM   42  C  CA  . LEU A 1 6  ? -5.740  -3.240  -16.032 1.00 11.11 ? 5    LEU A CA  1 
ATOM   43  C  C   . LEU A 1 6  ? -4.780  -4.190  -15.306 1.00 8.02  ? 5    LEU A C   1 
ATOM   44  O  O   . LEU A 1 6  ? -4.338  -3.900  -14.205 1.00 10.35 ? 5    LEU A O   1 
ATOM   45  C  CB  . LEU A 1 6  ? -7.175  -3.727  -15.980 1.00 10.86 ? 5    LEU A CB  1 
ATOM   46  C  CG  . LEU A 1 6  ? -7.822  -3.767  -14.587 1.00 15.69 ? 5    LEU A CG  1 
ATOM   47  C  CD1 . LEU A 1 6  ? -7.749  -2.386  -13.926 1.00 14.70 ? 5    LEU A CD1 1 
ATOM   48  C  CD2 . LEU A 1 6  ? -9.247  -4.249  -14.755 1.00 16.56 ? 5    LEU A CD2 1 
ATOM   49  N  N   . GLU A 1 7  ? -4.385  -5.259  -15.967 1.00 12.18 ? 6    GLU A N   1 
ATOM   50  C  CA  . GLU A 1 7  ? -3.406  -6.185  -15.382 1.00 13.41 ? 6    GLU A CA  1 
ATOM   51  C  C   . GLU A 1 7  ? -2.072  -5.514  -15.054 1.00 9.83  ? 6    GLU A C   1 
ATOM   52  O  O   . GLU A 1 7  ? -1.495  -5.734  -13.998 1.00 11.75 ? 6    GLU A O   1 
ATOM   53  C  CB  . GLU A 1 7  ? -3.246  -7.421  -16.273 1.00 13.16 ? 6    GLU A CB  1 
ATOM   54  C  CG  . GLU A 1 7  ? -4.502  -8.313  -16.296 1.00 15.02 ? 6    GLU A CG  1 
ATOM   55  C  CD  . GLU A 1 7  ? -4.514  -9.371  -17.382 1.00 20.44 ? 6    GLU A CD  1 
ATOM   56  O  OE1 . GLU A 1 7  ? -3.813  -9.205  -18.395 1.00 24.83 ? 6    GLU A OE1 1 
ATOM   57  O  OE2 . GLU A 1 7  ? -5.258  -10.363 -17.218 1.00 21.71 ? 6    GLU A OE2 1 
ATOM   58  N  N   . ASP A 1 8  ? -1.612  -4.641  -15.945 1.00 9.87  ? 7    ASP A N   1 
ATOM   59  C  CA  . ASP A 1 8  ? -0.405  -3.841  -15.721 1.00 12.52 ? 7    ASP A CA  1 
ATOM   60  C  C   . ASP A 1 8  ? -0.568  -2.922  -14.527 1.00 9.57  ? 7    ASP A C   1 
ATOM   61  O  O   . ASP A 1 8  ? 0.336   -2.825  -13.684 1.00 11.28 ? 7    ASP A O   1 
ATOM   62  C  CB  . ASP A 1 8  ? -0.065  -3.013  -16.973 1.00 15.60 ? 7    ASP A CB  1 
ATOM   63  C  CG  . ASP A 1 8  ? 1.057   -2.009  -16.748 1.00 27.38 ? 7    ASP A CG  1 
ATOM   64  O  OD1 . ASP A 1 8  ? 2.127   -2.415  -16.248 1.00 26.99 ? 7    ASP A OD1 1 
ATOM   65  O  OD2 . ASP A 1 8  ? 0.866   -0.813  -17.075 1.00 30.99 ? 7    ASP A OD2 1 
ATOM   66  N  N   . LYS A 1 9  ? -1.728  -2.285  -14.399 1.00 10.01 ? 8    LYS A N   1 
ATOM   67  C  CA  . LYS A 1 9  ? -1.952  -1.372  -13.275 1.00 9.77  ? 8    LYS A CA  1 
ATOM   68  C  C   . LYS A 1 9  ? -1.973  -2.140  -11.958 1.00 9.17  ? 8    LYS A C   1 
ATOM   69  O  O   . LYS A 1 9  ? -1.500  -1.644  -10.955 1.00 9.75  ? 8    LYS A O   1 
ATOM   70  C  CB  . LYS A 1 9  ? -3.302  -0.702  -13.398 1.00 11.62 ? 8    LYS A CB  1 
ATOM   71  C  CG  . LYS A 1 9  ? -3.488  0.467   -12.488 1.00 16.77 ? 8    LYS A CG  1 
ATOM   72  C  CD  . LYS A 1 9  ? -4.673  1.307   -12.923 1.00 16.04 ? 8    LYS A CD  1 
ATOM   73  C  CE  A LYS A 1 9  ? -4.873  2.473   -11.978 0.50 27.31 ? 8    LYS A CE  1 
ATOM   74  C  CE  B LYS A 1 9  ? -4.957  2.454   -11.963 0.50 19.86 ? 8    LYS A CE  1 
ATOM   75  N  NZ  A LYS A 1 9  ? -3.764  3.462   -12.136 0.50 31.30 ? 8    LYS A NZ  1 
ATOM   76  N  NZ  B LYS A 1 9  ? -5.907  3.452   -12.565 0.50 17.04 ? 8    LYS A NZ  1 
ATOM   77  N  N   . VAL A 1 10 ? -2.558  -3.337  -11.949 1.00 7.60  ? 9    VAL A N   1 
ATOM   78  C  CA  . VAL A 1 10 ? -2.623  -4.167  -10.753 1.00 7.26  ? 9    VAL A CA  1 
ATOM   79  C  C   . VAL A 1 10 ? -1.224  -4.597  -10.330 1.00 8.35  ? 9    VAL A C   1 
ATOM   80  O  O   . VAL A 1 10 ? -0.881  -4.580  -9.158  1.00 9.95  ? 9    VAL A O   1 
ATOM   81  C  CB  . VAL A 1 10 ? -3.617  -5.366  -10.890 1.00 8.35  ? 9    VAL A CB  1 
ATOM   82  C  CG1 . VAL A 1 10 ? -3.643  -6.314  -9.699  1.00 9.89  ? 9    VAL A CG1 1 
ATOM   83  C  CG2 . VAL A 1 10 ? -5.024  -4.762  -11.128 1.00 10.69 ? 9    VAL A CG2 1 
ATOM   84  N  N   . GLU A 1 11 ? -0.396  -4.967  -11.299 1.00 9.53  ? 10   GLU A N   1 
ATOM   85  C  CA  . GLU A 1 11 ? 1.005   -5.316  -11.043 1.00 11.32 ? 10   GLU A CA  1 
ATOM   86  C  C   . GLU A 1 11 ? 1.763   -4.154  -10.470 1.00 9.59  ? 10   GLU A C   1 
ATOM   87  O  O   . GLU A 1 11 ? 2.578   -4.327  -9.548  1.00 11.13 ? 10   GLU A O   1 
ATOM   88  C  CB  . GLU A 1 11 ? 1.664   -5.808  -12.344 1.00 13.49 ? 10   GLU A CB  1 
ATOM   89  C  CG  . GLU A 1 11 ? 3.161   -6.030  -12.287 1.00 18.55 ? 10   GLU A CG  1 
ATOM   90  C  CD  . GLU A 1 11 ? 3.740   -6.607  -13.581 1.00 23.52 ? 10   GLU A CD  1 
ATOM   91  O  OE1 . GLU A 1 11 ? 3.539   -7.813  -13.826 1.00 34.13 ? 10   GLU A OE1 1 
ATOM   92  O  OE2 . GLU A 1 11 ? 4.407   -5.860  -14.338 1.00 27.65 ? 10   GLU A OE2 1 
ATOM   93  N  N   . GLU A 1 12 ? 1.503   -2.965  -11.000 1.00 10.15 ? 11   GLU A N   1 
ATOM   94  C  CA  . GLU A 1 12 ? 2.171   -1.767  -10.471 1.00 12.39 ? 11   GLU A CA  1 
ATOM   95  C  C   . GLU A 1 12 ? 1.715   -1.483  -9.041  1.00 10.98 ? 11   GLU A C   1 
ATOM   96  O  O   . GLU A 1 12 ? 2.518   -1.121  -8.210  1.00 10.40 ? 11   GLU A O   1 
ATOM   97  C  CB  . GLU A 1 12 ? 2.010   -0.537  -11.398 1.00 13.55 ? 11   GLU A CB  1 
ATOM   98  C  CG  . GLU A 1 12 ? 2.625   -0.702  -12.758 1.00 23.12 ? 11   GLU A CG  1 
ATOM   99  C  CD  . GLU A 1 12 ? 3.040   0.621   -13.386 1.00 39.45 ? 11   GLU A CD  1 
ATOM   100 O  OE1 . GLU A 1 12 ? 3.962   1.271   -12.843 1.00 41.67 ? 11   GLU A OE1 1 
ATOM   101 O  OE2 . GLU A 1 12 ? 2.446   1.000   -14.421 1.00 47.98 ? 11   GLU A OE2 1 
ATOM   102 N  N   . ASN A 1 13 ? 0.437   -1.651  -8.763  1.00 10.37 ? 12   ASN A N   1 
ATOM   103 C  CA  . ASN A 1 13 ? -0.041  -1.436  -7.414  1.00 9.52  ? 12   ASN A CA  1 
ATOM   104 C  C   . ASN A 1 13 ? 0.631   -2.423  -6.458  1.00 8.20  ? 12   ASN A C   1 
ATOM   105 O  O   . ASN A 1 13 ? 1.015   -2.066  -5.350  1.00 10.58 ? 12   ASN A O   1 
ATOM   106 C  CB  . ASN A 1 13 ? -1.564  -1.602  -7.317  1.00 10.06 ? 12   ASN A CB  1 
ATOM   107 C  CG  . ASN A 1 13 ? -2.348  -0.347  -7.735  1.00 13.03 ? 12   ASN A CG  1 
ATOM   108 O  OD1 . ASN A 1 13 ? -1.770  0.737   -7.887  1.00 14.94 ? 12   ASN A OD1 1 
ATOM   109 N  ND2 . ASN A 1 13 ? -3.655  -0.493  -7.886  1.00 11.57 ? 12   ASN A ND2 1 
ATOM   110 N  N   . LEU A 1 14 ? 0.744   -3.679  -6.864  1.00 9.21  ? 13   LEU A N   1 
ATOM   111 C  CA  . LEU A 1 14 ? 1.384   -4.684  -5.998  1.00 8.85  ? 13   LEU A CA  1 
ATOM   112 C  C   . LEU A 1 14 ? 2.839   -4.306  -5.734  1.00 9.36  ? 13   LEU A C   1 
ATOM   113 O  O   . LEU A 1 14 ? 3.338   -4.386  -4.616  1.00 8.39  ? 13   LEU A O   1 
ATOM   114 C  CB  . LEU A 1 14 ? 1.328   -6.016  -6.691  1.00 8.28  ? 13   LEU A CB  1 
ATOM   115 C  CG  . LEU A 1 14 ? 2.008   -7.139  -5.912  1.00 10.33 ? 13   LEU A CG  1 
ATOM   116 C  CD1 . LEU A 1 14 ? 1.584   -7.223  -4.453  1.00 14.26 ? 13   LEU A CD1 1 
ATOM   117 C  CD2 . LEU A 1 14 ? 1.794   -8.475  -6.619  1.00 15.27 ? 13   LEU A CD2 1 
ATOM   118 N  N   . SER A 1 15 ? 3.532   -3.831  -6.764  1.00 9.00  ? 14   SER A N   1 
ATOM   119 C  CA  . SER A 1 15 ? 4.937   -3.412  -6.629  1.00 9.36  ? 14   SER A CA  1 
ATOM   120 C  C   . SER A 1 15 ? 5.053   -2.254  -5.608  1.00 8.62  ? 14   SER A C   1 
ATOM   121 O  O   . SER A 1 15 ? 5.914   -2.260  -4.739  1.00 11.03 ? 14   SER A O   1 
ATOM   122 C  CB  A SER A 1 15 ? 5.504   -3.036  -7.992  0.50 8.97  ? 14   SER A CB  1 
ATOM   123 C  CB  B SER A 1 15 ? 5.540   -2.963  -7.953  0.50 11.24 ? 14   SER A CB  1 
ATOM   124 O  OG  A SER A 1 15 ? 6.850   -2.615  -7.928  0.50 10.99 ? 14   SER A OG  1 
ATOM   125 O  OG  B SER A 1 15 ? 5.770   -4.050  -8.823  0.50 14.68 ? 14   SER A OG  1 
ATOM   126 N  N   . LYS A 1 16 ? 4.124   -1.314  -5.676  1.00 9.30  ? 15   LYS A N   1 
ATOM   127 C  CA  . LYS A 1 16 ? 4.161   -0.137  -4.789  1.00 10.04 ? 15   LYS A CA  1 
ATOM   128 C  C   . LYS A 1 16 ? 3.802   -0.572  -3.365  1.00 8.51  ? 15   LYS A C   1 
ATOM   129 O  O   . LYS A 1 16 ? 4.430   -0.111  -2.410  1.00 11.24 ? 15   LYS A O   1 
ATOM   130 C  CB  . LYS A 1 16 ? 3.167   0.912   -5.250  1.00 10.32 ? 15   LYS A CB  1 
ATOM   131 C  CG  . LYS A 1 16 ? 3.597   1.635   -6.504  1.00 14.76 ? 15   LYS A CG  1 
ATOM   132 C  CD  A LYS A 1 16 ? 2.465   2.502   -7.042  0.50 23.00 ? 15   LYS A CD  1 
ATOM   133 C  CD  B LYS A 1 16 ? 2.484   2.474   -7.093  0.50 21.28 ? 15   LYS A CD  1 
ATOM   134 C  CE  A LYS A 1 16 ? 2.730   2.989   -8.454  0.50 26.43 ? 15   LYS A CE  1 
ATOM   135 C  CE  B LYS A 1 16 ? 3.000   3.351   -8.223  0.50 23.35 ? 15   LYS A CE  1 
ATOM   136 N  NZ  A LYS A 1 16 ? 4.022   3.722   -8.559  0.50 29.41 ? 15   LYS A NZ  1 
ATOM   137 N  NZ  B LYS A 1 16 ? 2.096   3.344   -9.407  0.50 22.87 ? 15   LYS A NZ  1 
ATOM   138 N  N   . VAL A 1 17 ? 2.794   -1.438  -3.188  1.00 8.15  ? 16   VAL A N   1 
ATOM   139 C  CA  . VAL A 1 17 ? 2.440   -1.977  -1.874  1.00 9.17  ? 16   VAL A CA  1 
ATOM   140 C  C   . VAL A 1 17 ? 3.628   -2.684  -1.247  1.00 8.89  ? 16   VAL A C   1 
ATOM   141 O  O   . VAL A 1 17 ? 3.946   -2.487  -0.059  1.00 10.88 ? 16   VAL A O   1 
ATOM   142 C  CB  A VAL A 1 17 ? 1.255   -3.069  -2.015  0.50 9.54  ? 16   VAL A CB  1 
ATOM   143 C  CB  B VAL A 1 17 ? 1.125   -2.830  -1.850  0.50 12.39 ? 16   VAL A CB  1 
ATOM   144 C  CG1 A VAL A 1 17 ? 1.065   -3.969  -0.749  0.50 8.77  ? 16   VAL A CG1 1 
ATOM   145 C  CG1 B VAL A 1 17 ? -0.038  -2.030  -2.417  0.50 17.02 ? 16   VAL A CG1 1 
ATOM   146 C  CG2 A VAL A 1 17 ? -0.052  -2.387  -2.403  0.50 15.35 ? 16   VAL A CG2 1 
ATOM   147 C  CG2 B VAL A 1 17 ? 1.278   -4.123  -2.572  0.50 21.92 ? 16   VAL A CG2 1 
ATOM   148 N  N   . TYR A 1 18 ? 4.287   -3.516  -2.036  1.00 9.68  ? 17   TYR A N   1 
ATOM   149 C  CA  . TYR A 1 18 ? 5.432   -4.267  -1.559  1.00 10.58 ? 17   TYR A CA  1 
ATOM   150 C  C   . TYR A 1 18 ? 6.575   -3.342  -1.124  1.00 9.66  ? 17   TYR A C   1 
ATOM   151 O  O   . TYR A 1 18 ? 7.172   -3.516  -0.060  1.00 12.92 ? 17   TYR A O   1 
ATOM   152 C  CB  . TYR A 1 18 ? 5.899   -5.194  -2.673  1.00 12.68 ? 17   TYR A CB  1 
ATOM   153 C  CG  . TYR A 1 18 ? 7.101   -5.999  -2.310  1.00 13.87 ? 17   TYR A CG  1 
ATOM   154 C  CD1 . TYR A 1 18 ? 7.023   -7.044  -1.386  1.00 17.00 ? 17   TYR A CD1 1 
ATOM   155 C  CD2 . TYR A 1 18 ? 8.335   -5.726  -2.923  1.00 12.63 ? 17   TYR A CD2 1 
ATOM   156 C  CE1 . TYR A 1 18 ? 8.156   -7.786  -1.064  1.00 19.54 ? 17   TYR A CE1 1 
ATOM   157 C  CE2 . TYR A 1 18 ? 9.453   -6.456  -2.614  1.00 16.16 ? 17   TYR A CE2 1 
ATOM   158 C  CZ  . TYR A 1 18 ? 9.368   -7.482  -1.690  1.00 17.02 ? 17   TYR A CZ  1 
ATOM   159 O  OH  . TYR A 1 18 ? 10.514  -8.199  -1.361  1.00 20.30 ? 17   TYR A OH  1 
ATOM   160 N  N   . HIS A 1 19 ? 6.821   -2.300  -1.897  1.00 10.67 ? 18   HIS A N   1 
ATOM   161 C  CA  . HIS A 1 19 ? 7.814   -1.303  -1.494  1.00 12.27 ? 18   HIS A CA  1 
ATOM   162 C  C   . HIS A 1 19 ? 7.439   -0.635  -0.173  1.00 13.76 ? 18   HIS A C   1 
ATOM   163 O  O   . HIS A 1 19 ? 8.280   -0.496  0.711   1.00 15.28 ? 18   HIS A O   1 
ATOM   164 C  CB  . HIS A 1 19 ? 8.079   -0.276  -2.577  1.00 14.33 ? 18   HIS A CB  1 
ATOM   165 C  CG  . HIS A 1 19 ? 9.097   0.747   -2.173  1.00 21.69 ? 18   HIS A CG  1 
ATOM   166 N  ND1 . HIS A 1 19 ? 10.425  0.431   -1.953  1.00 26.97 ? 18   HIS A ND1 1 
ATOM   167 C  CD2 . HIS A 1 19 ? 8.965   2.057   -1.866  1.00 26.73 ? 18   HIS A CD2 1 
ATOM   168 C  CE1 . HIS A 1 19 ? 11.071  1.520   -1.575  1.00 29.73 ? 18   HIS A CE1 1 
ATOM   169 N  NE2 . HIS A 1 19 ? 10.208  2.518   -1.509  1.00 31.16 ? 18   HIS A NE2 1 
ATOM   170 N  N   . ASN A 1 20 ? 6.171   -0.276  -0.018  1.00 14.37 ? 19   ASN A N   1 
ATOM   171 C  CA  . ASN A 1 20 ? 5.715   0.357   1.215   1.00 13.10 ? 19   ASN A CA  1 
ATOM   172 C  C   . ASN A 1 20 ? 5.874   -0.583  2.378   1.00 11.13 ? 19   ASN A C   1 
ATOM   173 O  O   . ASN A 1 20 ? 6.217   -0.150  3.478   1.00 12.23 ? 19   ASN A O   1 
ATOM   174 C  CB  . ASN A 1 20 ? 4.236   0.777   1.139   1.00 13.47 ? 19   ASN A CB  1 
ATOM   175 C  CG  . ASN A 1 20 ? 3.989   1.966   0.240   1.00 21.31 ? 19   ASN A CG  1 
ATOM   176 O  OD1 . ASN A 1 20 ? 4.917   2.627   -0.240  1.00 23.09 ? 19   ASN A OD1 1 
ATOM   177 N  ND2 . ASN A 1 20 ? 2.707   2.267   0.025   1.00 18.05 ? 19   ASN A ND2 1 
ATOM   178 N  N   . GLU A 1 21 ? 5.568   -1.856  2.154   1.00 12.51 ? 20   GLU A N   1 
ATOM   179 C  CA  . GLU A 1 21 ? 5.748   -2.879  3.183   1.00 11.81 ? 20   GLU A CA  1 
ATOM   180 C  C   . GLU A 1 21 ? 7.179   -2.901  3.663   1.00 12.44 ? 20   GLU A C   1 
ATOM   181 O  O   . GLU A 1 21 ? 7.450   -2.974  4.861   1.00 12.89 ? 20   GLU A O   1 
ATOM   182 C  CB  A GLU A 1 21 ? 5.330   -4.252  2.618   0.50 11.56 ? 20   GLU A CB  1 
ATOM   183 C  CB  B GLU A 1 21 ? 5.340   -4.259  2.675   0.50 12.57 ? 20   GLU A CB  1 
ATOM   184 C  CG  A GLU A 1 21 ? 5.492   -5.493  3.529   0.50 16.78 ? 20   GLU A CG  1 
ATOM   185 C  CG  B GLU A 1 21 ? 3.843   -4.465  2.637   0.50 14.79 ? 20   GLU A CG  1 
ATOM   186 C  CD  A GLU A 1 21 ? 5.171   -6.791  2.779   0.50 22.23 ? 20   GLU A CD  1 
ATOM   187 C  CD  B GLU A 1 21 ? 3.426   -5.778  2.013   0.50 19.15 ? 20   GLU A CD  1 
ATOM   188 O  OE1 A GLU A 1 21 ? 3.981   -7.034  2.488   0.50 29.98 ? 20   GLU A OE1 1 
ATOM   189 O  OE1 B GLU A 1 21 ? 4.279   -6.463  1.408   0.50 22.73 ? 20   GLU A OE1 1 
ATOM   190 O  OE2 A GLU A 1 21 ? 6.106   -7.557  2.457   0.50 26.98 ? 20   GLU A OE2 1 
ATOM   191 O  OE2 B GLU A 1 21 ? 2.226   -6.108  2.124   0.50 20.58 ? 20   GLU A OE2 1 
ATOM   192 N  N   . ASN A 1 22 ? 8.105   -2.865  2.718   1.00 12.82 ? 21   ASN A N   1 
ATOM   193 C  CA  . ASN A 1 22 ? 9.515   -2.957  3.064   1.00 12.84 ? 21   ASN A CA  1 
ATOM   194 C  C   . ASN A 1 22 ? 10.007  -1.691  3.759   1.00 13.60 ? 21   ASN A C   1 
ATOM   195 O  O   . ASN A 1 22 ? 10.814  -1.757  4.679   1.00 16.77 ? 21   ASN A O   1 
ATOM   196 C  CB  . ASN A 1 22 ? 10.352  -3.317  1.832   1.00 14.04 ? 21   ASN A CB  1 
ATOM   197 C  CG  . ASN A 1 22 ? 10.316  -4.817  1.512   1.00 17.53 ? 21   ASN A CG  1 
ATOM   198 O  OD1 . ASN A 1 22 ? 11.118  -5.607  2.045   1.00 22.28 ? 21   ASN A OD1 1 
ATOM   199 N  ND2 . ASN A 1 22 ? 9.453   -5.201  0.595   1.00 21.40 ? 21   ASN A ND2 1 
ATOM   200 N  N   . GLU A 1 23 ? 9.514   -0.541  3.329   1.00 12.23 ? 22   GLU A N   1 
ATOM   201 C  CA  . GLU A 1 23 ? 9.823   0.703   4.027   1.00 14.74 ? 22   GLU A CA  1 
ATOM   202 C  C   . GLU A 1 23 ? 9.312   0.666   5.475   1.00 12.98 ? 22   GLU A C   1 
ATOM   203 O  O   . GLU A 1 23 ? 10.022  1.053   6.387   1.00 16.16 ? 22   GLU A O   1 
ATOM   204 C  CB  . GLU A 1 23 ? 9.263   1.929   3.284   1.00 17.42 ? 22   GLU A CB  1 
ATOM   205 C  CG  . GLU A 1 23 ? 9.933   2.243   1.986   1.00 22.46 ? 22   GLU A CG  1 
ATOM   206 C  CD  . GLU A 1 23 ? 11.148  3.154   2.120   1.00 31.72 ? 22   GLU A CD  1 
ATOM   207 O  OE1 . GLU A 1 23 ? 11.750  3.203   3.208   1.00 31.86 ? 22   GLU A OE1 1 
ATOM   208 O  OE2 . GLU A 1 23 ? 11.507  3.816   1.121   1.00 43.98 ? 22   GLU A OE2 1 
ATOM   209 N  N   . VAL A 1 24 ? 8.069   0.225   5.687   1.00 12.39 ? 23   VAL A N   1 
ATOM   210 C  CA  . VAL A 1 24 ? 7.530   0.064   7.054   1.00 14.11 ? 23   VAL A CA  1 
ATOM   211 C  C   . VAL A 1 24 ? 8.379   -0.874  7.901   1.00 13.64 ? 23   VAL A C   1 
ATOM   212 O  O   . VAL A 1 24 ? 8.695   -0.569  9.046   1.00 15.25 ? 23   VAL A O   1 
ATOM   213 C  CB  . VAL A 1 24 ? 6.050   -0.378  7.034   1.00 15.22 ? 23   VAL A CB  1 
ATOM   214 C  CG1 . VAL A 1 24 ? 5.541   -0.791  8.432   1.00 19.99 ? 23   VAL A CG1 1 
ATOM   215 C  CG2 . VAL A 1 24 ? 5.182   0.772   6.463   1.00 19.10 ? 23   VAL A CG2 1 
ATOM   216 N  N   . ALA A 1 25 ? 8.816   -1.978  7.312   1.00 15.46 ? 24   ALA A N   1 
ATOM   217 C  CA  . ALA A 1 25 ? 9.690   -2.916  8.005   1.00 16.51 ? 24   ALA A CA  1 
ATOM   218 C  C   . ALA A 1 25 ? 10.998  -2.270  8.451   1.00 14.24 ? 24   ALA A C   1 
ATOM   219 O  O   . ALA A 1 25 ? 11.433  -2.488  9.586   1.00 15.97 ? 24   ALA A O   1 
ATOM   220 C  CB  . ALA A 1 25 ? 9.953   -4.151  7.142   1.00 16.97 ? 24   ALA A CB  1 
ATOM   221 N  N   . ARG A 1 26 ? 11.575  -1.440  7.596   1.00 14.81 ? 25   ARG A N   1 
ATOM   222 C  CA  . ARG A 1 26 ? 12.838  -0.747  7.889   1.00 14.35 ? 25   ARG A CA  1 
ATOM   223 C  C   . ARG A 1 26 ? 12.618  0.275   9.008   1.00 14.88 ? 25   ARG A C   1 
ATOM   224 O  O   . ARG A 1 26 ? 13.413  0.403   9.932   1.00 15.75 ? 25   ARG A O   1 
ATOM   225 C  CB  . ARG A 1 26 ? 13.376  -0.060  6.634   1.00 16.47 ? 25   ARG A CB  1 
ATOM   226 C  CG  . ARG A 1 26 ? 14.707  0.730   6.808   1.00 20.59 ? 25   ARG A CG  1 
ATOM   227 C  CD  . ARG A 1 26 ? 15.179  1.330   5.483   1.00 25.36 ? 25   ARG A CD  1 
ATOM   228 N  NE  . ARG A 1 26 ? 14.459  2.564   5.151   1.00 32.92 ? 25   ARG A NE  1 
ATOM   229 C  CZ  . ARG A 1 26 ? 14.764  3.783   5.600   1.00 37.59 ? 25   ARG A CZ  1 
ATOM   230 N  NH1 . ARG A 1 26 ? 15.796  3.979   6.418   1.00 41.46 ? 25   ARG A NH1 1 
ATOM   231 N  NH2 . ARG A 1 26 ? 14.030  4.821   5.225   1.00 38.95 ? 25   ARG A NH2 1 
ATOM   232 N  N   . LEU A 1 27 ? 11.507  0.972   8.960   1.00 15.14 ? 26   LEU A N   1 
ATOM   233 C  CA  . LEU A 1 27 ? 11.276  2.006   9.936   0.50 9.56  ? 26   LEU A CA  1 
ATOM   234 C  C   . LEU A 1 27 ? 10.990  1.357   11.290  1.00 14.04 ? 26   LEU A C   1 
ATOM   235 O  O   . LEU A 1 27 ? 11.435  1.886   12.327  1.00 16.89 ? 26   LEU A O   1 
ATOM   236 C  CB  . LEU A 1 27 ? 10.194  2.968   9.459   0.50 12.21 ? 26   LEU A CB  1 
ATOM   237 C  CG  . LEU A 1 27 ? 10.539  3.698   8.157   0.50 11.70 ? 26   LEU A CG  1 
ATOM   238 C  CD1 . LEU A 1 27 ? 9.270   4.344   7.631   0.50 14.59 ? 26   LEU A CD1 1 
ATOM   239 C  CD2 . LEU A 1 27 ? 11.689  4.693   8.304   0.50 13.80 ? 26   LEU A CD2 1 
ATOM   240 N  N   . LYS A 1 28 ? 10.295  0.215   11.291  1.00 17.34 ? 27   LYS A N   1 
ATOM   241 C  CA  . LYS A 1 28 ? 10.102  -0.572  12.509  1.00 18.42 ? 27   LYS A CA  1 
ATOM   242 C  C   . LYS A 1 28 ? 11.415  -0.958  13.170  1.00 18.84 ? 27   LYS A C   1 
ATOM   243 O  O   . LYS A 1 28 ? 11.531  -0.897  14.390  1.00 19.29 ? 27   LYS A O   1 
ATOM   244 C  CB  . LYS A 1 28 ? 9.333   -1.847  12.232  1.00 21.07 ? 27   LYS A CB  1 
ATOM   245 C  CG  . LYS A 1 28 ? 7.852   -1.672  12.062  1.00 26.53 ? 27   LYS A CG  1 
ATOM   246 C  CD  . LYS A 1 28 ? 7.264   -2.977  11.555  1.00 34.20 ? 27   LYS A CD  1 
ATOM   247 C  CE  . LYS A 1 28 ? 5.869   -3.204  12.058  1.00 35.20 ? 27   LYS A CE  1 
ATOM   248 N  NZ  . LYS A 1 28 ? 5.425   -4.581  11.740  1.00 35.37 ? 27   LYS A NZ  1 
ATOM   249 N  N   . LYS A 1 29 ? 12.395  -1.362  12.369  1.00 19.16 ? 28   LYS A N   1 
ATOM   250 C  CA  . LYS A 1 29 ? 13.691  -1.781  12.910  1.00 22.60 ? 28   LYS A CA  1 
ATOM   251 C  C   . LYS A 1 29 ? 14.489  -0.572  13.386  1.00 21.87 ? 28   LYS A C   1 
ATOM   252 O  O   . LYS A 1 29 ? 15.326  -0.703  14.271  1.00 22.31 ? 28   LYS A O   1 
ATOM   253 C  CB  . LYS A 1 29 ? 14.488  -2.600  11.885  1.00 27.44 ? 28   LYS A CB  1 
ATOM   254 C  CG  . LYS A 1 29 ? 15.355  -3.690  12.524  1.00 32.67 ? 28   LYS A CG  1 
ATOM   255 C  CD  . LYS A 1 29 ? 15.918  -4.631  11.482  1.00 37.84 ? 28   LYS A CD  1 
ATOM   256 C  CE  . LYS A 1 29 ? 14.882  -5.651  11.033  1.00 38.38 ? 28   LYS A CE  1 
ATOM   257 N  NZ  . LYS A 1 29 ? 14.996  -5.977  9.587   1.00 34.36 ? 28   LYS A NZ  1 
ATOM   258 N  N   . LEU A 1 30 ? 14.217  0.607   12.825  1.00 18.02 ? 29   LEU A N   1 
ATOM   259 C  CA  . LEU A 1 30 ? 14.857  1.856   13.287  1.00 20.48 ? 29   LEU A CA  1 
ATOM   260 C  C   . LEU A 1 30 ? 14.373  2.265   14.682  1.00 20.34 ? 29   LEU A C   1 
ATOM   261 O  O   . LEU A 1 30 ? 15.058  3.037   15.378  1.00 20.11 ? 29   LEU A O   1 
ATOM   262 C  CB  . LEU A 1 30 ? 14.599  3.013   12.317  1.00 22.43 ? 29   LEU A CB  1 
ATOM   263 C  CG  . LEU A 1 30 ? 15.499  3.135   11.089  1.00 26.25 ? 29   LEU A CG  1 
ATOM   264 C  CD1 . LEU A 1 30 ? 15.029  4.302   10.227  1.00 25.09 ? 29   LEU A CD1 1 
ATOM   265 C  CD2 . LEU A 1 30 ? 16.972  3.313   11.504  1.00 29.45 ? 29   LEU A CD2 1 
ATOM   266 N  N   . VAL A 1 31 ? 13.184  1.788   15.055  1.00 20.77 ? 30   VAL A N   1 
ATOM   267 C  CA  . VAL A 1 31 ? 12.570  2.036   16.360  1.00 24.87 ? 30   VAL A CA  1 
ATOM   268 C  C   . VAL A 1 31 ? 12.714  0.823   17.274  1.00 26.82 ? 30   VAL A C   1 
ATOM   269 O  O   . VAL A 1 31 ? 12.553  0.924   18.490  1.00 35.30 ? 30   VAL A O   1 
ATOM   270 C  CB  . VAL A 1 31 ? 11.047  2.284   16.200  1.00 25.23 ? 30   VAL A CB  1 
ATOM   271 C  CG1 . VAL A 1 31 ? 10.361  2.428   17.552  1.00 29.20 ? 30   VAL A CG1 1 
ATOM   272 C  CG2 . VAL A 1 31 ? 10.782  3.501   15.328  1.00 26.81 ? 30   VAL A CG2 1 
ATOM   273 N  N   . GLY A 1 32 ? 13.015  -0.326  16.676  1.00 27.16 ? 31   GLY A N   1 
ATOM   274 C  CA  . GLY A 1 32 ? 12.751  -1.618  17.290  1.00 27.63 ? 31   GLY A CA  1 
ATOM   275 C  C   . GLY A 1 32 ? 13.929  -2.161  18.037  1.00 32.91 ? 31   GLY A C   1 
ATOM   276 O  O   . GLY A 1 32 ? 13.853  -3.240  18.610  1.00 40.60 ? 31   GLY A O   1 
HETATM 277 C  C   . ACE B 1 1  ? -10.118 -16.134 -15.151 1.00 31.18 ? 0    ACE B C   1 
HETATM 278 O  O   . ACE B 1 1  ? -9.891  -15.818 -13.994 1.00 32.87 ? 0    ACE B O   1 
HETATM 279 C  CH3 . ACE B 1 1  ? -10.832 -17.412 -15.474 1.00 31.59 ? 0    ACE B CH3 1 
ATOM   280 N  N   . ARG B 1 2  ? -10.003 -15.268 -16.143 1.00 28.06 ? 1    ARG B N   1 
ATOM   281 C  CA  . ARG B 1 2  ? -8.962  -14.245 -16.158 1.00 27.15 ? 1    ARG B CA  1 
ATOM   282 C  C   . ARG B 1 2  ? -9.368  -12.999 -15.375 1.00 22.96 ? 1    ARG B C   1 
ATOM   283 O  O   . ARG B 1 2  ? -8.569  -12.453 -14.595 1.00 19.20 ? 1    ARG B O   1 
ATOM   284 C  CB  . ARG B 1 2  ? -8.639  -13.889 -17.599 1.00 27.27 ? 1    ARG B CB  1 
ATOM   285 C  CG  . ARG B 1 2  ? -7.531  -12.890 -17.807 1.00 26.16 ? 1    ARG B CG  1 
ATOM   286 C  CD  . ARG B 1 2  ? -7.266  -12.716 -19.308 1.00 28.65 ? 1    ARG B CD  1 
ATOM   287 N  NE  . ARG B 1 2  ? -6.378  -11.599 -19.573 1.00 25.87 ? 1    ARG B NE  1 
ATOM   288 C  CZ  . ARG B 1 2  ? -6.257  -10.980 -20.746 1.00 25.89 ? 1    ARG B CZ  1 
ATOM   289 N  NH1 . ARG B 1 2  ? -6.953  -11.370 -21.812 1.00 28.34 ? 1    ARG B NH1 1 
ATOM   290 N  NH2 . ARG B 1 2  ? -5.433  -9.952  -20.854 1.00 28.97 ? 1    ARG B NH2 1 
ATOM   291 N  N   . MET B 1 3  ? -10.602 -12.548 -15.552 1.00 21.96 ? 2    MET B N   1 
ATOM   292 C  CA  . MET B 1 3  ? -11.100 -11.407 -14.765 1.00 24.18 ? 2    MET B CA  1 
ATOM   293 C  C   . MET B 1 3  ? -11.215 -11.828 -13.295 1.00 20.64 ? 2    MET B C   1 
ATOM   294 O  O   . MET B 1 3  ? -10.897 -11.055 -12.423 1.00 16.94 ? 2    MET B O   1 
ATOM   295 C  CB  . MET B 1 3  ? -12.448 -10.836 -15.300 1.00 25.77 ? 2    MET B CB  1 
ATOM   296 C  CG  . MET B 1 3  ? -12.597 -9.245  -15.218 1.00 26.60 ? 2    MET B CG  1 
ATOM   297 S  SD  . MET B 1 3  ? -14.009 -8.593  -16.203 1.00 37.52 ? 2    MET B SD  1 
ATOM   298 C  CE  . MET B 1 3  ? -13.359 -8.620  -17.875 1.00 43.64 ? 2    MET B CE  1 
ATOM   299 N  N   . LYS B 1 4  ? -11.669 -13.061 -13.049 1.00 18.98 ? 3    LYS B N   1 
ATOM   300 C  CA  . LYS B 1 4  ? -11.742 -13.641 -11.689 1.00 21.57 ? 3    LYS B CA  1 
ATOM   301 C  C   . LYS B 1 4  ? -10.364 -13.700 -11.021 1.00 17.47 ? 3    LYS B C   1 
ATOM   302 O  O   . LYS B 1 4  ? -10.226 -13.356 -9.852  1.00 16.66 ? 3    LYS B O   1 
ATOM   303 C  CB  . LYS B 1 4  ? -12.340 -15.056 -11.757 1.00 26.07 ? 3    LYS B CB  1 
ATOM   304 C  CG  . LYS B 1 4  ? -12.850 -15.582 -10.444 1.00 32.88 ? 3    LYS B CG  1 
ATOM   305 C  CD  . LYS B 1 4  ? -11.854 -16.481 -9.735  1.00 34.51 ? 3    LYS B CD  1 
ATOM   306 C  CE  . LYS B 1 4  ? -12.342 -16.817 -8.325  1.00 29.34 ? 3    LYS B CE  1 
ATOM   307 N  NZ  . LYS B 1 4  ? -12.235 -15.652 -7.377  1.00 27.69 ? 3    LYS B NZ  1 
ATOM   308 N  N   . GLN B 1 5  ? -9.351  -14.118 -11.773 1.00 16.88 ? 4    GLN B N   1 
ATOM   309 C  CA  . GLN B 1 5  ? -7.980  -14.163 -11.289 1.00 15.61 ? 4    GLN B CA  1 
ATOM   310 C  C   . GLN B 1 5  ? -7.509  -12.752 -10.924 1.00 11.65 ? 4    GLN B C   1 
ATOM   311 O  O   . GLN B 1 5  ? -6.887  -12.537 -9.885  1.00 14.19 ? 4    GLN B O   1 
ATOM   312 C  CB  . GLN B 1 5  ? -7.030  -14.782 -12.324 1.00 16.98 ? 4    GLN B CB  1 
ATOM   313 C  CG  . GLN B 1 5  ? -7.115  -16.299 -12.422 1.00 15.23 ? 4    GLN B CG  1 
ATOM   314 C  CD  . GLN B 1 5  ? -6.403  -16.879 -13.623 1.00 25.04 ? 4    GLN B CD  1 
ATOM   315 O  OE1 . GLN B 1 5  ? -5.532  -16.245 -14.225 1.00 29.40 ? 4    GLN B OE1 1 
ATOM   316 N  NE2 . GLN B 1 5  ? -6.775  -18.102 -13.980 1.00 23.46 ? 4    GLN B NE2 1 
ATOM   317 N  N   . LEU B 1 6  ? -7.775  -11.773 -11.788 1.00 11.50 ? 5    LEU B N   1 
ATOM   318 C  CA  . LEU B 1 6  ? -7.452  -10.382 -11.458 1.00 12.18 ? 5    LEU B CA  1 
ATOM   319 C  C   . LEU B 1 6  ? -8.206  -9.861  -10.239 1.00 10.67 ? 5    LEU B C   1 
ATOM   320 O  O   . LEU B 1 6  ? -7.628  -9.166  -9.411  1.00 10.56 ? 5    LEU B O   1 
ATOM   321 C  CB  . LEU B 1 6  ? -7.680  -9.491  -12.682 1.00 14.33 ? 5    LEU B CB  1 
ATOM   322 C  CG  . LEU B 1 6  ? -7.018  -8.124  -12.643 1.00 17.59 ? 5    LEU B CG  1 
ATOM   323 C  CD1 . LEU B 1 6  ? -5.510  -8.221  -12.441 1.00 18.39 ? 5    LEU B CD1 1 
ATOM   324 C  CD2 . LEU B 1 6  ? -7.365  -7.403  -13.935 1.00 17.57 ? 5    LEU B CD2 1 
ATOM   325 N  N   . GLU B 1 7  ? -9.479  -10.188 -10.110 1.00 11.49 ? 6    GLU B N   1 
ATOM   326 C  CA  . GLU B 1 7  ? -10.223 -9.800  -8.923  1.00 12.89 ? 6    GLU B CA  1 
ATOM   327 C  C   . GLU B 1 7  ? -9.599  -10.324 -7.633  1.00 10.91 ? 6    GLU B C   1 
ATOM   328 O  O   . GLU B 1 7  ? -9.577  -9.610  -6.624  1.00 12.41 ? 6    GLU B O   1 
ATOM   329 C  CB  . GLU B 1 7  ? -11.669 -10.276 -9.035  1.00 15.05 ? 6    GLU B CB  1 
ATOM   330 C  CG  . GLU B 1 7  ? -12.446 -9.545  -10.103 1.00 19.91 ? 6    GLU B CG  1 
ATOM   331 C  CD  . GLU B 1 7  ? -13.801 -10.140 -10.399 1.00 25.99 ? 6    GLU B CD  1 
ATOM   332 O  OE1 . GLU B 1 7  ? -14.055 -11.294 -9.992  1.00 29.07 ? 6    GLU B OE1 1 
ATOM   333 O  OE2 . GLU B 1 7  ? -14.609 -9.436  -11.053 1.00 23.46 ? 6    GLU B OE2 1 
ATOM   334 N  N   . ASP B 1 8  ? -9.087  -11.556 -7.660  1.00 13.10 ? 7    ASP B N   1 
ATOM   335 C  CA  . ASP B 1 8  ? -8.411  -12.103 -6.472  1.00 14.11 ? 7    ASP B CA  1 
ATOM   336 C  C   . ASP B 1 8  ? -7.172  -11.267 -6.140  1.00 14.41 ? 7    ASP B C   1 
ATOM   337 O  O   . ASP B 1 8  ? -6.902  -10.955 -4.982  1.00 13.35 ? 7    ASP B O   1 
ATOM   338 C  CB  . ASP B 1 8  ? -7.962  -13.541 -6.716  1.00 13.34 ? 7    ASP B CB  1 
ATOM   339 C  CG  . ASP B 1 8  ? -9.061  -14.539 -6.570  1.00 16.70 ? 7    ASP B CG  1 
ATOM   340 O  OD1 . ASP B 1 8  ? -10.156 -14.189 -6.116  1.00 22.60 ? 7    ASP B OD1 1 
ATOM   341 O  OD2 . ASP B 1 8  ? -8.782  -15.703 -6.902  1.00 20.99 ? 7    ASP B OD2 1 
ATOM   342 N  N   . LYS B 1 9  ? -6.434  -10.875 -7.174  1.00 11.97 ? 8    LYS B N   1 
ATOM   343 C  CA  . LYS B 1 9  ? -5.213  -10.127 -7.004  1.00 12.04 ? 8    LYS B CA  1 
ATOM   344 C  C   . LYS B 1 9  ? -5.530  -8.744  -6.476  1.00 9.77  ? 8    LYS B C   1 
ATOM   345 O  O   . LYS B 1 9  ? -4.837  -8.241  -5.600  1.00 11.48 ? 8    LYS B O   1 
ATOM   346 C  CB  . LYS B 1 9  ? -4.464  -10.020 -8.324  1.00 12.25 ? 8    LYS B CB  1 
ATOM   347 C  CG  . LYS B 1 9  ? -3.011  -9.613  -8.209  1.00 19.39 ? 8    LYS B CG  1 
ATOM   348 C  CD  . LYS B 1 9  ? -2.288  -9.737  -9.563  1.00 20.39 ? 8    LYS B CD  1 
ATOM   349 C  CE  . LYS B 1 9  ? -0.884  -9.143  -9.477  1.00 20.88 ? 8    LYS B CE  1 
ATOM   350 N  NZ  . LYS B 1 9  ? -0.146  -9.155  -10.783 1.00 23.46 ? 8    LYS B NZ  1 
ATOM   351 N  N   . VAL B 1 10 ? -6.583  -8.130  -6.987  1.00 10.11 ? 9    VAL B N   1 
ATOM   352 C  CA  . VAL B 1 10 ? -7.002  -6.816  -6.500  1.00 9.24  ? 9    VAL B CA  1 
ATOM   353 C  C   . VAL B 1 10 ? -7.440  -6.855  -5.042  1.00 10.28 ? 9    VAL B C   1 
ATOM   354 O  O   . VAL B 1 10 ? -7.061  -5.979  -4.253  1.00 12.21 ? 9    VAL B O   1 
ATOM   355 C  CB  . VAL B 1 10 ? -8.078  -6.234  -7.421  1.00 9.84  ? 9    VAL B CB  1 
ATOM   356 C  CG1 . VAL B 1 10 ? -8.633  -4.971  -6.849  1.00 11.69 ? 9    VAL B CG1 1 
ATOM   357 C  CG2 . VAL B 1 10 ? -7.506  -5.988  -8.826  1.00 12.33 ? 9    VAL B CG2 1 
ATOM   358 N  N   . GLU B 1 11 ? -8.192  -7.877  -4.650  1.00 11.80 ? 10   GLU B N   1 
ATOM   359 C  CA  . GLU B 1 11 ? -8.613  -7.974  -3.261  1.00 14.86 ? 10   GLU B CA  1 
ATOM   360 C  C   . GLU B 1 11 ? -7.394  -8.234  -2.364  1.00 12.19 ? 10   GLU B C   1 
ATOM   361 O  O   . GLU B 1 11 ? -7.346  -7.751  -1.228  1.00 16.44 ? 10   GLU B O   1 
ATOM   362 C  CB  . GLU B 1 11 ? -9.717  -9.034  -3.110  1.00 20.12 ? 10   GLU B CB  1 
ATOM   363 C  CG  . GLU B 1 11 ? -10.338 -9.203  -1.701  1.00 18.89 ? 10   GLU B CG  1 
ATOM   364 C  CD  . GLU B 1 11 ? -11.075 -7.989  -1.143  1.00 30.32 ? 10   GLU B CD  1 
ATOM   365 O  OE1 . GLU B 1 11 ? -11.486 -7.083  -1.894  1.00 32.92 ? 10   GLU B OE1 1 
ATOM   366 O  OE2 . GLU B 1 11 ? -11.268 -7.965  0.091   1.00 36.27 ? 10   GLU B OE2 1 
ATOM   367 N  N   . GLU B 1 12 ? -6.402  -8.982  -2.839  1.00 14.10 ? 11   GLU B N   1 
ATOM   368 C  CA  . GLU B 1 12 ? -5.176  -9.157  -2.074  1.00 15.46 ? 11   GLU B CA  1 
ATOM   369 C  C   . GLU B 1 12 ? -4.398  -7.848  -1.900  1.00 13.85 ? 11   GLU B C   1 
ATOM   370 O  O   . GLU B 1 12 ? -3.925  -7.547  -0.817  1.00 13.29 ? 11   GLU B O   1 
ATOM   371 C  CB  . GLU B 1 12 ? -4.310  -10.247 -2.711  1.00 19.15 ? 11   GLU B CB  1 
ATOM   372 C  CG  . GLU B 1 12 ? -2.992  -10.517 -2.007  1.00 20.96 ? 11   GLU B CG  1 
ATOM   373 C  CD  . GLU B 1 12 ? -3.138  -10.951 -0.538  1.00 23.78 ? 11   GLU B CD  1 
ATOM   374 O  OE1 . GLU B 1 12 ? -4.260  -11.287 -0.094  1.00 27.06 ? 11   GLU B OE1 1 
ATOM   375 O  OE2 . GLU B 1 12 ? -2.113  -10.916 0.169   1.00 30.51 ? 11   GLU B OE2 1 
ATOM   376 N  N   . ASN B 1 13 ? -4.268  -7.061  -2.963  1.00 11.60 ? 12   ASN B N   1 
ATOM   377 C  CA  . ASN B 1 13 ? -3.620  -5.753  -2.865  1.00 12.21 ? 12   ASN B CA  1 
ATOM   378 C  C   . ASN B 1 13 ? -4.326  -4.865  -1.840  1.00 11.40 ? 12   ASN B C   1 
ATOM   379 O  O   . ASN B 1 13 ? -3.690  -4.156  -1.062  1.00 13.27 ? 12   ASN B O   1 
ATOM   380 C  CB  . ASN B 1 13 ? -3.636  -5.038  -4.225  1.00 11.61 ? 12   ASN B CB  1 
ATOM   381 C  CG  . ASN B 1 13 ? -2.526  -5.496  -5.143  1.00 12.02 ? 12   ASN B CG  1 
ATOM   382 O  OD1 . ASN B 1 13 ? -1.580  -6.141  -4.706  1.00 14.74 ? 12   ASN B OD1 1 
ATOM   383 N  ND2 . ASN B 1 13 ? -2.596  -5.092  -6.402  1.00 11.03 ? 12   ASN B ND2 1 
ATOM   384 N  N   . LEU B 1 14 ? -5.649  -4.920  -1.821  1.00 12.33 ? 13   LEU B N   1 
ATOM   385 C  CA  . LEU B 1 14 ? -6.408  -4.155  -0.837  1.00 12.00 ? 13   LEU B CA  1 
ATOM   386 C  C   . LEU B 1 14 ? -6.104  -4.615  0.593   1.00 11.69 ? 13   LEU B C   1 
ATOM   387 O  O   . LEU B 1 14 ? -5.921  -3.783  1.484   1.00 14.27 ? 13   LEU B O   1 
ATOM   388 C  CB  . LEU B 1 14 ? -7.911  -4.285  -1.105  1.00 13.10 ? 13   LEU B CB  1 
ATOM   389 C  CG  . LEU B 1 14 ? -8.845  -3.565  -0.142  1.00 13.93 ? 13   LEU B CG  1 
ATOM   390 C  CD1 . LEU B 1 14 ? -8.403  -2.124  0.026   1.00 16.89 ? 13   LEU B CD1 1 
ATOM   391 C  CD2 . LEU B 1 14 ? -10.277 -3.625  -0.676  1.00 17.51 ? 13   LEU B CD2 1 
ATOM   392 N  N   . SER B 1 15 ? -6.085  -5.929  0.812   1.00 13.98 ? 14   SER B N   1 
ATOM   393 C  CA  . SER B 1 15 ? -5.710  -6.470  2.110   1.00 15.48 ? 14   SER B CA  1 
ATOM   394 C  C   . SER B 1 15 ? -4.352  -5.946  2.548   1.00 14.35 ? 14   SER B C   1 
ATOM   395 O  O   . SER B 1 15 ? -4.189  -5.463  3.683   1.00 16.05 ? 14   SER B O   1 
ATOM   396 C  CB  A SER B 1 15 ? -5.698  -8.004  2.065   0.50 17.15 ? 14   SER B CB  1 
ATOM   397 C  CB  B SER B 1 15 ? -5.717  -7.998  2.085   0.50 17.93 ? 14   SER B CB  1 
ATOM   398 O  OG  A SER B 1 15 ? -5.353  -8.559  3.322   0.50 18.15 ? 14   SER B OG  1 
ATOM   399 O  OG  B SER B 1 15 ? -7.039  -8.476  1.942   0.50 21.43 ? 14   SER B OG  1 
ATOM   400 N  N   . LYS B 1 16 ? -3.391  -5.996  1.632   1.00 12.99 ? 15   LYS B N   1 
ATOM   401 C  CA  . LYS B 1 16 ? -2.029  -5.599  1.925   1.00 12.18 ? 15   LYS B CA  1 
ATOM   402 C  C   . LYS B 1 16 ? -1.945  -4.122  2.277   1.00 12.54 ? 15   LYS B C   1 
ATOM   403 O  O   . LYS B 1 16 ? -1.209  -3.720  3.178   1.00 12.27 ? 15   LYS B O   1 
ATOM   404 C  CB  . LYS B 1 16 ? -1.084  -5.924  0.762   1.00 13.95 ? 15   LYS B CB  1 
ATOM   405 C  CG  . LYS B 1 16 ? -0.834  -7.427  0.489   1.00 15.61 ? 15   LYS B CG  1 
ATOM   406 C  CD  . LYS B 1 16 ? 0.166   -7.571  -0.694  1.00 21.10 ? 15   LYS B CD  1 
ATOM   407 C  CE  . LYS B 1 16 ? 0.404   -8.993  -1.198  1.00 27.42 ? 15   LYS B CE  1 
ATOM   408 N  NZ  . LYS B 1 16 ? 0.505   -10.026 -0.133  1.00 33.68 ? 15   LYS B NZ  1 
ATOM   409 N  N   . VAL B 1 17 ? -2.681  -3.287  1.550   1.00 9.88  ? 16   VAL B N   1 
ATOM   410 C  CA  . VAL B 1 17 ? -2.599  -1.841  1.794   1.00 11.13 ? 16   VAL B CA  1 
ATOM   411 C  C   . VAL B 1 17 ? -3.256  -1.520  3.138   1.00 11.84 ? 16   VAL B C   1 
ATOM   412 O  O   . VAL B 1 17 ? -2.720  -0.724  3.886   1.00 12.86 ? 16   VAL B O   1 
ATOM   413 C  CB  A VAL B 1 17 ? -3.356  -1.064  0.691   0.50 13.63 ? 16   VAL B CB  1 
ATOM   414 C  CB  B VAL B 1 17 ? -3.105  -0.941  0.613   0.50 14.89 ? 16   VAL B CB  1 
ATOM   415 C  CG1 A VAL B 1 17 ? -3.384  0.419   1.001   0.50 21.86 ? 16   VAL B CG1 1 
ATOM   416 C  CG1 B VAL B 1 17 ? -4.598  -0.820  0.569   0.50 14.01 ? 16   VAL B CG1 1 
ATOM   417 C  CG2 A VAL B 1 17 ? -2.732  -1.334  -0.701  0.50 11.28 ? 16   VAL B CG2 1 
ATOM   418 C  CG2 B VAL B 1 17 ? -2.463  0.462   0.693   0.50 13.66 ? 16   VAL B CG2 1 
ATOM   419 N  N   . TYR B 1 18 ? -4.403  -2.134  3.449   1.00 12.51 ? 17   TYR B N   1 
ATOM   420 C  CA  . TYR B 1 18 ? -5.016  -1.908  4.751   1.00 11.74 ? 17   TYR B CA  1 
ATOM   421 C  C   . TYR B 1 18 ? -4.072  -2.336  5.875   1.00 12.12 ? 17   TYR B C   1 
ATOM   422 O  O   . TYR B 1 18 ? -3.955  -1.659  6.927   1.00 14.97 ? 17   TYR B O   1 
ATOM   423 C  CB  . TYR B 1 18 ? -6.340  -2.683  4.924   1.00 15.06 ? 17   TYR B CB  1 
ATOM   424 C  CG  . TYR B 1 18 ? -7.561  -2.101  4.258   1.00 21.33 ? 17   TYR B CG  1 
ATOM   425 C  CD1 . TYR B 1 18 ? -7.753  -0.737  4.150   1.00 20.83 ? 17   TYR B CD1 1 
ATOM   426 C  CD2 . TYR B 1 18 ? -8.571  -2.941  3.783   1.00 26.96 ? 17   TYR B CD2 1 
ATOM   427 C  CE1 . TYR B 1 18 ? -8.910  -0.211  3.549   1.00 24.40 ? 17   TYR B CE1 1 
ATOM   428 C  CE2 . TYR B 1 18 ? -9.725  -2.427  3.199   1.00 25.29 ? 17   TYR B CE2 1 
ATOM   429 C  CZ  . TYR B 1 18 ? -9.885  -1.061  3.092   1.00 23.58 ? 17   TYR B CZ  1 
ATOM   430 O  OH  . TYR B 1 18 ? -11.021 -0.548  2.510   1.00 26.29 ? 17   TYR B OH  1 
ATOM   431 N  N   . HIS B 1 19 ? -3.365  -3.430  5.674   1.00 12.99 ? 18   HIS B N   1 
ATOM   432 C  CA  . HIS B 1 19 ? -2.457  -3.899  6.701   1.00 16.02 ? 18   HIS B CA  1 
ATOM   433 C  C   . HIS B 1 19 ? -1.301  -2.916  6.858   1.00 14.64 ? 18   HIS B C   1 
ATOM   434 O  O   . HIS B 1 19 ? -0.909  -2.616  7.987   1.00 14.38 ? 18   HIS B O   1 
ATOM   435 C  CB  . HIS B 1 19 ? -1.937  -5.299  6.412   1.00 15.50 ? 18   HIS B CB  1 
ATOM   436 C  CG  . HIS B 1 19 ? -1.207  -5.903  7.568   1.00 20.62 ? 18   HIS B CG  1 
ATOM   437 N  ND1 . HIS B 1 19 ? -1.862  -6.444  8.655   1.00 25.01 ? 18   HIS B ND1 1 
ATOM   438 C  CD2 . HIS B 1 19 ? 0.114   -5.998  7.836   1.00 19.01 ? 18   HIS B CD2 1 
ATOM   439 C  CE1 . HIS B 1 19 ? -0.972  -6.880  9.526   1.00 27.21 ? 18   HIS B CE1 1 
ATOM   440 N  NE2 . HIS B 1 19 ? 0.233   -6.616  9.056   1.00 24.09 ? 18   HIS B NE2 1 
ATOM   441 N  N   . ASN B 1 20 ? -0.756  -2.403  5.750   1.00 13.41 ? 19   ASN B N   1 
ATOM   442 C  CA  . ASN B 1 20 ? 0.335   -1.445  5.861   1.00 12.76 ? 19   ASN B CA  1 
ATOM   443 C  C   . ASN B 1 20 ? -0.139  -0.148  6.534   1.00 11.51 ? 19   ASN B C   1 
ATOM   444 O  O   . ASN B 1 20 ? 0.596   0.468   7.289   1.00 12.18 ? 19   ASN B O   1 
ATOM   445 C  CB  A ASN B 1 20 ? 0.860   -1.044  4.453   0.50 12.35 ? 19   ASN B CB  1 
ATOM   446 C  CB  B ASN B 1 20 ? 1.057   -1.182  4.549   0.50 11.37 ? 19   ASN B CB  1 
ATOM   447 C  CG  A ASN B 1 20 ? 1.704   -2.124  3.746   0.50 14.26 ? 19   ASN B CG  1 
ATOM   448 C  CG  B ASN B 1 20 ? 2.522   -0.869  4.781   0.50 11.30 ? 19   ASN B CG  1 
ATOM   449 O  OD1 A ASN B 1 20 ? 2.172   -3.095  4.346   0.50 17.20 ? 19   ASN B OD1 1 
ATOM   450 O  OD1 B ASN B 1 20 ? 3.186   -1.539  5.588   0.50 13.07 ? 19   ASN B OD1 1 
ATOM   451 N  ND2 A ASN B 1 20 ? 1.915   -1.915  2.433   0.50 11.30 ? 19   ASN B ND2 1 
ATOM   452 N  ND2 B ASN B 1 20 ? 3.043   0.117   4.066   0.50 12.15 ? 19   ASN B ND2 1 
ATOM   453 N  N   . GLU B 1 21 ? -1.340  0.302   6.210   1.00 12.14 ? 20   GLU B N   1 
ATOM   454 C  CA  . GLU B 1 21 ? -1.907  1.508   6.815   1.00 12.69 ? 20   GLU B CA  1 
ATOM   455 C  C   . GLU B 1 21 ? -1.953  1.337   8.323   1.00 12.03 ? 20   GLU B C   1 
ATOM   456 O  O   . GLU B 1 21 ? -1.625  2.260   9.077   1.00 16.02 ? 20   GLU B O   1 
ATOM   457 C  CB  . GLU B 1 21 ? -3.333  1.731   6.290   1.00 15.96 ? 20   GLU B CB  1 
ATOM   458 C  CG  . GLU B 1 21 ? -4.034  2.882   6.957   1.00 19.87 ? 20   GLU B CG  1 
ATOM   459 C  CD  . GLU B 1 21 ? -5.305  3.297   6.253   1.00 27.26 ? 20   GLU B CD  1 
ATOM   460 O  OE1 . GLU B 1 21 ? -6.040  2.395   5.767   1.00 29.96 ? 20   GLU B OE1 1 
ATOM   461 O  OE2 . GLU B 1 21 ? -5.560  4.524   6.176   1.00 36.13 ? 20   GLU B OE2 1 
ATOM   462 N  N   . ASN B 1 22 ? -2.385  0.171   8.777   1.00 12.26 ? 21   ASN B N   1 
ATOM   463 C  CA  . ASN B 1 22 ? -2.548  -0.078  10.208  1.00 15.07 ? 21   ASN B CA  1 
ATOM   464 C  C   . ASN B 1 22 ? -1.187  -0.227  10.897  1.00 14.54 ? 21   ASN B C   1 
ATOM   465 O  O   . ASN B 1 22 ? -1.009  0.201   12.040  1.00 16.12 ? 21   ASN B O   1 
ATOM   466 C  CB  . ASN B 1 22 ? -3.467  -1.270  10.441  1.00 15.39 ? 21   ASN B CB  1 
ATOM   467 C  CG  . ASN B 1 22 ? -4.921  -0.952  10.115  1.00 18.97 ? 21   ASN B CG  1 
ATOM   468 O  OD1 . ASN B 1 22 ? -5.364  0.214   10.165  1.00 24.12 ? 21   ASN B OD1 1 
ATOM   469 N  ND2 . ASN B 1 22 ? -5.671  -1.985  9.766   1.00 21.28 ? 21   ASN B ND2 1 
ATOM   470 N  N   . GLU B 1 23 ? -0.208  -0.789  10.195  1.00 13.74 ? 22   GLU B N   1 
ATOM   471 C  CA  . GLU B 1 23 ? 1.135   -0.876  10.733  1.00 12.07 ? 22   GLU B CA  1 
ATOM   472 C  C   . GLU B 1 23 ? 1.770   0.514   10.898  1.00 11.08 ? 22   GLU B C   1 
ATOM   473 O  O   . GLU B 1 23 ? 2.460   0.744   11.888  1.00 13.29 ? 22   GLU B O   1 
ATOM   474 C  CB  . GLU B 1 23 ? 2.012   -1.749  9.857   1.00 14.21 ? 22   GLU B CB  1 
ATOM   475 C  CG  . GLU B 1 23 ? 1.616   -3.214  9.927   1.00 19.11 ? 22   GLU B CG  1 
ATOM   476 C  CD  . GLU B 1 23 ? 1.783   -3.757  11.324  1.00 24.19 ? 22   GLU B CD  1 
ATOM   477 O  OE1 . GLU B 1 23 ? 2.918   -3.660  11.842  1.00 26.35 ? 22   GLU B OE1 1 
ATOM   478 O  OE2 . GLU B 1 23 ? 0.782   -4.245  11.898  1.00 32.38 ? 22   GLU B OE2 1 
ATOM   479 N  N   . VAL B 1 24 ? 1.554   1.421   9.945   1.00 11.54 ? 23   VAL B N   1 
ATOM   480 C  CA  . VAL B 1 24 ? 2.055   2.778   10.049  1.00 11.41 ? 23   VAL B CA  1 
ATOM   481 C  C   . VAL B 1 24 ? 1.402   3.462   11.233  1.00 13.50 ? 23   VAL B C   1 
ATOM   482 O  O   . VAL B 1 24 ? 2.068   4.106   12.018  1.00 14.79 ? 23   VAL B O   1 
ATOM   483 C  CB  . VAL B 1 24 ? 1.813   3.557   8.735   1.00 14.10 ? 23   VAL B CB  1 
ATOM   484 C  CG1 . VAL B 1 24 ? 2.092   5.032   8.934   1.00 20.57 ? 23   VAL B CG1 1 
ATOM   485 C  CG2 . VAL B 1 24 ? 2.674   2.975   7.651   1.00 18.21 ? 23   VAL B CG2 1 
ATOM   486 N  N   . ALA B 1 25 ? 0.090   3.318   11.372  1.00 14.93 ? 24   ALA B N   1 
ATOM   487 C  CA  . ALA B 1 25 ? -0.643  3.956   12.463  1.00 19.41 ? 24   ALA B CA  1 
ATOM   488 C  C   . ALA B 1 25 ? -0.143  3.460   13.815  1.00 17.90 ? 24   ALA B C   1 
ATOM   489 O  O   . ALA B 1 25 ? 0.043   4.260   14.726  1.00 17.33 ? 24   ALA B O   1 
ATOM   490 C  CB  . ALA B 1 25 ? -2.148  3.708   12.304  1.00 21.73 ? 24   ALA B CB  1 
ATOM   491 N  N   . ARG B 1 26 ? 0.126   2.162   13.915  1.00 14.63 ? 25   ARG B N   1 
ATOM   492 C  CA  . ARG B 1 26 ? 0.610   1.535   15.146  1.00 16.99 ? 25   ARG B CA  1 
ATOM   493 C  C   . ARG B 1 26 ? 2.012   2.080   15.484  1.00 15.61 ? 25   ARG B C   1 
ATOM   494 O  O   . ARG B 1 26 ? 2.302   2.414   16.655  1.00 17.28 ? 25   ARG B O   1 
ATOM   495 C  CB  . ARG B 1 26 ? 0.644   0.026   14.968  1.00 19.26 ? 25   ARG B CB  1 
ATOM   496 C  CG  . ARG B 1 26 ? 1.232   -0.718  16.142  1.00 26.17 ? 25   ARG B CG  1 
ATOM   497 C  CD  . ARG B 1 26 ? 1.250   -2.226  15.919  1.00 32.41 ? 25   ARG B CD  1 
ATOM   498 N  NE  . ARG B 1 26 ? 1.994   -2.887  16.988  1.00 31.90 ? 25   ARG B NE  1 
ATOM   499 C  CZ  . ARG B 1 26 ? 3.321   -2.959  17.064  1.00 36.01 ? 25   ARG B CZ  1 
ATOM   500 N  NH1 . ARG B 1 26 ? 4.088   -2.426  16.121  1.00 34.39 ? 25   ARG B NH1 1 
ATOM   501 N  NH2 . ARG B 1 26 ? 3.889   -3.577  18.096  1.00 40.89 ? 25   ARG B NH2 1 
ATOM   502 N  N   . LEU B 1 27 ? 2.886   2.188   14.491  1.00 16.10 ? 26   LEU B N   1 
ATOM   503 C  CA  . LEU B 1 27 ? 4.229   2.706   14.754  1.00 15.40 ? 26   LEU B CA  1 
ATOM   504 C  C   . LEU B 1 27 ? 4.162   4.180   15.176  1.00 15.46 ? 26   LEU B C   1 
ATOM   505 O  O   . LEU B 1 27 ? 4.886   4.591   16.056  1.00 15.69 ? 26   LEU B O   1 
ATOM   506 C  CB  . LEU B 1 27 ? 5.164   2.526   13.556  1.00 17.35 ? 26   LEU B CB  1 
ATOM   507 C  CG  . LEU B 1 27 ? 6.679   2.605   13.877  1.00 20.00 ? 26   LEU B CG  1 
ATOM   508 C  CD1 . LEU B 1 27 ? 7.095   1.589   14.930  1.00 25.75 ? 26   LEU B CD1 1 
ATOM   509 C  CD2 . LEU B 1 27 ? 7.538   2.444   12.621  1.00 23.09 ? 26   LEU B CD2 1 
ATOM   510 N  N   . LYS B 1 28 ? 3.284   4.964   14.569  1.00 17.38 ? 27   LYS B N   1 
ATOM   511 C  CA  . LYS B 1 28 ? 3.164   6.386   14.921  1.00 17.87 ? 27   LYS B CA  1 
ATOM   512 C  C   . LYS B 1 28 ? 2.784   6.483   16.403  1.00 21.29 ? 27   LYS B C   1 
ATOM   513 O  O   . LYS B 1 28 ? 3.327   7.301   17.149  1.00 21.32 ? 27   LYS B O   1 
ATOM   514 C  CB  . LYS B 1 28 ? 2.115   7.078   14.038  1.00 23.04 ? 27   LYS B CB  1 
ATOM   515 C  CG  . LYS B 1 28 ? 2.401   8.545   13.731  1.00 34.68 ? 27   LYS B CG  1 
ATOM   516 C  CD  . LYS B 1 28 ? 1.678   9.000   12.460  1.00 44.52 ? 27   LYS B CD  1 
ATOM   517 C  CE  . LYS B 1 28 ? 2.183   8.262   11.212  1.00 49.87 ? 27   LYS B CE  1 
ATOM   518 N  NZ  . LYS B 1 28 ? 1.926   8.986   9.932   1.00 50.03 ? 27   LYS B NZ  1 
ATOM   519 N  N   . LYS B 1 29 ? 1.869   5.614   16.821  1.00 20.08 ? 28   LYS B N   1 
ATOM   520 C  CA  . LYS B 1 29 ? 1.358   5.548   18.205  1.00 22.13 ? 28   LYS B CA  1 
ATOM   521 C  C   . LYS B 1 29 ? 2.500   5.216   19.176  1.00 16.57 ? 28   LYS B C   1 
ATOM   522 O  O   . LYS B 1 29 ? 2.621   5.822   20.253  1.00 23.59 ? 28   LYS B O   1 
ATOM   523 C  CB  . LYS B 1 29 ? 0.225   4.508   18.279  1.00 26.71 ? 28   LYS B CB  1 
ATOM   524 C  CG  . LYS B 1 29 ? -0.841  4.746   19.344  1.00 29.18 ? 28   LYS B CG  1 
ATOM   525 C  CD  . LYS B 1 29 ? -2.223  4.309   18.854  1.00 37.33 ? 28   LYS B CD  1 
ATOM   526 C  CE  . LYS B 1 29 ? -2.251  2.859   18.364  1.00 46.07 ? 28   LYS B CE  1 
ATOM   527 N  NZ  . LYS B 1 29 ? -3.496  2.550   17.606  1.00 49.95 ? 28   LYS B NZ  1 
ATOM   528 N  N   . LEU B 1 30 ? 3.376   4.322   18.765  1.00 21.89 ? 29   LEU B N   1 
ATOM   529 C  CA  . LEU B 1 30 ? 4.561   3.955   19.506  1.00 21.03 ? 29   LEU B CA  1 
ATOM   530 C  C   . LEU B 1 30 ? 5.612   5.034   19.698  1.00 24.75 ? 29   LEU B C   1 
ATOM   531 O  O   . LEU B 1 30 ? 6.249   5.069   20.746  1.00 29.43 ? 29   LEU B O   1 
ATOM   532 C  CB  . LEU B 1 30 ? 5.220   2.774   18.818  1.00 28.27 ? 29   LEU B CB  1 
ATOM   533 C  CG  . LEU B 1 30 ? 6.367   2.024   19.439  1.00 30.77 ? 29   LEU B CG  1 
ATOM   534 C  CD1 . LEU B 1 30 ? 5.965   1.449   20.782  1.00 28.29 ? 29   LEU B CD1 1 
ATOM   535 C  CD2 . LEU B 1 30 ? 6.756   0.886   18.515  1.00 30.51 ? 29   LEU B CD2 1 
ATOM   536 N  N   . VAL B 1 31 ? 5.830   5.888   18.700  1.00 18.16 ? 30   VAL B N   1 
ATOM   537 C  CA  . VAL B 1 31 ? 6.927   6.851   18.742  0.50 13.16 ? 30   VAL B CA  1 
ATOM   538 C  C   . VAL B 1 31 ? 6.494   8.195   19.316  1.00 16.48 ? 30   VAL B C   1 
ATOM   539 O  O   . VAL B 1 31 ? 7.020   8.648   20.286  1.00 16.69 ? 30   VAL B O   1 
ATOM   540 C  CB  . VAL B 1 31 ? 7.559   7.070   17.349  0.50 15.08 ? 30   VAL B CB  1 
ATOM   541 C  CG1 . VAL B 1 31 ? 8.734   8.025   17.459  0.50 15.80 ? 30   VAL B CG1 1 
ATOM   542 C  CG2 . VAL B 1 31 ? 8.011   5.741   16.731  0.50 13.67 ? 30   VAL B CG2 1 
ATOM   543 N  N   . GLY B 1 32 ? 5.482   8.799   18.712  1.00 16.27 ? 31   GLY B N   1 
ATOM   544 C  CA  . GLY B 1 32 ? 5.000   10.126  19.088  1.00 18.04 ? 31   GLY B CA  1 
ATOM   545 C  C   . GLY B 1 32 ? 5.869   11.203  18.481  1.00 26.59 ? 31   GLY B C   1 
ATOM   546 O  O   . GLY B 1 32 ? 7.011   10.952  18.144  1.00 29.63 ? 31   GLY B O   1 
ATOM   547 N  N   . GLU B 1 33 ? 5.334   12.411  18.370  1.00 28.77 ? 32   GLU B N   1 
ATOM   548 C  CA  . GLU B 1 33 ? 6.068   13.514  17.764  1.00 29.16 ? 32   GLU B CA  1 
ATOM   549 C  C   . GLU B 1 33 ? 7.184   14.029  18.687  1.00 33.97 ? 32   GLU B C   1 
ATOM   550 O  O   . GLU B 1 33 ? 7.173   13.768  19.900  1.00 31.23 ? 32   GLU B O   1 
ATOM   551 C  CB  . GLU B 1 33 ? 5.116   14.639  17.379  1.00 30.36 ? 32   GLU B CB  1 
ATOM   552 C  CD  . ARG B 1 34 ? 6.109   18.227  18.561  1.00 25.24 ? 33   ARG B CD  1 
ATOM   553 N  NE  . ARG B 1 34 ? 4.822   18.632  18.002  1.00 23.77 ? 33   ARG B NE  1 
ATOM   554 C  CZ  . ARG B 1 34 ? 4.667   19.508  17.018  1.00 25.36 ? 33   ARG B CZ  1 
ATOM   555 N  NH1 . ARG B 1 34 ? 5.719   20.104  16.484  1.00 28.60 ? 33   ARG B NH1 1 
ATOM   556 N  NH2 . ARG B 1 34 ? 3.449   19.799  16.575  1.00 26.15 ? 33   ARG B NH2 1 
HETATM 557 C  C   . ACE C 1 1  ? -18.905 -4.153  -15.329 1.00 20.07 ? 0    ACE C C   1 
HETATM 558 O  O   . ACE C 1 1  ? -18.404 -3.428  -14.480 1.00 21.70 ? 0    ACE C O   1 
HETATM 559 C  CH3 . ACE C 1 1  ? -20.022 -3.665  -16.185 1.00 18.54 ? 0    ACE C CH3 1 
ATOM   560 N  N   . ARG C 1 2  ? -18.604 -5.432  -15.451 1.00 20.05 ? 1    ARG C N   1 
ATOM   561 C  CA  . ARG C 1 2  ? -17.699 -6.102  -14.522 1.00 18.34 ? 1    ARG C CA  1 
ATOM   562 C  C   . ARG C 1 2  ? -16.300 -5.479  -14.614 1.00 16.22 ? 1    ARG C C   1 
ATOM   563 O  O   . ARG C 1 2  ? -15.676 -5.202  -13.596 1.00 17.72 ? 1    ARG C O   1 
ATOM   564 C  CB  . ARG C 1 2  ? -17.643 -7.612  -14.802 1.00 25.12 ? 1    ARG C CB  1 
ATOM   565 C  CG  . ARG C 1 2  ? -16.957 -8.451  -13.707 1.00 21.04 ? 1    ARG C CG  1 
ATOM   566 C  CD  . ARG C 1 2  ? -17.102 -9.946  -13.975 1.00 28.31 ? 1    ARG C CD  1 
ATOM   567 N  NE  . ARG C 1 2  ? -16.535 -10.775 -12.913 1.00 35.99 ? 1    ARG C NE  1 
ATOM   568 C  CZ  . ARG C 1 2  ? -16.241 -12.073 -13.032 1.00 40.84 ? 1    ARG C CZ  1 
ATOM   569 N  NH1 . ARG C 1 2  ? -16.442 -12.723 -14.179 1.00 45.09 ? 1    ARG C NH1 1 
ATOM   570 N  NH2 . ARG C 1 2  ? -15.726 -12.732 -11.998 1.00 38.51 ? 1    ARG C NH2 1 
ATOM   571 N  N   . MET C 1 3  ? -15.803 -5.246  -15.830 1.00 14.10 ? 2    MET C N   1 
ATOM   572 C  CA  . MET C 1 3  ? -14.451 -4.717  -16.003 1.00 14.45 ? 2    MET C CA  1 
ATOM   573 C  C   . MET C 1 3  ? -14.383 -3.283  -15.489 1.00 12.21 ? 2    MET C C   1 
ATOM   574 O  O   . MET C 1 3  ? -13.453 -2.915  -14.809 1.00 13.75 ? 2    MET C O   1 
ATOM   575 C  CB  . MET C 1 3  ? -13.965 -4.845  -17.434 1.00 15.94 ? 2    MET C CB  1 
ATOM   576 C  CG  . MET C 1 3  ? -12.459 -4.711  -17.553 1.00 19.57 ? 2    MET C CG  1 
ATOM   577 S  SD  . MET C 1 3  ? -11.946 -4.653  -19.273 1.00 22.30 ? 2    MET C SD  1 
ATOM   578 C  CE  . MET C 1 3  ? -12.218 -6.348  -19.787 1.00 23.04 ? 2    MET C CE  1 
ATOM   579 N  N   . LYS C 1 4  ? -15.404 -2.497  -15.754 1.00 13.42 ? 3    LYS C N   1 
ATOM   580 C  CA  . LYS C 1 4  ? -15.470 -1.127  -15.247 1.00 13.75 ? 3    LYS C CA  1 
ATOM   581 C  C   . LYS C 1 4  ? -15.422 -1.102  -13.734 1.00 12.11 ? 3    LYS C C   1 
ATOM   582 O  O   . LYS C 1 4  ? -14.720 -0.284  -13.135 1.00 11.70 ? 3    LYS C O   1 
ATOM   583 C  CB  A LYS C 1 4  ? -16.706 -0.384  -15.771 0.50 16.89 ? 3    LYS C CB  1 
ATOM   584 C  CB  B LYS C 1 4  ? -16.777 -0.499  -15.742 0.50 14.08 ? 3    LYS C CB  1 
ATOM   585 C  CG  A LYS C 1 4  ? -16.945 1.018   -15.171 0.50 15.72 ? 3    LYS C CG  1 
ATOM   586 C  CG  B LYS C 1 4  ? -17.325 0.617   -14.903 0.50 12.50 ? 3    LYS C CG  1 
ATOM   587 C  CD  A LYS C 1 4  ? -15.756 1.995   -15.221 0.50 19.64 ? 3    LYS C CD  1 
ATOM   588 C  CD  B LYS C 1 4  ? -16.405 1.806   -14.868 0.50 17.95 ? 3    LYS C CD  1 
ATOM   589 C  CE  A LYS C 1 4  ? -16.114 3.303   -14.475 0.50 16.21 ? 3    LYS C CE  1 
ATOM   590 C  CE  B LYS C 1 4  ? -17.135 3.025   -14.366 0.50 20.69 ? 3    LYS C CE  1 
ATOM   591 N  NZ  A LYS C 1 4  ? -15.026 4.312   -14.473 0.50 19.82 ? 3    LYS C NZ  1 
ATOM   592 N  NZ  B LYS C 1 4  ? -18.140 3.460   -15.359 0.50 22.27 ? 3    LYS C NZ  1 
ATOM   593 N  N   . GLN C 1 5  ? -16.196 -1.969  -13.112 1.00 13.11 ? 4    GLN C N   1 
ATOM   594 C  CA  . GLN C 1 5  ? -16.221 -2.048  -11.656 1.00 11.66 ? 4    GLN C CA  1 
ATOM   595 C  C   . GLN C 1 5  ? -14.822 -2.389  -11.110 1.00 12.29 ? 4    GLN C C   1 
ATOM   596 O  O   . GLN C 1 5  ? -14.337 -1.795  -10.150 1.00 11.83 ? 4    GLN C O   1 
ATOM   597 C  CB  A GLN C 1 5  ? -17.307 -3.028  -11.202 0.50 14.82 ? 4    GLN C CB  1 
ATOM   598 C  CB  B GLN C 1 5  ? -17.237 -3.091  -11.165 0.50 14.02 ? 4    GLN C CB  1 
ATOM   599 C  CG  A GLN C 1 5  ? -18.718 -2.462  -11.445 0.50 19.34 ? 4    GLN C CG  1 
ATOM   600 C  CG  B GLN C 1 5  ? -18.677 -2.586  -11.083 0.50 17.30 ? 4    GLN C CG  1 
ATOM   601 C  CD  A GLN C 1 5  ? -19.819 -3.499  -11.372 0.50 15.37 ? 4    GLN C CD  1 
ATOM   602 C  CD  B GLN C 1 5  ? -19.579 -3.504  -10.284 0.50 17.53 ? 4    GLN C CD  1 
ATOM   603 O  OE1 A GLN C 1 5  ? -20.879 -3.350  -12.009 0.50 16.00 ? 4    GLN C OE1 1 
ATOM   604 O  OE1 B GLN C 1 5  ? -20.479 -4.137  -10.833 0.50 25.54 ? 4    GLN C OE1 1 
ATOM   605 N  NE2 A GLN C 1 5  ? -19.597 -4.541  -10.578 0.50 18.56 ? 4    GLN C NE2 1 
ATOM   606 N  NE2 B GLN C 1 5  ? -19.347 -3.578  -8.982  0.50 17.72 ? 4    GLN C NE2 1 
ATOM   607 N  N   . LEU C 1 6  ? -14.171 -3.355  -11.725 1.00 10.84 ? 5    LEU C N   1 
ATOM   608 C  CA  . LEU C 1 6  ? -12.832 -3.740  -11.284 1.00 9.28  ? 5    LEU C CA  1 
ATOM   609 C  C   . LEU C 1 6  ? -11.854 -2.554  -11.514 1.00 8.12  ? 5    LEU C C   1 
ATOM   610 O  O   . LEU C 1 6  ? -11.006 -2.297  -10.646 1.00 8.78  ? 5    LEU C O   1 
ATOM   611 C  CB  . LEU C 1 6  ? -12.334 -4.973  -12.031 1.00 12.31 ? 5    LEU C CB  1 
ATOM   612 C  CG  . LEU C 1 6  ? -11.059 -5.602  -11.484 1.00 13.71 ? 5    LEU C CG  1 
ATOM   613 C  CD1 . LEU C 1 6  ? -11.211 -5.874  -10.010 1.00 16.23 ? 5    LEU C CD1 1 
ATOM   614 C  CD2 . LEU C 1 6  ? -10.756 -6.877  -12.266 1.00 16.58 ? 5    LEU C CD2 1 
ATOM   615 N  N   . GLU C 1 7  ? -11.910 -1.815  -12.638 1.00 8.08  ? 6    GLU C N   1 
ATOM   616 C  CA  . GLU C 1 7  ? -11.113 -0.624  -12.891 1.00 8.92  ? 6    GLU C CA  1 
ATOM   617 C  C   . GLU C 1 7  ? -11.290 0.353   -11.749 1.00 8.64  ? 6    GLU C C   1 
ATOM   618 O  O   . GLU C 1 7  ? -10.334 0.911   -11.264 1.00 9.45  ? 6    GLU C O   1 
ATOM   619 C  CB  . GLU C 1 7  ? -11.447 0.012   -14.232 1.00 10.96 ? 6    GLU C CB  1 
ATOM   620 C  CG  . GLU C 1 7  ? -11.025 -0.874  -15.387 1.00 11.19 ? 6    GLU C CG  1 
ATOM   621 C  CD  . GLU C 1 7  ? -11.555 -0.448  -16.727 1.00 15.01 ? 6    GLU C CD  1 
ATOM   622 O  OE1 . GLU C 1 7  ? -12.558 0.281   -16.771 1.00 15.00 ? 6    GLU C OE1 1 
ATOM   623 O  OE2 . GLU C 1 7  ? -10.969 -0.886  -17.748 1.00 14.85 ? 6    GLU C OE2 1 
ATOM   624 N  N   . ASP C 1 8  ? -12.527 0.597   -11.333 1.00 9.32  ? 7    ASP C N   1 
ATOM   625 C  CA  . ASP C 1 8  ? -12.799 1.511   -10.232 1.00 10.03 ? 7    ASP C CA  1 
ATOM   626 C  C   . ASP C 1 8  ? -12.133 1.023   -8.945  1.00 10.07 ? 7    ASP C C   1 
ATOM   627 O  O   . ASP C 1 8  ? -11.619 1.827   -8.160  1.00 10.97 ? 7    ASP C O   1 
ATOM   628 C  CB  . ASP C 1 8  ? -14.289 1.636   -10.026 1.00 12.20 ? 7    ASP C CB  1 
ATOM   629 C  CG  . ASP C 1 8  ? -14.948 2.530   -11.061 1.00 14.52 ? 7    ASP C CG  1 
ATOM   630 O  OD1 . ASP C 1 8  ? -14.240 3.175   -11.879 1.00 15.23 ? 7    ASP C OD1 1 
ATOM   631 O  OD2 . ASP C 1 8  ? -16.188 2.606   -11.020 1.00 16.60 ? 7    ASP C OD2 1 
ATOM   632 N  N   . LYS C 1 9  ? -12.196 -0.276  -8.670  1.00 9.01  ? 8    LYS C N   1 
ATOM   633 C  CA  . LYS C 1 9  ? -11.567 -0.831  -7.466  1.00 8.94  ? 8    LYS C CA  1 
ATOM   634 C  C   . LYS C 1 9  ? -10.058 -0.630  -7.514  1.00 8.53  ? 8    LYS C C   1 
ATOM   635 O  O   . LYS C 1 9  ? -9.427  -0.325  -6.505  1.00 8.62  ? 8    LYS C O   1 
ATOM   636 C  CB  . LYS C 1 9  ? -11.887 -2.314  -7.294  1.00 10.87 ? 8    LYS C CB  1 
ATOM   637 C  CG  . LYS C 1 9  ? -11.548 -2.839  -5.916  1.00 15.76 ? 8    LYS C CG  1 
ATOM   638 C  CD  . LYS C 1 9  ? -12.079 -4.231  -5.744  1.00 19.50 ? 8    LYS C CD  1 
ATOM   639 C  CE  . LYS C 1 9  ? -11.719 -4.792  -4.383  1.00 21.18 ? 8    LYS C CE  1 
ATOM   640 N  NZ  . LYS C 1 9  ? -12.219 -6.188  -4.202  1.00 20.34 ? 8    LYS C NZ  1 
ATOM   641 N  N   . VAL C 1 10 ? -9.460  -0.855  -8.679  1.00 9.26  ? 9    VAL C N   1 
ATOM   642 C  CA  . VAL C 1 10 ? -8.028  -0.666  -8.834  1.00 7.55  ? 9    VAL C CA  1 
ATOM   643 C  C   . VAL C 1 10 ? -7.598  0.793   -8.661  1.00 7.59  ? 9    VAL C C   1 
ATOM   644 O  O   . VAL C 1 10 ? -6.580  1.073   -8.058  1.00 9.14  ? 9    VAL C O   1 
ATOM   645 C  CB  . VAL C 1 10 ? -7.553  -1.220  -10.185 1.00 8.52  ? 9    VAL C CB  1 
ATOM   646 C  CG1 . VAL C 1 10 ? -6.140  -0.828  -10.492 1.00 9.87  ? 9    VAL C CG1 1 
ATOM   647 C  CG2 . VAL C 1 10 ? -7.709  -2.759  -10.199 1.00 11.44 ? 9    VAL C CG2 1 
ATOM   648 N  N   . GLU C 1 11 ? -8.413  1.709   -9.151  1.00 9.15  ? 10   GLU C N   1 
ATOM   649 C  CA  . GLU C 1 11 ? -8.130  3.126   -8.954  1.00 9.42  ? 10   GLU C CA  1 
ATOM   650 C  C   . GLU C 1 11 ? -8.203  3.474   -7.466  1.00 9.80  ? 10   GLU C C   1 
ATOM   651 O  O   . GLU C 1 11 ? -7.400  4.230   -6.954  1.00 10.07 ? 10   GLU C O   1 
ATOM   652 C  CB  . GLU C 1 11 ? -9.100  3.976   -9.776  1.00 14.59 ? 10   GLU C CB  1 
ATOM   653 C  CG  . GLU C 1 11 ? -8.461  4.544   -11.052 1.00 32.30 ? 10   GLU C CG  1 
ATOM   654 C  CD  . GLU C 1 11 ? -7.520  5.721   -10.767 1.00 39.22 ? 10   GLU C CD  1 
ATOM   655 O  OE1 . GLU C 1 11 ? -8.015  6.811   -10.394 1.00 48.05 ? 10   GLU C OE1 1 
ATOM   656 O  OE2 . GLU C 1 11 ? -6.287  5.572   -10.921 1.00 28.09 ? 10   GLU C OE2 1 
ATOM   657 N  N   . GLU C 1 12 ? -9.175  2.904   -6.765  1.00 9.73  ? 11   GLU C N   1 
ATOM   658 C  CA  . GLU C 1 12 ? -9.308  3.123   -5.304  1.00 9.53  ? 11   GLU C CA  1 
ATOM   659 C  C   . GLU C 1 12 ? -8.087  2.542   -4.585  1.00 10.55 ? 11   GLU C C   1 
ATOM   660 O  O   . GLU C 1 12 ? -7.518  3.160   -3.696  1.00 9.96  ? 11   GLU C O   1 
ATOM   661 C  CB  . GLU C 1 12 ? -10.653 2.581   -4.739  1.00 11.74 ? 11   GLU C CB  1 
ATOM   662 C  CG  . GLU C 1 12 ? -11.887 3.417   -5.145  1.00 18.14 ? 11   GLU C CG  1 
ATOM   663 C  CD  . GLU C 1 12 ? -11.843 4.887   -4.695  1.00 21.65 ? 11   GLU C CD  1 
ATOM   664 O  OE1 . GLU C 1 12 ? -11.043 5.247   -3.782  1.00 19.30 ? 11   GLU C OE1 1 
ATOM   665 O  OE2 . GLU C 1 12 ? -12.630 5.671   -5.272  1.00 20.66 ? 11   GLU C OE2 1 
ATOM   666 N  N   . ASN C 1 13 ? -7.638  1.368   -4.996  1.00 9.22  ? 12   ASN C N   1 
ATOM   667 C  CA  . ASN C 1 13 ? -6.433  0.792   -4.379  1.00 10.23 ? 12   ASN C CA  1 
ATOM   668 C  C   . ASN C 1 13 ? -5.212  1.680   -4.608  1.00 8.45  ? 12   ASN C C   1 
ATOM   669 O  O   . ASN C 1 13 ? -4.395  1.918   -3.744  1.00 10.01 ? 12   ASN C O   1 
ATOM   670 C  CB  . ASN C 1 13 ? -6.141  -0.609  -4.948  1.00 8.77  ? 12   ASN C CB  1 
ATOM   671 C  CG  . ASN C 1 13 ? -6.910  -1.700  -4.284  1.00 10.89 ? 12   ASN C CG  1 
ATOM   672 O  OD1 . ASN C 1 13 ? -7.674  -1.488  -3.335  1.00 12.99 ? 12   ASN C OD1 1 
ATOM   673 N  ND2 . ASN C 1 13 ? -6.708  -2.911  -4.793  1.00 11.32 ? 12   ASN C ND2 1 
ATOM   674 N  N   . LEU C 1 14 ? -5.076  2.206   -5.806  1.00 8.74  ? 13   LEU C N   1 
ATOM   675 C  CA  . LEU C 1 14 ? -3.992  3.160   -6.118  1.00 8.13  ? 13   LEU C CA  1 
ATOM   676 C  C   . LEU C 1 14 ? -4.037  4.419   -5.232  1.00 8.19  ? 13   LEU C C   1 
ATOM   677 O  O   . LEU C 1 14 ? -3.019  4.827   -4.715  1.00 10.06 ? 13   LEU C O   1 
ATOM   678 C  CB  . LEU C 1 14 ? -3.983  3.613   -7.579  1.00 10.03 ? 13   LEU C CB  1 
ATOM   679 C  CG  . LEU C 1 14 ? -2.798  4.463   -8.054  1.00 13.16 ? 13   LEU C CG  1 
ATOM   680 C  CD1 . LEU C 1 14 ? -1.451  3.884   -7.596  1.00 21.16 ? 13   LEU C CD1 1 
ATOM   681 C  CD2 . LEU C 1 14 ? -2.793  4.694   -9.551  1.00 17.39 ? 13   LEU C CD2 1 
ATOM   682 N  N   . SER C 1 15 ? -5.227  4.954   -5.017  1.00 9.14  ? 14   SER C N   1 
ATOM   683 C  CA  . SER C 1 15 ? -5.404  6.036   -4.061  1.00 11.05 ? 14   SER C CA  1 
ATOM   684 C  C   . SER C 1 15 ? -4.926  5.657   -2.656  1.00 11.37 ? 14   SER C C   1 
ATOM   685 O  O   . SER C 1 15 ? -4.217  6.424   -2.002  1.00 11.08 ? 14   SER C O   1 
ATOM   686 C  CB  A SER C 1 15 ? -6.874  6.453   -4.022  0.50 10.72 ? 14   SER C CB  1 
ATOM   687 C  CB  B SER C 1 15 ? -6.865  6.471   -3.987  0.50 13.04 ? 14   SER C CB  1 
ATOM   688 O  OG  A SER C 1 15 ? -7.072  7.466   -3.071  0.50 11.97 ? 14   SER C OG  1 
ATOM   689 O  OG  B SER C 1 15 ? -7.244  7.059   -5.204  0.50 14.71 ? 14   SER C OG  1 
ATOM   690 N  N   . LYS C 1 16 ? -5.328  4.487   -2.181  1.00 9.39  ? 15   LYS C N   1 
ATOM   691 C  CA  . LYS C 1 16 ? -4.928  4.028   -0.876  1.00 8.26  ? 15   LYS C CA  1 
ATOM   692 C  C   . LYS C 1 16 ? -3.435  3.816   -0.763  1.00 8.78  ? 15   LYS C C   1 
ATOM   693 O  O   . LYS C 1 16 ? -2.828  4.160   0.257   1.00 10.95 ? 15   LYS C O   1 
ATOM   694 C  CB  . LYS C 1 16 ? -5.650  2.758   -0.446  1.00 10.10 ? 15   LYS C CB  1 
ATOM   695 C  CG  . LYS C 1 16 ? -7.148  2.838   -0.354  1.00 10.97 ? 15   LYS C CG  1 
ATOM   696 C  CD  . LYS C 1 16 ? -7.720  1.520   0.161   1.00 13.81 ? 15   LYS C CD  1 
ATOM   697 C  CE  . LYS C 1 16 ? -9.232  1.547   0.487   1.00 18.50 ? 15   LYS C CE  1 
ATOM   698 N  NZ  . LYS C 1 16 ? -10.097 1.993   -0.604  1.00 22.90 ? 15   LYS C NZ  1 
ATOM   699 N  N   . VAL C 1 17 ? -2.831  3.266   -1.822  1.00 8.72  ? 16   VAL C N   1 
ATOM   700 C  CA  . VAL C 1 17 ? -1.394  3.116   -1.864  1.00 9.73  ? 16   VAL C CA  1 
ATOM   701 C  C   . VAL C 1 17 ? -0.674  4.438   -1.758  1.00 10.41 ? 16   VAL C C   1 
ATOM   702 O  O   . VAL C 1 17 ? 0.293   4.557   -1.027  1.00 10.37 ? 16   VAL C O   1 
ATOM   703 C  CB  . VAL C 1 17 ? -0.961  2.305   -3.107  1.00 11.22 ? 16   VAL C CB  1 
ATOM   704 C  CG1 . VAL C 1 17 ? 0.576   2.375   -3.313  1.00 14.41 ? 16   VAL C CG1 1 
ATOM   705 C  CG2 . VAL C 1 17 ? -1.468  0.859   -2.929  1.00 13.19 ? 16   VAL C CG2 1 
ATOM   706 N  N   . TYR C 1 18 ? -1.164  5.419   -2.489  1.00 10.82 ? 17   TYR C N   1 
ATOM   707 C  CA  . TYR C 1 18 ? -0.634  6.774   -2.457  1.00 11.76 ? 17   TYR C CA  1 
ATOM   708 C  C   . TYR C 1 18 ? -0.716  7.382   -1.066  1.00 12.01 ? 17   TYR C C   1 
ATOM   709 O  O   . TYR C 1 18 ? 0.273   7.926   -0.556  1.00 13.72 ? 17   TYR C O   1 
ATOM   710 C  CB  . TYR C 1 18 ? -1.394  7.635   -3.489  1.00 12.81 ? 17   TYR C CB  1 
ATOM   711 C  CG  . TYR C 1 18 ? -1.080  9.112   -3.403  1.00 13.49 ? 17   TYR C CG  1 
ATOM   712 C  CD1 . TYR C 1 18 ? 0.135   9.618   -3.835  1.00 15.04 ? 17   TYR C CD1 1 
ATOM   713 C  CD2 . TYR C 1 18 ? -2.011  9.998   -2.909  1.00 11.74 ? 17   TYR C CD2 1 
ATOM   714 C  CE1 . TYR C 1 18 ? 0.414   10.993  -3.733  1.00 14.39 ? 17   TYR C CE1 1 
ATOM   715 C  CE2 . TYR C 1 18 ? -1.749  11.347  -2.818  1.00 12.82 ? 17   TYR C CE2 1 
ATOM   716 C  CZ  . TYR C 1 18 ? -0.554  11.829  -3.236  1.00 14.86 ? 17   TYR C CZ  1 
ATOM   717 O  OH  . TYR C 1 18 ? -0.368  13.160  -3.090  1.00 16.23 ? 17   TYR C OH  1 
ATOM   718 N  N   . HIS C 1 19 ? -1.866  7.272   -0.434  1.00 11.72 ? 18   HIS C N   1 
ATOM   719 C  CA  . HIS C 1 19 ? -2.011  7.805   0.911   1.00 13.24 ? 18   HIS C CA  1 
ATOM   720 C  C   . HIS C 1 19 ? -1.027  7.117   1.866   1.00 13.60 ? 18   HIS C C   1 
ATOM   721 O  O   . HIS C 1 19 ? -0.404  7.750   2.707   1.00 12.91 ? 18   HIS C O   1 
ATOM   722 C  CB  . HIS C 1 19 ? -3.454  7.641   1.377   1.00 15.69 ? 18   HIS C CB  1 
ATOM   723 C  CG  . HIS C 1 19 ? -4.403  8.615   0.762   1.00 21.81 ? 18   HIS C CG  1 
ATOM   724 N  ND1 . HIS C 1 19 ? -5.530  8.235   0.068   1.00 27.28 ? 18   HIS C ND1 1 
ATOM   725 C  CD2 . HIS C 1 19 ? -4.389  9.966   0.744   1.00 25.34 ? 18   HIS C CD2 1 
ATOM   726 C  CE1 . HIS C 1 19 ? -6.163  9.312   -0.360  1.00 25.07 ? 18   HIS C CE1 1 
ATOM   727 N  NE2 . HIS C 1 19 ? -5.490  10.375  0.036   1.00 28.39 ? 18   HIS C NE2 1 
ATOM   728 N  N   . ASN C 1 20 ? -0.937  5.805   1.769   1.00 11.76 ? 19   ASN C N   1 
ATOM   729 C  CA  . ASN C 1 20 ? 0.059   5.068   2.550   1.00 11.68 ? 19   ASN C CA  1 
ATOM   730 C  C   . ASN C 1 20 ? 1.515   5.526   2.283   1.00 8.78  ? 19   ASN C C   1 
ATOM   731 O  O   . ASN C 1 20 ? 2.307   5.663   3.232   1.00 11.28 ? 19   ASN C O   1 
ATOM   732 C  CB  A ASN C 1 20 ? 0.000   3.558   2.288   0.50 11.87 ? 19   ASN C CB  1 
ATOM   733 C  CB  B ASN C 1 20 ? -0.167  3.576   2.266   0.50 12.13 ? 19   ASN C CB  1 
ATOM   734 C  CG  A ASN C 1 20 ? -1.117  2.888   3.009   0.50 11.53 ? 19   ASN C CG  1 
ATOM   735 C  CG  B ASN C 1 20 ? 0.592   2.675   3.173   0.50 11.44 ? 19   ASN C CG  1 
ATOM   736 O  OD1 A ASN C 1 20 ? -1.833  3.520   3.799   0.50 14.44 ? 19   ASN C OD1 1 
ATOM   737 O  OD1 B ASN C 1 20 ? 1.293   1.790   2.702   0.50 11.37 ? 19   ASN C OD1 1 
ATOM   738 N  ND2 A ASN C 1 20 ? -1.271  1.576   2.776   0.50 12.30 ? 19   ASN C ND2 1 
ATOM   739 N  ND2 B ASN C 1 20 ? 0.428   2.851   4.478   0.50 15.86 ? 19   ASN C ND2 1 
ATOM   740 N  N   . GLU C 1 21 ? 1.874   5.766   1.023   1.00 10.67 ? 20   GLU C N   1 
ATOM   741 C  CA  . GLU C 1 21 ? 3.203   6.303   0.680   1.00 11.52 ? 20   GLU C CA  1 
ATOM   742 C  C   . GLU C 1 21 ? 3.462   7.582   1.473   1.00 9.86  ? 20   GLU C C   1 
ATOM   743 O  O   . GLU C 1 21 ? 4.545   7.796   2.009   1.00 13.75 ? 20   GLU C O   1 
ATOM   744 C  CB  . GLU C 1 21 ? 3.384   6.558   -0.837  1.00 13.46 ? 20   GLU C CB  1 
ATOM   745 C  CG  . GLU C 1 21 ? 3.452   5.292   -1.665  1.00 17.97 ? 20   GLU C CG  1 
ATOM   746 C  CD  . GLU C 1 21 ? 3.451   5.539   -3.161  1.00 21.87 ? 20   GLU C CD  1 
ATOM   747 O  OE1 . GLU C 1 21 ? 2.920   6.576   -3.630  1.00 27.70 ? 20   GLU C OE1 1 
ATOM   748 O  OE2 . GLU C 1 21 ? 3.971   4.662   -3.877  1.00 24.71 ? 20   GLU C OE2 1 
ATOM   749 N  N   . ASN C 1 22 ? 2.461   8.448   1.525   1.00 11.62 ? 21   ASN C N   1 
ATOM   750 C  CA  . ASN C 1 22 ? 2.636   9.735   2.193   1.00 14.26 ? 21   ASN C CA  1 
ATOM   751 C  C   . ASN C 1 22 ? 2.779   9.560   3.686   1.00 11.28 ? 21   ASN C C   1 
ATOM   752 O  O   . ASN C 1 22 ? 3.550   10.280  4.339   1.00 13.54 ? 21   ASN C O   1 
ATOM   753 C  CB  . ASN C 1 22 ? 1.467   10.646  1.876   1.00 13.60 ? 21   ASN C CB  1 
ATOM   754 C  CG  . ASN C 1 22 ? 1.386   10.975  0.403   1.00 18.31 ? 21   ASN C CG  1 
ATOM   755 O  OD1 . ASN C 1 22 ? 2.399   11.016  -0.276  1.00 22.46 ? 21   ASN C OD1 1 
ATOM   756 N  ND2 . ASN C 1 22 ? 0.177   11.203  -0.096  1.00 19.32 ? 21   ASN C ND2 1 
ATOM   757 N  N   . GLU C 1 23 ? 2.016   8.636   4.260   1.00 10.82 ? 22   GLU C N   1 
ATOM   758 C  CA  . GLU C 1 23 ? 2.114   8.377   5.692   1.00 12.44 ? 22   GLU C CA  1 
ATOM   759 C  C   . GLU C 1 23 ? 3.457   7.773   6.028   1.00 13.16 ? 22   GLU C C   1 
ATOM   760 O  O   . GLU C 1 23 ? 4.020   8.094   7.071   1.00 13.90 ? 22   GLU C O   1 
ATOM   761 C  CB  . GLU C 1 23 ? 0.970   7.515   6.205   1.00 13.77 ? 22   GLU C CB  1 
ATOM   762 C  CG  . GLU C 1 23 ? -0.381  8.212   6.131   1.00 19.60 ? 22   GLU C CG  1 
ATOM   763 C  CD  . GLU C 1 23 ? -0.385  9.576   6.821   1.00 32.77 ? 22   GLU C CD  1 
ATOM   764 O  OE1 . GLU C 1 23 ? 0.219   9.698   7.906   1.00 39.65 ? 22   GLU C OE1 1 
ATOM   765 O  OE2 . GLU C 1 23 ? -0.978  10.523  6.273   1.00 36.95 ? 22   GLU C OE2 1 
ATOM   766 N  N   . VAL C 1 24 ? 3.968   6.889   5.175   1.00 13.63 ? 23   VAL C N   1 
ATOM   767 C  CA  . VAL C 1 24 ? 5.294   6.326   5.372   1.00 14.63 ? 23   VAL C CA  1 
ATOM   768 C  C   . VAL C 1 24 ? 6.356   7.417   5.352   1.00 13.43 ? 23   VAL C C   1 
ATOM   769 O  O   . VAL C 1 24 ? 7.282   7.409   6.180   1.00 14.07 ? 23   VAL C O   1 
ATOM   770 C  CB  . VAL C 1 24 ? 5.590   5.249   4.311   1.00 14.35 ? 23   VAL C CB  1 
ATOM   771 C  CG1 . VAL C 1 24 ? 7.079   4.874   4.297   1.00 16.63 ? 23   VAL C CG1 1 
ATOM   772 C  CG2 . VAL C 1 24 ? 4.693   4.062   4.559   1.00 15.98 ? 23   VAL C CG2 1 
ATOM   773 N  N   . ALA C 1 25 ? 6.237   8.379   4.437   1.00 12.86 ? 24   ALA C N   1 
ATOM   774 C  CA  . ALA C 1 25 ? 7.203   9.473   4.351   1.00 14.80 ? 24   ALA C CA  1 
ATOM   775 C  C   . ALA C 1 25 ? 7.181   10.267  5.662   1.00 12.30 ? 24   ALA C C   1 
ATOM   776 O  O   . ALA C 1 25 ? 8.221   10.687  6.174   1.00 14.91 ? 24   ALA C O   1 
ATOM   777 C  CB  . ALA C 1 25 ? 6.917   10.399  3.138   1.00 16.63 ? 24   ALA C CB  1 
ATOM   778 N  N   . ARG C 1 26 ? 5.998   10.492  6.196   1.00 11.90 ? 25   ARG C N   1 
ATOM   779 C  CA  . ARG C 1 26 ? 5.871   11.191  7.456   1.00 11.87 ? 25   ARG C CA  1 
ATOM   780 C  C   . ARG C 1 26 ? 6.508   10.411  8.596   1.00 12.27 ? 25   ARG C C   1 
ATOM   781 O  O   . ARG C 1 26 ? 7.203   10.993  9.419   1.00 14.60 ? 25   ARG C O   1 
ATOM   782 C  CB  . ARG C 1 26 ? 4.411   11.515  7.747   1.00 15.44 ? 25   ARG C CB  1 
ATOM   783 C  CG  . ARG C 1 26 ? 3.849   12.660  6.924   1.00 21.39 ? 25   ARG C CG  1 
ATOM   784 C  CD  . ARG C 1 26 ? 2.394   12.860  7.317   1.00 27.07 ? 25   ARG C CD  1 
ATOM   785 N  NE  . ARG C 1 26 ? 1.757   13.977  6.637   1.00 33.47 ? 25   ARG C NE  1 
ATOM   786 C  CZ  . ARG C 1 26 ? 1.020   13.891  5.531   1.00 39.50 ? 25   ARG C CZ  1 
ATOM   787 N  NH1 . ARG C 1 26 ? 0.799   12.720  4.923   1.00 34.17 ? 25   ARG C NH1 1 
ATOM   788 N  NH2 . ARG C 1 26 ? 0.495   15.005  5.027   1.00 42.01 ? 25   ARG C NH2 1 
ATOM   789 N  N   . LEU C 1 27 ? 6.303   9.097   8.621   1.00 12.64 ? 26   LEU C N   1 
ATOM   790 C  CA  . LEU C 1 27 ? 6.885   8.223   9.661   1.00 14.73 ? 26   LEU C CA  1 
ATOM   791 C  C   . LEU C 1 27 ? 8.429   8.268   9.561   1.00 14.13 ? 26   LEU C C   1 
ATOM   792 O  O   . LEU C 1 27 ? 9.120   8.258   10.573  1.00 15.12 ? 26   LEU C O   1 
ATOM   793 C  CB  . LEU C 1 27 ? 6.370   6.790   9.457   1.00 19.28 ? 26   LEU C CB  1 
ATOM   794 C  CG  . LEU C 1 27 ? 5.894   5.886   10.606  1.00 29.50 ? 26   LEU C CG  1 
ATOM   795 C  CD1 . LEU C 1 27 ? 6.195   4.422   10.226  1.00 33.31 ? 26   LEU C CD1 1 
ATOM   796 C  CD2 . LEU C 1 27 ? 6.477   6.214   11.949  1.00 20.91 ? 26   LEU C CD2 1 
ATOM   797 N  N   . LYS C 1 28 ? 8.962   8.354   8.346   1.00 14.49 ? 27   LYS C N   1 
ATOM   798 C  CA  . LYS C 1 28 ? 10.399  8.370   8.122   1.00 13.46 ? 27   LYS C CA  1 
ATOM   799 C  C   . LYS C 1 28 ? 10.990  9.602   8.791   1.00 12.53 ? 27   LYS C C   1 
ATOM   800 O  O   . LYS C 1 28 ? 12.013  9.516   9.453   1.00 17.09 ? 27   LYS C O   1 
ATOM   801 C  CB  . LYS C 1 28 ? 10.666  8.402   6.623   1.00 16.03 ? 27   LYS C CB  1 
ATOM   802 C  CG  . LYS C 1 28 ? 11.979  7.875   6.133   1.00 27.14 ? 27   LYS C CG  1 
ATOM   803 C  CD  . LYS C 1 28 ? 11.990  7.756   4.583   1.00 25.62 ? 27   LYS C CD  1 
ATOM   804 C  CE  . LYS C 1 28 ? 11.097  6.608   4.072   1.00 31.21 ? 27   LYS C CE  1 
ATOM   805 N  NZ  . LYS C 1 28 ? 11.325  6.275   2.619   1.00 34.10 ? 27   LYS C NZ  1 
ATOM   806 N  N   . LYS C 1 29 ? 10.273  10.707  8.723   1.00 13.90 ? 28   LYS C N   1 
ATOM   807 C  CA  . LYS C 1 29 ? 10.746  11.943  9.321   1.00 18.41 ? 28   LYS C CA  1 
ATOM   808 C  C   . LYS C 1 29 ? 10.674  11.786  10.843  1.00 18.35 ? 28   LYS C C   1 
ATOM   809 O  O   . LYS C 1 29 ? 11.574  12.205  11.559  1.00 21.40 ? 28   LYS C O   1 
ATOM   810 C  CB  . LYS C 1 29 ? 9.910   13.134  8.857   1.00 17.83 ? 28   LYS C CB  1 
ATOM   811 C  CG  . LYS C 1 29 ? 10.167  13.617  7.429   1.00 26.84 ? 28   LYS C CG  1 
ATOM   812 C  CD  . LYS C 1 29 ? 9.439   14.947  7.136   1.00 32.74 ? 28   LYS C CD  1 
ATOM   813 C  CE  . LYS C 1 29 ? 9.779   16.039  8.170   1.00 40.66 ? 28   LYS C CE  1 
ATOM   814 N  NZ  . LYS C 1 29 ? 9.594   17.444  7.677   1.00 42.41 ? 28   LYS C NZ  1 
ATOM   815 N  N   . LEU C 1 30 ? 9.604   11.164  11.323  1.00 14.74 ? 29   LEU C N   1 
ATOM   816 C  CA  . LEU C 1 30 ? 9.373   10.958  12.768  1.00 14.54 ? 29   LEU C CA  1 
ATOM   817 C  C   . LEU C 1 30 ? 10.407  10.057  13.460  1.00 15.08 ? 29   LEU C C   1 
ATOM   818 O  O   . LEU C 1 30 ? 10.694  10.220  14.661  1.00 15.10 ? 29   LEU C O   1 
ATOM   819 C  CB  . LEU C 1 30 ? 7.975   10.339  12.991  1.00 17.15 ? 29   LEU C CB  1 
ATOM   820 C  CG  . LEU C 1 30 ? 6.846   11.311  13.296  1.00 28.93 ? 29   LEU C CG  1 
ATOM   821 C  CD1 . LEU C 1 30 ? 5.475   10.665  13.102  1.00 33.78 ? 29   LEU C CD1 1 
ATOM   822 C  CD2 . LEU C 1 30 ? 7.007   11.783  14.714  1.00 30.02 ? 29   LEU C CD2 1 
ATOM   823 N  N   . VAL C 1 31 ? 10.934  9.072   12.736  1.00 14.47 ? 30   VAL C N   1 
ATOM   824 C  CA  . VAL C 1 31 ? 11.863  8.088   13.338  1.00 14.05 ? 30   VAL C CA  1 
ATOM   825 C  C   . VAL C 1 31 ? 13.326  8.255   12.913  1.00 16.19 ? 30   VAL C C   1 
ATOM   826 O  O   . VAL C 1 31 ? 14.217  7.594   13.452  1.00 16.14 ? 30   VAL C O   1 
ATOM   827 C  CB  . VAL C 1 31 ? 11.422  6.639   13.074  1.00 17.07 ? 30   VAL C CB  1 
ATOM   828 C  CG1 . VAL C 1 31 ? 9.957   6.447   13.441  1.00 23.13 ? 30   VAL C CG1 1 
ATOM   829 C  CG2 . VAL C 1 31 ? 11.709  6.263   11.643  1.00 18.52 ? 30   VAL C CG2 1 
ATOM   830 N  N   . GLY C 1 32 ? 13.572  9.134   11.949  1.00 18.05 ? 31   GLY C N   1 
ATOM   831 C  CA  . GLY C 1 32 ? 14.922  9.448   11.552  1.00 21.45 ? 31   GLY C CA  1 
ATOM   832 C  C   . GLY C 1 32 ? 15.555  10.376  12.551  1.00 26.04 ? 31   GLY C C   1 
ATOM   833 O  O   . GLY C 1 32 ? 14.877  10.993  13.382  1.00 24.20 ? 31   GLY C O   1 
ATOM   834 N  N   . GLU C 1 33 ? 16.876  10.464  12.483  1.00 27.72 ? 32   GLU C N   1 
ATOM   835 C  CA  . GLU C 1 33 ? 17.572  11.473  13.231  1.00 29.89 ? 32   GLU C CA  1 
ATOM   836 C  C   . GLU C 1 33 ? 17.062  12.828  12.769  1.00 36.81 ? 32   GLU C C   1 
ATOM   837 O  O   . GLU C 1 33 ? 17.105  13.135  11.585  1.00 41.94 ? 32   GLU C O   1 
ATOM   838 C  CB  . GLU C 1 33 ? 19.081  11.376  13.008  1.00 24.29 ? 32   GLU C CB  1 
ATOM   839 C  CG  . GLU C 1 33 ? 19.848  12.347  13.871  1.00 25.19 ? 32   GLU C CG  1 
ATOM   840 C  CD  . GLU C 1 33 ? 21.290  11.967  14.072  1.00 25.38 ? 32   GLU C CD  1 
ATOM   841 O  OE1 . GLU C 1 33 ? 21.717  10.911  13.548  1.00 23.15 ? 32   GLU C OE1 1 
ATOM   842 O  OE2 . GLU C 1 33 ? 21.992  12.739  14.766  1.00 27.87 ? 32   GLU C OE2 1 
ATOM   843 N  N   . ARG C 1 34 ? 16.610  13.628  13.717  1.00 43.57 ? 33   ARG C N   1 
ATOM   844 C  CA  . ARG C 1 34 ? 16.069  14.962  13.480  1.00 47.72 ? 33   ARG C CA  1 
ATOM   845 C  C   . ARG C 1 34 ? 15.003  15.088  12.393  1.00 53.15 ? 33   ARG C C   1 
ATOM   846 O  O   . ARG C 1 34 ? 13.953  15.660  12.651  1.00 55.49 ? 33   ARG C O   1 
ATOM   847 C  CB  . ARG C 1 34 ? 17.210  15.913  13.223  1.00 43.53 ? 33   ARG C CB  1 
ATOM   848 C  CG  . ARG C 1 34 ? 18.221  15.808  14.304  1.00 39.43 ? 33   ARG C CG  1 
ATOM   849 C  CD  . ARG C 1 34 ? 17.897  16.747  15.415  1.00 40.14 ? 33   ARG C CD  1 
ATOM   850 N  NE  . ARG C 1 34 ? 18.011  16.140  16.723  1.00 40.40 ? 33   ARG C NE  1 
ATOM   851 C  CZ  . ARG C 1 34 ? 18.277  16.821  17.826  1.00 51.10 ? 33   ARG C CZ  1 
ATOM   852 N  NH1 . ARG C 1 34 ? 18.466  18.132  17.764  1.00 56.65 ? 33   ARG C NH1 1 
ATOM   853 N  NH2 . ARG C 1 34 ? 18.354  16.205  18.996  1.00 53.84 ? 33   ARG C NH2 1 
ATOM   854 O  OXT . ARG C 1 34 ? 15.143  14.705  11.253  1.00 56.34 ? 33   ARG C OXT 1 
HETATM 855 CL CL  . CL  D 2 .  ? -5.001  -3.300  -7.408  1.00 11.72 ? 1032 CL  A CL  1 
HETATM 856 CL CL  . CL  E 2 .  ? 0.502   0.200   0.587   0.50 12.67 ? 1033 CL  A CL  1 
HETATM 857 O  O   . HOH F 3 .  ? -6.415  0.380   -16.405 1.00 33.86 ? 2001 HOH A O   1 
HETATM 858 O  O   . HOH F 3 .  ? 0.849   -7.350  -16.682 1.00 35.10 ? 2002 HOH A O   1 
HETATM 859 O  O   . HOH F 3 .  ? -1.977  0.361   -17.186 1.00 30.71 ? 2003 HOH A O   1 
HETATM 860 O  O   . HOH F 3 .  ? -8.193  1.440   -19.310 1.00 39.95 ? 2004 HOH A O   1 
HETATM 861 O  O   . HOH F 3 .  ? 7.350   2.353   -5.196  1.00 38.96 ? 2005 HOH A O   1 
HETATM 862 O  O   . HOH F 3 .  ? 2.989   -3.890  -14.626 1.00 29.61 ? 2006 HOH A O   1 
HETATM 863 O  O   . HOH F 3 .  ? 8.419   -6.031  9.985   1.00 41.40 ? 2007 HOH A O   1 
HETATM 864 O  O   . HOH F 3 .  ? 19.924  3.719   13.772  1.00 33.91 ? 2008 HOH A O   1 
HETATM 865 O  O   . HOH F 3 .  ? 4.215   -6.684  -9.079  1.00 14.85 ? 2009 HOH A O   1 
HETATM 866 O  O   . HOH F 3 .  ? 1.341   -8.892  -14.339 1.00 39.39 ? 2010 HOH A O   1 
HETATM 867 O  O   . HOH F 3 .  ? -1.162  1.255   -10.444 1.00 30.63 ? 2011 HOH A O   1 
HETATM 868 O  O   . HOH F 3 .  ? 8.785   -3.099  -5.311  1.00 26.77 ? 2012 HOH A O   1 
HETATM 869 O  O   . HOH F 3 .  ? 7.064   0.565   -7.650  1.00 38.46 ? 2013 HOH A O   1 
HETATM 870 O  O   . HOH F 3 .  ? 6.739   -1.515  -10.525 1.00 39.54 ? 2014 HOH A O   1 
HETATM 871 O  O   . HOH F 3 .  ? -0.093  3.044   -11.771 1.00 28.67 ? 2015 HOH A O   1 
HETATM 872 O  O   . HOH F 3 .  ? 11.661  -8.544  0.807   1.00 30.92 ? 2016 HOH A O   1 
HETATM 873 O  O   . HOH F 3 .  ? 7.152   4.165   0.207   1.00 30.84 ? 2017 HOH A O   1 
HETATM 874 O  O   . HOH F 3 .  ? 6.055   -4.508  6.863   1.00 28.52 ? 2018 HOH A O   1 
HETATM 875 O  O   . HOH F 3 .  ? 0.836   -5.369  3.981   1.00 23.80 ? 2019 HOH A O   1 
HETATM 876 O  O   . HOH F 3 .  ? 12.798  -3.545  4.954   1.00 27.27 ? 2020 HOH A O   1 
HETATM 877 O  O   . HOH F 3 .  ? 15.645  4.697   2.194   1.00 34.49 ? 2021 HOH A O   1 
HETATM 878 O  O   . HOH F 3 .  ? 16.292  -0.152  9.519   1.00 28.12 ? 2022 HOH A O   1 
HETATM 879 O  O   . HOH F 3 .  ? 17.720  1.670   7.612   1.00 40.63 ? 2023 HOH A O   1 
HETATM 880 O  O   . HOH F 3 .  ? 6.354   -5.458  9.068   1.00 45.20 ? 2024 HOH A O   1 
HETATM 881 O  O   . HOH F 3 .  ? 16.040  -2.636  16.090  1.00 34.01 ? 2025 HOH A O   1 
HETATM 882 O  O   . HOH F 3 .  ? 17.823  -0.470  11.891  1.00 38.43 ? 2026 HOH A O   1 
HETATM 883 O  O   . HOH F 3 .  ? 12.374  -6.346  9.413   1.00 36.15 ? 2027 HOH A O   1 
HETATM 884 O  O   . HOH F 3 .  ? 14.384  5.683   15.529  1.00 19.36 ? 2028 HOH A O   1 
HETATM 885 O  O   . HOH F 3 .  ? 17.658  4.123   15.467  1.00 25.19 ? 2029 HOH A O   1 
HETATM 886 O  O   . HOH G 3 .  ? -3.616  -12.952 -14.761 1.00 47.42 ? 2001 HOH B O   1 
HETATM 887 O  O   . HOH G 3 .  ? -5.925  -11.893 -15.001 1.00 23.68 ? 2002 HOH B O   1 
HETATM 888 O  O   . HOH G 3 .  ? -2.361  -10.448 -13.706 1.00 33.90 ? 2003 HOH B O   1 
HETATM 889 O  O   . HOH G 3 .  ? -14.841 -5.429  -8.605  1.00 30.35 ? 2004 HOH B O   1 
HETATM 890 O  O   . HOH G 3 .  ? -13.351 -14.966 -14.963 1.00 34.94 ? 2005 HOH B O   1 
HETATM 891 O  O   . HOH G 3 .  ? -4.857  -14.741 -9.223  1.00 39.08 ? 2006 HOH B O   1 
HETATM 892 O  O   . HOH G 3 .  ? -4.435  -11.714 -12.805 1.00 33.25 ? 2007 HOH B O   1 
HETATM 893 O  O   . HOH G 3 .  ? -15.422 -6.736  -11.121 1.00 27.79 ? 2008 HOH B O   1 
HETATM 894 O  O   . HOH G 3 .  ? -14.000 -12.634 -7.366  1.00 36.01 ? 2009 HOH B O   1 
HETATM 895 O  O   . HOH G 3 .  ? -3.667  8.294   4.991   1.00 33.97 ? 2010 HOH B O   1 
HETATM 896 O  O   . HOH G 3 .  ? -7.352  -16.791 -8.769  1.00 21.83 ? 2011 HOH B O   1 
HETATM 897 O  O   . HOH G 3 .  ? -1.011  7.948   17.054  1.00 52.07 ? 2012 HOH B O   1 
HETATM 898 O  O   . HOH G 3 .  ? -1.704  -8.153  -12.635 1.00 24.09 ? 2013 HOH B O   1 
HETATM 899 O  O   . HOH G 3 .  ? -9.085  -7.810  0.893   1.00 34.49 ? 2014 HOH B O   1 
HETATM 900 O  O   . HOH G 3 .  ? -11.621 -10.021 1.546   1.00 34.38 ? 2015 HOH B O   1 
HETATM 901 O  O   . HOH G 3 .  ? -4.603  -13.789 -0.364  1.00 33.43 ? 2016 HOH B O   1 
HETATM 902 O  O   . HOH G 3 .  ? -7.132  -11.536 -0.197  1.00 31.07 ? 2017 HOH B O   1 
HETATM 903 O  O   . HOH G 3 .  ? -1.992  -8.650  -5.466  1.00 24.86 ? 2018 HOH B O   1 
HETATM 904 O  O   . HOH G 3 .  ? -9.288  -10.479 2.207   1.00 48.01 ? 2019 HOH B O   1 
HETATM 905 O  O   . HOH G 3 .  ? 1.441   -9.488  2.616   1.00 39.63 ? 2020 HOH B O   1 
HETATM 906 O  O   . HOH G 3 .  ? 2.328   -12.499 -1.123  1.00 46.40 ? 2021 HOH B O   1 
HETATM 907 O  O   . HOH G 3 .  ? 3.239   -6.960  9.371   1.00 43.31 ? 2022 HOH B O   1 
HETATM 908 O  O   . HOH G 3 .  ? 3.355   -3.643  6.914   1.00 38.22 ? 2023 HOH B O   1 
HETATM 909 O  O   . HOH G 3 .  ? -1.885  4.996   8.603   1.00 23.28 ? 2024 HOH B O   1 
HETATM 910 O  O   . HOH G 3 .  ? -5.501  2.461   3.443   1.00 34.93 ? 2025 HOH B O   1 
HETATM 911 O  O   . HOH G 3 .  ? -3.601  5.739   4.665   1.00 33.39 ? 2026 HOH B O   1 
HETATM 912 O  O   . HOH G 3 .  ? -4.980  5.102   8.945   1.00 34.70 ? 2027 HOH B O   1 
HETATM 913 O  O   . HOH G 3 .  ? -8.117  5.156   5.099   1.00 32.11 ? 2028 HOH B O   1 
HETATM 914 O  O   . HOH G 3 .  ? 3.503   -1.438  13.349  1.00 25.05 ? 2029 HOH B O   1 
HETATM 915 O  O   . HOH G 3 .  ? -1.145  6.781   14.585  1.00 31.33 ? 2030 HOH B O   1 
HETATM 916 O  O   . HOH G 3 .  ? 1.746   1.271   18.982  1.00 43.77 ? 2031 HOH B O   1 
HETATM 917 O  O   . HOH G 3 .  ? 1.877   11.556  10.398  1.00 38.04 ? 2032 HOH B O   1 
HETATM 918 O  O   . HOH G 3 .  ? -0.554  6.945   9.855   1.00 31.08 ? 2033 HOH B O   1 
HETATM 919 O  O   . HOH G 3 .  ? 8.793   19.558  16.711  1.00 34.06 ? 2034 HOH B O   1 
HETATM 920 O  O   . HOH H 3 .  ? -8.424  1.407   -15.414 1.00 37.54 ? 2001 HOH C O   1 
HETATM 921 O  O   . HOH H 3 .  ? -14.008 -7.557  -7.332  1.00 29.11 ? 2002 HOH C O   1 
HETATM 922 O  O   . HOH H 3 .  ? -18.346 5.941   -16.214 1.00 47.74 ? 2003 HOH C O   1 
HETATM 923 O  O   . HOH H 3 .  ? -20.933 -1.016  -13.685 1.00 24.87 ? 2004 HOH C O   1 
HETATM 924 O  O   . HOH H 3 .  ? -18.523 -0.607  -8.046  1.00 34.73 ? 2005 HOH C O   1 
HETATM 925 O  O   . HOH H 3 .  ? -17.630 -6.658  -9.876  1.00 33.33 ? 2006 HOH C O   1 
HETATM 926 O  O   . HOH H 3 .  ? -16.150 -0.785  -8.194  1.00 30.08 ? 2007 HOH C O   1 
HETATM 927 O  O   . HOH H 3 .  ? -23.646 -4.056  -11.008 1.00 28.23 ? 2008 HOH C O   1 
HETATM 928 O  O   . HOH H 3 .  ? -10.127 2.772   -16.867 1.00 47.29 ? 2009 HOH C O   1 
HETATM 929 O  O   . HOH H 3 .  ? -8.333  -0.948  -18.000 1.00 14.80 ? 2010 HOH C O   1 
HETATM 930 O  O   . HOH H 3 .  ? -12.668 2.648   -16.023 1.00 28.74 ? 2011 HOH C O   1 
HETATM 931 O  O   . HOH H 3 .  ? -8.073  1.523   -12.963 1.00 23.37 ? 2012 HOH C O   1 
HETATM 932 O  O   . HOH H 3 .  ? 6.007   14.182  4.631   1.00 42.72 ? 2013 HOH C O   1 
HETATM 933 O  O   . HOH H 3 .  ? -11.972 3.480   -13.375 1.00 33.02 ? 2014 HOH C O   1 
HETATM 934 O  O   . HOH H 3 .  ? -17.950 0.860   -10.236 1.00 18.13 ? 2015 HOH C O   1 
HETATM 935 O  O   . HOH H 3 .  ? -11.503 -7.631  -6.280  1.00 22.54 ? 2016 HOH C O   1 
HETATM 936 O  O   . HOH H 3 .  ? -6.128  6.658   -8.147  1.00 18.61 ? 2017 HOH C O   1 
HETATM 937 O  O   . HOH H 3 .  ? -9.866  4.455   -1.666  1.00 19.33 ? 2018 HOH C O   1 
HETATM 938 O  O   . HOH H 3 .  ? -10.505 7.911   -2.991  1.00 31.77 ? 2019 HOH C O   1 
HETATM 939 O  O   . HOH H 3 .  ? -9.875  0.145   -2.715  1.00 28.25 ? 2020 HOH C O   1 
HETATM 940 O  O   . HOH H 3 .  ? -8.834  9.369   -1.816  1.00 37.53 ? 2021 HOH C O   1 
HETATM 941 O  O   . HOH H 3 .  ? -4.393  4.323   2.545   1.00 19.41 ? 2022 HOH C O   1 
HETATM 942 O  O   . HOH H 3 .  ? 1.966   14.193  -3.529  1.00 24.65 ? 2023 HOH C O   1 
HETATM 943 O  O   . HOH H 3 .  ? -6.716  6.007   2.292   1.00 28.19 ? 2024 HOH C O   1 
HETATM 944 O  O   . HOH H 3 .  ? -5.485  13.116  -0.565  1.00 27.46 ? 2025 HOH C O   1 
HETATM 945 O  O   . HOH H 3 .  ? -1.232  4.840   5.951   1.00 28.92 ? 2026 HOH C O   1 
HETATM 946 O  O   . HOH H 3 .  ? 5.666   2.508   -3.161  1.00 21.92 ? 2027 HOH C O   1 
HETATM 947 O  O   . HOH H 3 .  ? 7.126   6.951   1.187   1.00 24.56 ? 2028 HOH C O   1 
HETATM 948 O  O   . HOH H 3 .  ? 1.620   6.218   -5.979  1.00 41.09 ? 2029 HOH C O   1 
HETATM 949 O  O   . HOH H 3 .  ? 4.241   12.780  3.355   1.00 29.15 ? 2030 HOH C O   1 
HETATM 950 O  O   . HOH H 3 .  ? 5.600   10.568  -0.319  1.00 41.72 ? 2031 HOH C O   1 
HETATM 951 O  O   . HOH H 3 .  ? 3.427   13.812  -1.402  1.00 33.46 ? 2032 HOH C O   1 
HETATM 952 O  O   . HOH H 3 .  ? -2.195  9.908   3.923   1.00 31.81 ? 2033 HOH C O   1 
HETATM 953 O  O   . HOH H 3 .  ? 10.263  11.512  4.216   1.00 30.82 ? 2034 HOH C O   1 
HETATM 954 O  O   . HOH H 3 .  ? 2.724   17.153  6.493   1.00 27.39 ? 2035 HOH C O   1 
HETATM 955 O  O   . HOH H 3 .  ? 6.544   13.430  10.388  1.00 31.39 ? 2036 HOH C O   1 
HETATM 956 O  O   . HOH H 3 .  ? 13.995  6.600   0.959   1.00 39.60 ? 2037 HOH C O   1 
HETATM 957 O  O   . HOH H 3 .  ? 12.693  12.900  14.215  1.00 39.70 ? 2038 HOH C O   1 
HETATM 958 O  O   . HOH H 3 .  ? 21.079  10.200  11.085  1.00 28.83 ? 2039 HOH C O   1 
# 
loop_
_atom_site_anisotrop.id 
_atom_site_anisotrop.type_symbol 
_atom_site_anisotrop.pdbx_label_atom_id 
_atom_site_anisotrop.pdbx_label_alt_id 
_atom_site_anisotrop.pdbx_label_comp_id 
_atom_site_anisotrop.pdbx_label_asym_id 
_atom_site_anisotrop.pdbx_label_seq_id 
_atom_site_anisotrop.pdbx_PDB_ins_code 
_atom_site_anisotrop.U[1][1] 
_atom_site_anisotrop.U[2][2] 
_atom_site_anisotrop.U[3][3] 
_atom_site_anisotrop.U[1][2] 
_atom_site_anisotrop.U[1][3] 
_atom_site_anisotrop.U[2][3] 
_atom_site_anisotrop.pdbx_auth_seq_id 
_atom_site_anisotrop.pdbx_auth_comp_id 
_atom_site_anisotrop.pdbx_auth_asym_id 
_atom_site_anisotrop.pdbx_auth_atom_id 
1   C  C   . ACE A 1  ? 0.1660 0.2483 0.1509 0.0071  0.0197  0.0201  0    ACE A C   
2   O  O   . ACE A 1  ? 0.1641 0.2267 0.1499 -0.0043 -0.0075 0.0209  0    ACE A O   
3   C  CH3 . ACE A 1  ? 0.1965 0.2366 0.1902 -0.0001 0.0011  -0.0134 0    ACE A CH3 
4   N  N   . ARG A 2  ? 0.1792 0.2217 0.1290 0.0101  -0.0212 -0.0045 1    ARG A N   
5   C  CA  . ARG A 2  ? 0.1517 0.1996 0.1739 0.0309  0.0083  -0.0101 1    ARG A CA  
6   C  C   . ARG A 2  ? 0.1450 0.1973 0.1943 -0.0064 -0.0110 -0.0010 1    ARG A C   
7   O  O   . ARG A 2  ? 0.1295 0.2096 0.1175 0.0000  -0.0026 -0.0117 1    ARG A O   
8   C  CB  . ARG A 2  ? 0.1551 0.1833 0.1006 0.0042  0.0103  0.0141  1    ARG A CB  
9   C  CG  . ARG A 2  ? 0.1588 0.2051 0.0905 0.0234  0.0315  0.0364  1    ARG A CG  
10  C  CD  . ARG A 2  ? 0.1637 0.1765 0.1261 0.0300  0.0192  0.0027  1    ARG A CD  
11  N  NE  . ARG A 2  ? 0.1612 0.2080 0.1140 0.0076  0.0141  0.0223  1    ARG A NE  
12  C  CZ  . ARG A 2  ? 0.1438 0.2972 0.1872 0.0330  0.0083  -0.0136 1    ARG A CZ  
13  N  NH1 . ARG A 2  ? 0.1970 0.3292 0.1588 0.0444  -0.0095 -0.0002 1    ARG A NH1 
14  N  NH2 . ARG A 2  ? 0.2018 0.3586 0.1710 0.0611  0.0249  -0.0045 1    ARG A NH2 
15  N  N   . MET A 3  ? 0.1807 0.1809 0.1234 -0.0141 -0.0167 0.0162  2    MET A N   
16  C  CA  . MET A 3  ? 0.1801 0.1853 0.1672 -0.0004 -0.0187 -0.0109 2    MET A CA  
17  C  C   . MET A 3  ? 0.1588 0.1971 0.1397 -0.0024 0.0086  -0.0173 2    MET A C   
18  O  O   . MET A 3  ? 0.1832 0.1950 0.1536 0.0233  -0.0255 -0.0063 2    MET A O   
19  C  CB  . MET A 3  ? 0.1720 0.2094 0.2153 -0.0390 -0.0202 -0.0176 2    MET A CB  
20  C  CG  . MET A 3  ? 0.2979 0.2757 0.2689 0.0150  -0.0268 0.0171  2    MET A CG  
21  S  SD  . MET A 3  ? 0.4269 0.4434 0.3597 0.0195  0.0320  0.0331  2    MET A SD  
22  C  CE  . MET A 3  ? 0.5123 0.4952 0.5115 -0.0106 -0.0029 -0.0072 2    MET A CE  
23  N  N   . LYS A 4  ? 0.1571 0.2185 0.1095 -0.0468 -0.0188 0.0075  3    LYS A N   
24  C  CA  . LYS A 4  ? 0.1582 0.2135 0.1613 0.0198  -0.0020 0.0017  3    LYS A CA  
25  C  C   . LYS A 4  ? 0.1322 0.2210 0.2006 0.0133  -0.0100 -0.0197 3    LYS A C   
26  O  O   . LYS A 4  ? 0.1393 0.2932 0.1602 0.0351  -0.0086 -0.0020 3    LYS A O   
27  C  CB  . LYS A 4  ? 0.2236 0.2616 0.1797 0.0005  0.0333  0.0236  3    LYS A CB  
28  C  CG  . LYS A 4  ? 0.2284 0.3067 0.2660 -0.0057 0.0123  -0.0128 3    LYS A CG  
29  C  CD  . LYS A 4  ? 0.4369 0.3491 0.4023 -0.0035 0.0064  0.0125  3    LYS A CD  
30  C  CE  . LYS A 4  ? 0.4098 0.4235 0.4496 0.0370  -0.0237 0.0044  3    LYS A CE  
31  N  NZ  . LYS A 4  ? 0.2352 0.2785 0.2632 -0.0280 0.0301  0.0082  3    LYS A NZ  
32  N  N   . GLN A 5  ? 0.1614 0.2268 0.1202 -0.0064 -0.0018 0.0178  4    GLN A N   
33  C  CA  . GLN A 5  ? 0.1273 0.1786 0.1453 -0.0227 0.0264  0.0460  4    GLN A CA  
34  C  C   . GLN A 5  ? 0.0959 0.1742 0.1140 -0.0128 0.0126  0.0263  4    GLN A C   
35  O  O   . GLN A 5  ? 0.1408 0.1977 0.1350 -0.0271 -0.0030 0.0240  4    GLN A O   
36  C  CB  . GLN A 5  ? 0.1827 0.2311 0.1197 -0.0190 0.0121  0.0635  4    GLN A CB  
37  C  CG  . GLN A 5  ? 0.2477 0.2497 0.1792 -0.0322 0.0338  0.0520  4    GLN A CG  
38  C  CD  . GLN A 5  ? 0.3206 0.3159 0.3244 0.0323  -0.0280 0.0437  4    GLN A CD  
39  O  OE1 . GLN A 5  ? 0.4225 0.3914 0.4363 0.0083  -0.0103 0.0047  4    GLN A OE1 
40  N  NE2 . GLN A 5  ? 0.3159 0.3499 0.3627 0.0097  -0.0020 0.0017  4    GLN A NE2 
41  N  N   . LEU A 6  ? 0.1052 0.1600 0.1215 -0.0065 -0.0127 0.0186  5    LEU A N   
42  C  CA  . LEU A 6  ? 0.1084 0.1760 0.1373 0.0033  0.0065  0.0147  5    LEU A CA  
43  C  C   . LEU A 6  ? 0.1089 0.0897 0.1059 -0.0463 0.0258  0.0387  5    LEU A C   
44  O  O   . LEU A 6  ? 0.1306 0.1566 0.1061 0.0112  0.0047  0.0069  5    LEU A O   
45  C  CB  . LEU A 6  ? 0.1517 0.1161 0.1446 -0.0182 -0.0074 0.0387  5    LEU A CB  
46  C  CG  . LEU A 6  ? 0.1794 0.2322 0.1846 0.0155  -0.0073 0.0217  5    LEU A CG  
47  C  CD1 . LEU A 6  ? 0.1794 0.2340 0.1451 0.0072  0.0274  0.0050  5    LEU A CD1 
48  C  CD2 . LEU A 6  ? 0.1925 0.2287 0.2080 -0.0024 0.0248  0.0606  5    LEU A CD2 
49  N  N   . GLU A 7  ? 0.1529 0.1710 0.1385 0.0147  -0.0198 -0.0008 6    GLU A N   
50  C  CA  . GLU A 7  ? 0.1564 0.1932 0.1597 0.0290  -0.0023 -0.0150 6    GLU A CA  
51  C  C   . GLU A 7  ? 0.1511 0.1271 0.0953 0.0350  0.0296  0.0202  6    GLU A C   
52  O  O   . GLU A 7  ? 0.1646 0.1553 0.1267 0.0133  -0.0198 0.0220  6    GLU A O   
53  C  CB  . GLU A 7  ? 0.1711 0.1630 0.1659 0.0355  -0.0142 0.0187  6    GLU A CB  
54  C  CG  . GLU A 7  ? 0.1972 0.1885 0.1848 0.0027  0.0100  -0.0120 6    GLU A CG  
55  C  CD  . GLU A 7  ? 0.2901 0.2202 0.2663 0.0036  0.0042  -0.0272 6    GLU A CD  
56  O  OE1 . GLU A 7  ? 0.2949 0.3580 0.2904 0.0043  0.0054  -0.0134 6    GLU A OE1 
57  O  OE2 . GLU A 7  ? 0.3368 0.2343 0.2537 -0.0011 0.0159  -0.0323 6    GLU A OE2 
58  N  N   . ASP A 8  ? 0.1296 0.1761 0.0693 0.0021  0.0108  0.0191  7    ASP A N   
59  C  CA  . ASP A 8  ? 0.1605 0.1513 0.1636 0.0082  0.0029  0.0019  7    ASP A CA  
60  C  C   . ASP A 8  ? 0.1101 0.1357 0.1177 -0.0415 0.0399  0.0404  7    ASP A C   
61  O  O   . ASP A 8  ? 0.1181 0.1909 0.1194 -0.0176 0.0028  0.0166  7    ASP A O   
62  C  CB  . ASP A 8  ? 0.1947 0.2506 0.1474 0.0113  0.0103  0.0114  7    ASP A CB  
63  C  CG  . ASP A 8  ? 0.3222 0.3459 0.3719 -0.0211 -0.0154 -0.0094 7    ASP A CG  
64  O  OD1 . ASP A 8  ? 0.3177 0.3641 0.3437 -0.0097 0.0047  0.0078  7    ASP A OD1 
65  O  OD2 . ASP A 8  ? 0.3611 0.3999 0.4165 -0.0075 -0.0027 0.0164  7    ASP A OD2 
66  N  N   . LYS A 9  ? 0.1162 0.1472 0.1168 -0.0073 0.0130  0.0167  8    LYS A N   
67  C  CA  . LYS A 9  ? 0.1205 0.1135 0.1372 -0.0248 0.0267  0.0512  8    LYS A CA  
68  C  C   . LYS A 9  ? 0.1258 0.0859 0.1366 -0.0239 0.0220  0.0413  8    LYS A C   
69  O  O   . LYS A 9  ? 0.1591 0.0934 0.1178 -0.0219 -0.0005 0.0211  8    LYS A O   
70  C  CB  . LYS A 9  ? 0.1756 0.1047 0.1609 -0.0176 0.0306  0.0774  8    LYS A CB  
71  C  CG  . LYS A 9  ? 0.2063 0.2116 0.2191 -0.0042 0.0016  -0.0072 8    LYS A CG  
72  C  CD  . LYS A 9  ? 0.1949 0.2131 0.2015 -0.0033 0.0121  0.0556  8    LYS A CD  
73  C  CE  A LYS A 9  ? 0.3700 0.3252 0.3424 0.0035  0.0004  -0.0241 8    LYS A CE  
74  C  CE  B LYS A 9  ? 0.2423 0.2376 0.2744 -0.0078 -0.0077 0.0058  8    LYS A CE  
75  N  NZ  A LYS A 9  ? 0.3908 0.3937 0.4048 -0.0165 -0.0022 0.0079  8    LYS A NZ  
76  N  NZ  B LYS A 9  ? 0.2172 0.1979 0.2322 -0.0052 0.0198  0.0119  8    LYS A NZ  
77  N  N   . VAL A 10 ? 0.1206 0.0673 0.1006 -0.0178 0.0080  0.0522  9    VAL A N   
78  C  CA  . VAL A 10 ? 0.0992 0.0705 0.1062 -0.0068 0.0436  0.0455  9    VAL A CA  
79  C  C   . VAL A 10 ? 0.1098 0.1186 0.0887 -0.0384 0.0280  0.0273  9    VAL A C   
80  O  O   . VAL A 10 ? 0.1412 0.1223 0.1143 0.0126  -0.0122 0.0048  9    VAL A O   
81  C  CB  . VAL A 10 ? 0.0945 0.0981 0.1245 -0.0337 0.0465  0.0390  9    VAL A CB  
82  C  CG1 . VAL A 10 ? 0.1326 0.1117 0.1314 -0.0390 0.0368  0.0688  9    VAL A CG1 
83  C  CG2 . VAL A 10 ? 0.1286 0.1387 0.1389 0.0058  0.0269  0.0339  9    VAL A CG2 
84  N  N   . GLU A 11 ? 0.1202 0.1592 0.0824 0.0011  0.0076  -0.0132 10   GLU A N   
85  C  CA  . GLU A 11 ? 0.1503 0.1483 0.1312 0.0022  -0.0138 -0.0082 10   GLU A CA  
86  C  C   . GLU A 11 ? 0.1364 0.1335 0.0942 0.0024  0.0149  0.0077  10   GLU A C   
87  O  O   . GLU A 11 ? 0.1321 0.1640 0.1268 0.0153  -0.0105 0.0062  10   GLU A O   
88  C  CB  . GLU A 11 ? 0.1535 0.1863 0.1725 0.0335  0.0067  -0.0248 10   GLU A CB  
89  C  CG  . GLU A 11 ? 0.1932 0.2677 0.2437 0.0212  0.0025  -0.0225 10   GLU A CG  
90  C  CD  . GLU A 11 ? 0.2751 0.3354 0.2832 0.0135  0.0430  -0.0088 10   GLU A CD  
91  O  OE1 . GLU A 11 ? 0.4375 0.3891 0.4701 0.0142  -0.0088 -0.0519 10   GLU A OE1 
92  O  OE2 . GLU A 11 ? 0.3440 0.3872 0.3193 0.0118  0.0348  0.0238  10   GLU A OE2 
93  N  N   . GLU A 12 ? 0.1127 0.1290 0.1435 -0.0282 0.0092  0.0230  11   GLU A N   
94  C  CA  . GLU A 12 ? 0.1623 0.1544 0.1541 -0.0192 0.0154  0.0075  11   GLU A CA  
95  C  C   . GLU A 12 ? 0.1250 0.1680 0.1242 0.0060  -0.0069 0.0135  11   GLU A C   
96  O  O   . GLU A 12 ? 0.1365 0.1273 0.1310 -0.0328 0.0141  0.0247  11   GLU A O   
97  C  CB  . GLU A 12 ? 0.1870 0.1456 0.1819 -0.0411 0.0141  0.0243  11   GLU A CB  
98  C  CG  . GLU A 12 ? 0.2722 0.3537 0.2523 0.0032  0.0208  -0.0048 11   GLU A CG  
99  C  CD  . GLU A 12 ? 0.5379 0.4311 0.5297 -0.0268 0.0215  0.0244  11   GLU A CD  
100 O  OE1 . GLU A 12 ? 0.5227 0.5200 0.5404 -0.0205 0.0097  0.0028  11   GLU A OE1 
101 O  OE2 . GLU A 12 ? 0.6142 0.6262 0.5824 -0.0011 -0.0130 0.0158  11   GLU A OE2 
102 N  N   . ASN A 13 ? 0.1265 0.1372 0.1301 -0.0052 -0.0124 0.0087  12   ASN A N   
103 C  CA  . ASN A 13 ? 0.1392 0.0793 0.1430 -0.0160 0.0082  0.0179  12   ASN A CA  
104 C  C   . ASN A 13 ? 0.1052 0.1154 0.0909 -0.0355 0.0365  0.0439  12   ASN A C   
105 O  O   . ASN A 13 ? 0.1312 0.1512 0.1193 -0.0030 -0.0003 -0.0151 12   ASN A O   
106 C  CB  . ASN A 13 ? 0.1271 0.1372 0.1179 -0.0210 0.0102  0.0087  12   ASN A CB  
107 C  CG  . ASN A 13 ? 0.1535 0.1559 0.1858 -0.0116 -0.0245 -0.0040 12   ASN A CG  
108 O  OD1 . ASN A 13 ? 0.1492 0.1480 0.2704 -0.0108 -0.0032 0.0156  12   ASN A OD1 
109 N  ND2 . ASN A 13 ? 0.1535 0.1420 0.1439 0.0032  0.0089  0.0096  12   ASN A ND2 
110 N  N   . LEU A 14 ? 0.1195 0.1162 0.1141 0.0101  -0.0196 0.0020  13   LEU A N   
111 C  CA  . LEU A 14 ? 0.1096 0.1264 0.1001 -0.0093 0.0215  0.0161  13   LEU A CA  
112 C  C   . LEU A 14 ? 0.1104 0.1365 0.1088 -0.0196 0.0093  0.0038  13   LEU A C   
113 O  O   . LEU A 14 ? 0.0991 0.1302 0.0891 -0.0260 0.0345  0.0205  13   LEU A O   
114 C  CB  . LEU A 14 ? 0.0957 0.1074 0.1113 -0.0173 -0.0060 0.0276  13   LEU A CB  
115 C  CG  . LEU A 14 ? 0.1364 0.1213 0.1345 -0.0400 0.0154  0.0563  13   LEU A CG  
116 C  CD1 . LEU A 14 ? 0.1871 0.2039 0.1507 -0.0049 -0.0116 0.0590  13   LEU A CD1 
117 C  CD2 . LEU A 14 ? 0.2226 0.1433 0.2138 -0.0049 -0.0133 -0.0167 13   LEU A CD2 
118 N  N   . SER A 15 ? 0.0893 0.1332 0.1192 -0.0206 0.0099  0.0182  14   SER A N   
119 C  CA  . SER A 15 ? 0.0777 0.1455 0.1322 -0.0073 0.0596  0.0012  14   SER A CA  
120 C  C   . SER A 15 ? 0.0714 0.1336 0.1224 -0.0362 0.0265  0.0144  14   SER A C   
121 O  O   . SER A 15 ? 0.1117 0.1691 0.1382 -0.0043 -0.0013 -0.0190 14   SER A O   
122 C  CB  A SER A 15 ? 0.1137 0.1026 0.1242 -0.0222 0.0421  0.0220  14   SER A CB  
123 C  CB  B SER A 15 ? 0.1285 0.1608 0.1378 -0.0223 0.0425  0.0151  14   SER A CB  
124 O  OG  A SER A 15 ? 0.1255 0.1404 0.1515 -0.0309 0.0208  -0.0062 14   SER A OG  
125 O  OG  B SER A 15 ? 0.1878 0.1775 0.1924 0.0003  0.0129  -0.0053 14   SER A OG  
126 N  N   . LYS A 16 ? 0.0839 0.1516 0.1176 0.0020  0.0031  -0.0115 15   LYS A N   
127 C  CA  . LYS A 16 ? 0.1319 0.1303 0.1191 -0.0495 0.0564  0.0458  15   LYS A CA  
128 C  C   . LYS A 16 ? 0.1178 0.0987 0.1066 -0.0428 0.0491  0.0315  15   LYS A C   
129 O  O   . LYS A 16 ? 0.1177 0.1349 0.1743 -0.0567 0.0065  -0.0138 15   LYS A O   
130 C  CB  . LYS A 16 ? 0.1618 0.0947 0.1358 -0.0313 0.0279  -0.0059 15   LYS A CB  
131 C  CG  . LYS A 16 ? 0.2230 0.1686 0.1690 -0.0253 0.0317  -0.0054 15   LYS A CG  
132 C  CD  A LYS A 16 ? 0.2762 0.2890 0.3086 0.0160  0.0002  0.0034  15   LYS A CD  
133 C  CD  B LYS A 16 ? 0.2610 0.2746 0.2730 0.0133  0.0058  0.0002  15   LYS A CD  
134 C  CE  A LYS A 16 ? 0.3459 0.3334 0.3248 0.0063  0.0083  0.0041  15   LYS A CE  
135 C  CE  B LYS A 16 ? 0.3029 0.2980 0.2859 -0.0011 0.0187  -0.0043 15   LYS A CE  
136 N  NZ  A LYS A 16 ? 0.3696 0.3543 0.3935 -0.0089 -0.0030 -0.0031 15   LYS A NZ  
137 N  NZ  B LYS A 16 ? 0.2860 0.2840 0.2989 -0.0010 0.0116  0.0010  15   LYS A NZ  
138 N  N   . VAL A 17 ? 0.1158 0.0863 0.1073 -0.0412 0.0298  0.0416  16   VAL A N   
139 C  CA  . VAL A 17 ? 0.1324 0.1060 0.1100 -0.0501 0.0379  0.0461  16   VAL A CA  
140 C  C   . VAL A 17 ? 0.0872 0.1302 0.1203 -0.0357 0.0195  0.0016  16   VAL A C   
141 O  O   . VAL A 17 ? 0.1166 0.1724 0.1244 -0.0098 0.0050  -0.0092 16   VAL A O   
142 C  CB  A VAL A 17 ? 0.1082 0.1567 0.0975 -0.0421 0.0534  0.0372  16   VAL A CB  
143 C  CB  B VAL A 17 ? 0.1029 0.2438 0.1238 -0.0500 0.0480  0.0564  16   VAL A CB  
144 C  CG1 A VAL A 17 ? 0.1073 0.0910 0.1350 -0.0410 0.0444  0.0398  16   VAL A CG1 
145 C  CG1 B VAL A 17 ? 0.2200 0.2104 0.2160 0.0134  0.0118  0.0138  16   VAL A CG1 
146 C  CG2 A VAL A 17 ? 0.2034 0.1774 0.2022 0.0187  0.0118  0.0196  16   VAL A CG2 
147 C  CG2 B VAL A 17 ? 0.2694 0.2727 0.2907 -0.0032 -0.0048 0.0078  16   VAL A CG2 
148 N  N   . TYR A 18 ? 0.1081 0.1451 0.1147 -0.0301 0.0145  0.0045  17   TYR A N   
149 C  CA  . TYR A 18 ? 0.1479 0.1306 0.1236 -0.0146 0.0045  0.0100  17   TYR A CA  
150 C  C   . TYR A 18 ? 0.1093 0.1365 0.1212 0.0189  0.0264  0.0146  17   TYR A C   
151 O  O   . TYR A 18 ? 0.1195 0.2225 0.1488 0.0040  0.0097  -0.0132 17   TYR A O   
152 C  CB  . TYR A 18 ? 0.1712 0.1456 0.1651 -0.0082 0.0127  -0.0030 17   TYR A CB  
153 C  CG  . TYR A 18 ? 0.1580 0.1794 0.1893 0.0013  0.0315  -0.0056 17   TYR A CG  
154 C  CD1 . TYR A 18 ? 0.1800 0.2475 0.2184 0.0051  0.0103  0.0030  17   TYR A CD1 
155 C  CD2 . TYR A 18 ? 0.1573 0.1934 0.1290 -0.0138 0.0270  0.0330  17   TYR A CD2 
156 C  CE1 . TYR A 18 ? 0.2387 0.2529 0.2507 0.0383  0.0064  0.0026  17   TYR A CE1 
157 C  CE2 . TYR A 18 ? 0.1399 0.2133 0.2606 0.0127  0.0288  -0.0044 17   TYR A CE2 
158 C  CZ  . TYR A 18 ? 0.2118 0.2325 0.2024 0.0279  0.0072  0.0004  17   TYR A CZ  
159 O  OH  . TYR A 18 ? 0.2476 0.3108 0.2127 0.0755  -0.0007 0.0255  17   TYR A OH  
160 N  N   . HIS A 19 ? 0.1260 0.1469 0.1324 -0.0200 0.0165  0.0138  18   HIS A N   
161 C  CA  . HIS A 19 ? 0.1391 0.1555 0.1715 -0.0290 0.0191  0.0131  18   HIS A CA  
162 C  C   . HIS A 19 ? 0.1484 0.1965 0.1778 -0.0194 -0.0048 -0.0044 18   HIS A C   
163 O  O   . HIS A 19 ? 0.1608 0.2577 0.1620 -0.0436 -0.0019 -0.0247 18   HIS A O   
164 C  CB  . HIS A 19 ? 0.1979 0.1698 0.1766 -0.0358 0.0515  0.0165  18   HIS A CB  
165 C  CG  . HIS A 19 ? 0.2605 0.2787 0.2845 -0.0461 0.0007  -0.0072 18   HIS A CG  
166 N  ND1 . HIS A 19 ? 0.3156 0.3341 0.3750 0.0013  -0.0107 -0.0057 18   HIS A ND1 
167 C  CD2 . HIS A 19 ? 0.3419 0.3042 0.3693 0.0128  0.0033  0.0033  18   HIS A CD2 
168 C  CE1 . HIS A 19 ? 0.3688 0.3486 0.4121 -0.0171 -0.0096 -0.0087 18   HIS A CE1 
169 N  NE2 . HIS A 19 ? 0.3626 0.3794 0.4419 -0.0069 -0.0160 -0.0074 18   HIS A NE2 
170 N  N   . ASN A 20 ? 0.1618 0.2204 0.1635 -0.0026 -0.0065 -0.0144 19   ASN A N   
171 C  CA  . ASN A 20 ? 0.1859 0.1549 0.1569 -0.0182 -0.0150 -0.0124 19   ASN A CA  
172 C  C   . ASN A 20 ? 0.1265 0.1522 0.1439 -0.0205 -0.0024 0.0057  19   ASN A C   
173 O  O   . ASN A 20 ? 0.1548 0.1684 0.1413 -0.0209 0.0143  -0.0234 19   ASN A O   
174 C  CB  . ASN A 20 ? 0.1672 0.1798 0.1648 -0.0134 0.0013  0.0032  19   ASN A CB  
175 C  CG  . ASN A 20 ? 0.2898 0.2586 0.2612 -0.0112 0.0113  0.0384  19   ASN A CG  
176 O  OD1 . ASN A 20 ? 0.3279 0.1868 0.3625 -0.0332 0.0419  0.0428  19   ASN A OD1 
177 N  ND2 . ASN A 20 ? 0.2797 0.1551 0.2507 -0.0246 0.0049  -0.0019 19   ASN A ND2 
178 N  N   . GLU A 21 ? 0.1346 0.1727 0.1676 -0.0085 -0.0152 0.0027  20   GLU A N   
179 C  CA  . GLU A 21 ? 0.1271 0.1575 0.1639 -0.0055 0.0295  0.0030  20   GLU A CA  
180 C  C   . GLU A 21 ? 0.1526 0.1975 0.1223 0.0064  -0.0004 -0.0133 20   GLU A C   
181 O  O   . GLU A 21 ? 0.1713 0.2028 0.1157 0.0074  0.0128  0.0066  20   GLU A O   
182 C  CB  A GLU A 21 ? 0.1019 0.1590 0.1783 -0.0239 0.0297  0.0045  20   GLU A CB  
183 C  CB  B GLU A 21 ? 0.1529 0.1453 0.1790 -0.0214 0.0207  0.0177  20   GLU A CB  
184 C  CG  A GLU A 21 ? 0.2167 0.2042 0.2166 0.0050  -0.0016 0.0189  20   GLU A CG  
185 C  CG  B GLU A 21 ? 0.1548 0.2326 0.1744 0.0015  0.0166  0.0249  20   GLU A CG  
186 C  CD  A GLU A 21 ? 0.3191 0.2215 0.3038 -0.0153 0.0021  -0.0066 20   GLU A CD  
187 C  CD  B GLU A 21 ? 0.2483 0.2490 0.2302 -0.0044 0.0009  0.0007  20   GLU A CD  
188 O  OE1 A GLU A 21 ? 0.3619 0.3982 0.3788 -0.0167 -0.0090 -0.0026 20   GLU A OE1 
189 O  OE1 B GLU A 21 ? 0.2849 0.2951 0.2833 0.0029  0.0113  -0.0129 20   GLU A OE1 
190 O  OE2 A GLU A 21 ? 0.3499 0.3218 0.3533 0.0101  -0.0033 -0.0002 20   GLU A OE2 
191 O  OE2 B GLU A 21 ? 0.2570 0.2701 0.2547 -0.0240 -0.0093 0.0083  20   GLU A OE2 
192 N  N   . ASN A 22 ? 0.1362 0.2137 0.1370 -0.0011 -0.0152 -0.0455 21   ASN A N   
193 C  CA  . ASN A 22 ? 0.1002 0.2062 0.1810 -0.0095 0.0133  -0.0344 21   ASN A CA  
194 C  C   . ASN A 22 ? 0.1587 0.1753 0.1825 -0.0130 -0.0227 -0.0084 21   ASN A C   
195 O  O   . ASN A 22 ? 0.1682 0.2737 0.1951 0.0401  -0.0255 -0.0600 21   ASN A O   
196 C  CB  . ASN A 22 ? 0.1235 0.2141 0.1956 0.0034  0.0219  -0.0181 21   ASN A CB  
197 C  CG  . ASN A 22 ? 0.2351 0.2148 0.2157 0.0264  -0.0030 -0.0363 21   ASN A CG  
198 O  OD1 . ASN A 22 ? 0.2967 0.2589 0.2908 0.0099  -0.0224 -0.0184 21   ASN A OD1 
199 N  ND2 . ASN A 22 ? 0.2495 0.2595 0.3038 0.0549  -0.0086 -0.0474 21   ASN A ND2 
200 N  N   . GLU A 23 ? 0.1556 0.1785 0.1305 -0.0300 -0.0202 -0.0008 22   GLU A N   
201 C  CA  . GLU A 23 ? 0.1944 0.1825 0.1830 -0.0192 -0.0204 -0.0175 22   GLU A CA  
202 C  C   . GLU A 23 ? 0.1625 0.1673 0.1634 -0.0302 -0.0093 -0.0031 22   GLU A C   
203 O  O   . GLU A 23 ? 0.1961 0.2209 0.1970 -0.0229 -0.0470 -0.0282 22   GLU A O   
204 C  CB  . GLU A 23 ? 0.2502 0.1844 0.2272 -0.0463 -0.0203 -0.0096 22   GLU A CB  
205 C  CG  . GLU A 23 ? 0.2955 0.2980 0.2597 0.0106  0.0159  0.0125  22   GLU A CG  
206 C  CD  . GLU A 23 ? 0.3608 0.4030 0.4415 -0.0206 -0.0233 -0.0226 22   GLU A CD  
207 O  OE1 . GLU A 23 ? 0.4143 0.4061 0.3897 -0.0245 0.0009  -0.0171 22   GLU A OE1 
208 O  OE2 . GLU A 23 ? 0.5866 0.5449 0.5391 -0.0086 0.0104  0.0263  22   GLU A OE2 
209 N  N   . VAL A 24 ? 0.1458 0.1913 0.1336 -0.0110 -0.0059 0.0013  23   VAL A N   
210 C  CA  . VAL A 24 ? 0.1539 0.1955 0.1866 -0.0120 0.0204  0.0005  23   VAL A CA  
211 C  C   . VAL A 24 ? 0.1762 0.1906 0.1512 -0.0330 0.0133  0.0033  23   VAL A C   
212 O  O   . VAL A 24 ? 0.1798 0.2351 0.1645 0.0140  -0.0174 -0.0181 23   VAL A O   
213 C  CB  . VAL A 24 ? 0.1772 0.2556 0.1453 0.0008  0.0040  -0.0261 23   VAL A CB  
214 C  CG1 . VAL A 24 ? 0.2426 0.3267 0.1900 0.0033  0.0341  0.0227  23   VAL A CG1 
215 C  CG2 . VAL A 24 ? 0.2148 0.2357 0.2751 0.0267  0.0039  -0.0048 23   VAL A CG2 
216 N  N   . ALA A 25 ? 0.2094 0.2091 0.1688 0.0143  -0.0029 0.0009  24   ALA A N   
217 C  CA  . ALA A 25 ? 0.2060 0.2053 0.2159 -0.0116 -0.0155 0.0107  24   ALA A CA  
218 C  C   . ALA A 25 ? 0.1680 0.2204 0.1524 0.0131  0.0094  -0.0220 24   ALA A C   
219 O  O   . ALA A 25 ? 0.2109 0.2075 0.1883 0.0351  -0.0375 -0.0065 24   ALA A O   
220 C  CB  . ALA A 25 ? 0.1881 0.2307 0.2259 0.0218  -0.0124 -0.0156 24   ALA A CB  
221 N  N   . ARG A 26 ? 0.1929 0.2041 0.1656 0.0260  -0.0192 -0.0208 25   ARG A N   
222 C  CA  . ARG A 26 ? 0.1759 0.1725 0.1968 0.0217  -0.0179 -0.0028 25   ARG A CA  
223 C  C   . ARG A 26 ? 0.1830 0.2045 0.1777 0.0109  -0.0142 -0.0040 25   ARG A C   
224 O  O   . ARG A 26 ? 0.2183 0.2159 0.1641 -0.0254 -0.0160 -0.0270 25   ARG A O   
225 C  CB  . ARG A 26 ? 0.2178 0.2107 0.1971 -0.0053 -0.0032 -0.0022 25   ARG A CB  
226 C  CG  . ARG A 26 ? 0.2542 0.2587 0.2695 -0.0212 -0.0142 -0.0041 25   ARG A CG  
227 C  CD  . ARG A 26 ? 0.3022 0.3462 0.3147 -0.0315 0.0500  0.0106  25   ARG A CD  
228 N  NE  . ARG A 26 ? 0.3944 0.4377 0.4184 0.0193  -0.0033 0.0070  25   ARG A NE  
229 C  CZ  . ARG A 26 ? 0.4881 0.4671 0.4727 -0.0087 0.0131  -0.0007 25   ARG A CZ  
230 N  NH1 . ARG A 26 ? 0.5269 0.5289 0.5194 -0.0082 -0.0068 -0.0051 25   ARG A NH1 
231 N  NH2 . ARG A 26 ? 0.5053 0.4857 0.4887 -0.0025 0.0109  -0.0024 25   ARG A NH2 
232 N  N   . LEU A 27 ? 0.1994 0.2283 0.1474 -0.0017 -0.0152 -0.0300 26   LEU A N   
233 C  CA  . LEU A 27 ? 0.1290 0.1001 0.1338 -0.0298 -0.0045 -0.0067 26   LEU A CA  
234 C  C   . LEU A 27 ? 0.1784 0.1900 0.1649 -0.0152 0.0191  0.0026  26   LEU A C   
235 O  O   . LEU A 27 ? 0.2457 0.2374 0.1585 -0.0026 0.0028  -0.0377 26   LEU A O   
236 C  CB  . LEU A 27 ? 0.1761 0.1555 0.1321 -0.0172 -0.0098 -0.0043 26   LEU A CB  
237 C  CG  . LEU A 27 ? 0.1735 0.1356 0.1354 -0.0091 0.0054  0.0075  26   LEU A CG  
238 C  CD1 . LEU A 27 ? 0.1964 0.1541 0.2035 -0.0053 -0.0187 0.0342  26   LEU A CD1 
239 C  CD2 . LEU A 27 ? 0.1598 0.1967 0.1678 -0.0050 -0.0010 -0.0150 26   LEU A CD2 
240 N  N   . LYS A 28 ? 0.2384 0.2258 0.1947 -0.0211 0.0179  -0.0152 27   LYS A N   
241 C  CA  . LYS A 28 ? 0.2500 0.2282 0.2216 0.0183  0.0201  -0.0062 27   LYS A CA  
242 C  C   . LYS A 28 ? 0.2564 0.2550 0.2044 -0.0152 -0.0088 -0.0171 27   LYS A C   
243 O  O   . LYS A 28 ? 0.2933 0.2295 0.2100 0.0088  -0.0288 0.0135  27   LYS A O   
244 C  CB  . LYS A 28 ? 0.2828 0.2722 0.2455 -0.0109 -0.0078 -0.0132 27   LYS A CB  
245 C  CG  . LYS A 28 ? 0.3086 0.3723 0.3270 0.0000  0.0164  0.0076  27   LYS A CG  
246 C  CD  . LYS A 28 ? 0.4390 0.4123 0.4482 -0.0191 -0.0053 -0.0121 27   LYS A CD  
247 C  CE  . LYS A 28 ? 0.4382 0.4467 0.4526 0.0023  0.0066  -0.0167 27   LYS A CE  
248 N  NZ  . LYS A 28 ? 0.4617 0.4261 0.4562 -0.0054 -0.0010 0.0035  27   LYS A NZ  
249 N  N   . LYS A 29 ? 0.2470 0.2359 0.2451 0.0075  -0.0385 -0.0532 28   LYS A N   
250 C  CA  . LYS A 29 ? 0.2852 0.2851 0.2883 0.0057  -0.0177 0.0124  28   LYS A CA  
251 C  C   . LYS A 29 ? 0.2912 0.2648 0.2746 0.0144  -0.0349 0.0058  28   LYS A C   
252 O  O   . LYS A 29 ? 0.2866 0.2657 0.2952 0.0211  -0.0616 -0.0064 28   LYS A O   
253 C  CB  . LYS A 29 ? 0.3424 0.3560 0.3438 0.0046  0.0000  -0.0262 28   LYS A CB  
254 C  CG  . LYS A 29 ? 0.3858 0.4189 0.4364 0.0068  -0.0146 0.0071  28   LYS A CG  
255 C  CD  . LYS A 29 ? 0.4865 0.4687 0.4825 0.0024  0.0023  -0.0180 28   LYS A CD  
256 C  CE  . LYS A 29 ? 0.4858 0.4932 0.4790 -0.0032 -0.0025 0.0021  28   LYS A CE  
257 N  NZ  . LYS A 29 ? 0.4120 0.4223 0.4711 0.0067  -0.0072 -0.0177 28   LYS A NZ  
258 N  N   . LEU A 30 ? 0.2502 0.2333 0.2010 -0.0167 -0.0244 0.0053  29   LEU A N   
259 C  CA  . LEU A 30 ? 0.2876 0.2445 0.2459 -0.0213 -0.0063 -0.0182 29   LEU A CA  
260 C  C   . LEU A 30 ? 0.2670 0.2553 0.2501 -0.0143 -0.0133 -0.0355 29   LEU A C   
261 O  O   . LEU A 30 ? 0.2606 0.2560 0.2474 -0.0071 -0.0488 -0.0344 29   LEU A O   
262 C  CB  . LEU A 30 ? 0.2900 0.2643 0.2978 -0.0191 -0.0190 -0.0026 29   LEU A CB  
263 C  CG  . LEU A 30 ? 0.3367 0.3352 0.3255 0.0005  0.0065  -0.0086 29   LEU A CG  
264 C  CD1 . LEU A 30 ? 0.3112 0.3373 0.3048 -0.0148 -0.0060 -0.0001 29   LEU A CD1 
265 C  CD2 . LEU A 30 ? 0.3536 0.4144 0.3506 0.0005  -0.0092 0.0092  29   LEU A CD2 
266 N  N   . VAL A 31 ? 0.2980 0.2931 0.1979 -0.0106 -0.0138 -0.0141 30   VAL A N   
267 C  CA  . VAL A 31 ? 0.3459 0.3308 0.2680 0.0056  0.0167  -0.0279 30   VAL A CA  
268 C  C   . VAL A 31 ? 0.3661 0.3212 0.3318 -0.0052 -0.0255 -0.0136 30   VAL A C   
269 O  O   . VAL A 31 ? 0.4712 0.4799 0.3899 0.0089  0.0033  -0.0078 30   VAL A O   
270 C  CB  . VAL A 31 ? 0.3357 0.3112 0.3114 0.0093  0.0084  -0.0019 30   VAL A CB  
271 C  CG1 . VAL A 31 ? 0.3830 0.3691 0.3571 -0.0034 0.0181  0.0020  30   VAL A CG1 
272 C  CG2 . VAL A 31 ? 0.3587 0.3272 0.3324 0.0076  -0.0125 0.0068  30   VAL A CG2 
273 N  N   . GLY A 32 ? 0.3796 0.3358 0.3165 0.0213  0.0106  0.0024  31   GLY A N   
274 C  CA  . GLY A 32 ? 0.3683 0.3481 0.3334 -0.0030 0.0239  -0.0050 31   GLY A CA  
275 C  C   . GLY A 32 ? 0.4000 0.4363 0.4140 0.0031  -0.0086 -0.0203 31   GLY A C   
276 O  O   . GLY A 32 ? 0.5440 0.4936 0.5048 -0.0099 -0.0018 0.0154  31   GLY A O   
277 C  C   . ACE B 1  ? 0.3983 0.3928 0.3935 -0.0075 -0.0145 0.0096  0    ACE B C   
278 O  O   . ACE B 1  ? 0.4353 0.4006 0.4128 -0.0154 0.0051  -0.0391 0    ACE B O   
279 C  CH3 . ACE B 1  ? 0.4114 0.3734 0.4153 -0.0067 -0.0053 -0.0077 0    ACE B CH3 
280 N  N   . ARG B 2  ? 0.3770 0.3389 0.3499 -0.0199 -0.0102 -0.0279 1    ARG B N   
281 C  CA  . ARG B 2  ? 0.3406 0.3494 0.3412 -0.0004 -0.0040 0.0047  1    ARG B CA  
282 C  C   . ARG B 2  ? 0.2614 0.3461 0.2649 0.0022  -0.0302 -0.0054 1    ARG B C   
283 O  O   . ARG B 2  ? 0.2529 0.2779 0.1986 -0.0290 -0.0390 0.0328  1    ARG B O   
284 C  CB  . ARG B 2  ? 0.3494 0.3342 0.3525 0.0026  -0.0002 0.0174  1    ARG B CB  
285 C  CG  . ARG B 2  ? 0.3489 0.3197 0.3251 -0.0187 -0.0183 0.0001  1    ARG B CG  
286 C  CD  . ARG B 2  ? 0.3873 0.3538 0.3474 -0.0118 -0.0006 -0.0008 1    ARG B CD  
287 N  NE  . ARG B 2  ? 0.3818 0.2966 0.3045 0.0117  -0.0094 0.0149  1    ARG B NE  
288 C  CZ  . ARG B 2  ? 0.3322 0.3578 0.2936 0.0063  0.0089  0.0190  1    ARG B CZ  
289 N  NH1 . ARG B 2  ? 0.3789 0.3533 0.3444 -0.0075 -0.0135 -0.0220 1    ARG B NH1 
290 N  NH2 . ARG B 2  ? 0.3755 0.3644 0.3607 -0.0126 -0.0057 -0.0124 1    ARG B NH2 
291 N  N   . MET B 3  ? 0.2591 0.3334 0.2417 -0.0122 -0.0425 -0.0154 2    MET B N   
292 C  CA  . MET B 3  ? 0.2980 0.3289 0.2917 -0.0124 0.0133  -0.0098 2    MET B CA  
293 C  C   . MET B 3  ? 0.2596 0.2516 0.2731 -0.0209 -0.0045 0.0057  2    MET B C   
294 O  O   . MET B 3  ? 0.2117 0.2051 0.2267 -0.0320 -0.0248 0.0326  2    MET B O   
295 C  CB  . MET B 3  ? 0.3311 0.3264 0.3215 -0.0093 -0.0391 0.0134  2    MET B CB  
296 C  CG  . MET B 3  ? 0.3592 0.3177 0.3335 0.0046  0.0161  0.0070  2    MET B CG  
297 S  SD  . MET B 3  ? 0.4285 0.4843 0.5125 0.0421  -0.0439 0.0090  2    MET B SD  
298 C  CE  . MET B 3  ? 0.5576 0.5516 0.5486 -0.0010 0.0071  -0.0041 2    MET B CE  
299 N  N   . LYS B 4  ? 0.2780 0.2498 0.1931 -0.0392 -0.0347 -0.0171 3    LYS B N   
300 C  CA  . LYS B 4  ? 0.2517 0.2959 0.2718 -0.0171 0.0027  0.0199  3    LYS B CA  
301 C  C   . LYS B 4  ? 0.2597 0.1988 0.2051 -0.0012 -0.0087 0.0136  3    LYS B C   
302 O  O   . LYS B 4  ? 0.2692 0.1700 0.1937 -0.0460 0.0012  -0.0212 3    LYS B O   
303 C  CB  . LYS B 4  ? 0.3185 0.3053 0.3667 -0.0221 -0.0020 -0.0303 3    LYS B CB  
304 C  CG  . LYS B 4  ? 0.4336 0.4107 0.4049 -0.0121 0.0033  0.0163  3    LYS B CG  
305 C  CD  . LYS B 4  ? 0.4312 0.4529 0.4270 0.0117  0.0018  0.0010  3    LYS B CD  
306 C  CE  . LYS B 4  ? 0.3164 0.3887 0.4094 0.0084  0.0045  -0.0097 3    LYS B CE  
307 N  NZ  . LYS B 4  ? 0.2880 0.3597 0.4041 -0.0214 -0.0132 0.0079  3    LYS B NZ  
308 N  N   . GLN B 5  ? 0.2515 0.1722 0.2177 -0.0340 -0.0183 -0.0348 4    GLN B N   
309 C  CA  . GLN B 5  ? 0.2291 0.1459 0.2181 -0.0278 -0.0233 0.0209  4    GLN B CA  
310 C  C   . GLN B 5  ? 0.2094 0.1175 0.1156 -0.0325 0.0145  0.0386  4    GLN B C   
311 O  O   . GLN B 5  ? 0.2119 0.1514 0.1756 -0.0132 -0.0384 0.0276  4    GLN B O   
312 C  CB  . GLN B 5  ? 0.2449 0.1317 0.2683 -0.0060 -0.0274 0.0035  4    GLN B CB  
313 C  CG  . GLN B 5  ? 0.2427 0.1211 0.2149 -0.0454 0.0088  0.0339  4    GLN B CG  
314 C  CD  . GLN B 5  ? 0.3518 0.2926 0.3071 -0.0011 0.0312  -0.0331 4    GLN B CD  
315 O  OE1 . GLN B 5  ? 0.3778 0.3651 0.3738 -0.0092 0.0350  -0.0147 4    GLN B OE1 
316 N  NE2 . GLN B 5  ? 0.3369 0.2605 0.2940 0.0028  0.0080  0.0096  4    GLN B NE2 
317 N  N   . LEU B 6  ? 0.2141 0.1187 0.1039 -0.0658 -0.0147 0.0517  5    LEU B N   
318 C  CA  . LEU B 6  ? 0.1922 0.1148 0.1558 -0.0213 0.0073  0.0290  5    LEU B CA  
319 C  C   . LEU B 6  ? 0.1236 0.1436 0.1379 -0.0253 -0.0114 0.0252  5    LEU B C   
320 O  O   . LEU B 6  ? 0.1773 0.0979 0.1258 -0.0391 0.0005  0.0233  5    LEU B O   
321 C  CB  . LEU B 6  ? 0.2098 0.1883 0.1463 0.0116  -0.0138 0.0157  5    LEU B CB  
322 C  CG  . LEU B 6  ? 0.2526 0.2043 0.2113 0.0063  0.0063  0.0012  5    LEU B CG  
323 C  CD1 . LEU B 6  ? 0.2458 0.2225 0.2302 -0.0298 0.0069  -0.0085 5    LEU B CD1 
324 C  CD2 . LEU B 6  ? 0.2299 0.2088 0.2289 0.0037  0.0099  0.0449  5    LEU B CD2 
325 N  N   . GLU B 7  ? 0.1761 0.1091 0.1513 -0.0267 -0.0154 0.0072  6    GLU B N   
326 C  CA  . GLU B 7  ? 0.1682 0.1475 0.1740 0.0099  0.0142  0.0393  6    GLU B CA  
327 C  C   . GLU B 7  ? 0.1830 0.1179 0.1133 -0.0249 0.0423  0.0507  6    GLU B C   
328 O  O   . GLU B 7  ? 0.2105 0.1065 0.1545 -0.0422 0.0030  -0.0114 6    GLU B O   
329 C  CB  . GLU B 7  ? 0.1863 0.1812 0.2040 -0.0323 0.0454  0.0013  6    GLU B CB  
330 C  CG  . GLU B 7  ? 0.2396 0.2350 0.2816 -0.0017 -0.0176 -0.0117 6    GLU B CG  
331 C  CD  . GLU B 7  ? 0.2689 0.3524 0.3662 -0.0123 -0.0192 0.0116  6    GLU B CD  
332 O  OE1 . GLU B 7  ? 0.3489 0.3469 0.4084 -0.0106 -0.0191 -0.0056 6    GLU B OE1 
333 O  OE2 . GLU B 7  ? 0.2612 0.2872 0.3426 -0.0130 -0.0150 -0.0016 6    GLU B OE2 
334 N  N   . ASP B 8  ? 0.1950 0.1194 0.1832 -0.0261 0.0022  0.0049  7    ASP B N   
335 C  CA  . ASP B 8  ? 0.2003 0.1853 0.1502 -0.0106 0.0001  -0.0011 7    ASP B CA  
336 C  C   . ASP B 8  ? 0.2302 0.1430 0.1740 -0.0336 0.0187  0.0243  7    ASP B C   
337 O  O   . ASP B 8  ? 0.1953 0.1511 0.1606 -0.0466 0.0052  0.0167  7    ASP B O   
338 C  CB  . ASP B 8  ? 0.2026 0.1608 0.1433 -0.0255 0.0150  0.0339  7    ASP B CB  
339 C  CG  . ASP B 8  ? 0.2404 0.1907 0.2032 -0.0226 0.0135  0.0198  7    ASP B CG  
340 O  OD1 . ASP B 8  ? 0.2825 0.2387 0.3373 0.0037  0.0132  -0.0004 7    ASP B OD1 
341 O  OD2 . ASP B 8  ? 0.2876 0.1768 0.3331 -0.0252 0.0240  -0.0154 7    ASP B OD2 
342 N  N   . LYS B 9  ? 0.1963 0.1322 0.1261 -0.0168 -0.0096 0.0090  8    LYS B N   
343 C  CA  . LYS B 9  ? 0.1874 0.1339 0.1361 -0.0035 -0.0134 0.0130  8    LYS B CA  
344 C  C   . LYS B 9  ? 0.1397 0.1008 0.1306 -0.0316 0.0028  0.0153  8    LYS B C   
345 O  O   . LYS B 9  ? 0.1601 0.1329 0.1431 -0.0362 -0.0185 0.0065  8    LYS B O   
346 C  CB  . LYS B 9  ? 0.2080 0.0962 0.1611 -0.0110 0.0172  0.0212  8    LYS B CB  
347 C  CG  . LYS B 9  ? 0.2432 0.2256 0.2676 -0.0055 0.0005  -0.0165 8    LYS B CG  
348 C  CD  . LYS B 9  ? 0.2441 0.2573 0.2730 -0.0037 0.0310  0.0119  8    LYS B CD  
349 C  CE  . LYS B 9  ? 0.2358 0.2998 0.2578 -0.0106 0.0206  0.0003  8    LYS B CE  
350 N  NZ  . LYS B 9  ? 0.2981 0.2868 0.3063 -0.0222 0.0439  -0.0173 8    LYS B NZ  
351 N  N   . VAL B 10 ? 0.1634 0.1110 0.1096 -0.0283 0.0233  0.0241  9    VAL B N   
352 C  CA  . VAL B 10 ? 0.1309 0.1059 0.1142 -0.0318 0.0390  0.0306  9    VAL B CA  
353 C  C   . VAL B 10 ? 0.1460 0.1232 0.1212 -0.0313 0.0233  0.0073  9    VAL B C   
354 O  O   . VAL B 10 ? 0.1834 0.1487 0.1318 -0.0326 0.0137  -0.0212 9    VAL B O   
355 C  CB  . VAL B 10 ? 0.1161 0.1061 0.1514 -0.0188 0.0189  0.0052  9    VAL B CB  
356 C  CG1 . VAL B 10 ? 0.1339 0.1167 0.1933 -0.0141 0.0524  0.0032  9    VAL B CG1 
357 C  CG2 . VAL B 10 ? 0.1866 0.1447 0.1371 0.0116  -0.0043 -0.0078 9    VAL B CG2 
358 N  N   . GLU B 11 ? 0.1657 0.1230 0.1593 -0.0475 0.0243  -0.0037 10   GLU B N   
359 C  CA  . GLU B 11 ? 0.1889 0.2155 0.1603 -0.0050 0.0299  -0.0214 10   GLU B CA  
360 C  C   . GLU B 11 ? 0.1759 0.1536 0.1335 -0.0663 0.0379  0.0201  10   GLU B C   
361 O  O   . GLU B 11 ? 0.2305 0.2407 0.1532 -0.0544 0.0287  -0.0286 10   GLU B O   
362 C  CB  . GLU B 11 ? 0.2865 0.2398 0.2382 -0.0296 0.0054  0.0168  10   GLU B CB  
363 C  CG  . GLU B 11 ? 0.2237 0.2404 0.2535 -0.0528 -0.0045 0.0233  10   GLU B CG  
364 C  CD  . GLU B 11 ? 0.3739 0.3763 0.4015 0.0131  0.0166  -0.0138 10   GLU B CD  
365 O  OE1 . GLU B 11 ? 0.4054 0.4239 0.4213 -0.0036 0.0069  0.0265  10   GLU B OE1 
366 O  OE2 . GLU B 11 ? 0.4812 0.4805 0.4164 -0.0011 0.0089  -0.0073 10   GLU B OE2 
367 N  N   . GLU B 12 ? 0.1989 0.1875 0.1493 -0.0509 -0.0091 -0.0034 11   GLU B N   
368 C  CA  . GLU B 12 ? 0.2107 0.1972 0.1793 -0.0320 0.0160  0.0299  11   GLU B CA  
369 C  C   . GLU B 12 ? 0.2088 0.1907 0.1267 -0.0348 0.0062  0.0130  11   GLU B C   
370 O  O   . GLU B 12 ? 0.2166 0.1708 0.1173 -0.0400 0.0067  0.0254  11   GLU B O   
371 C  CB  . GLU B 12 ? 0.2550 0.2116 0.2608 -0.0033 -0.0120 -0.0054 11   GLU B CB  
372 C  CG  . GLU B 12 ? 0.2862 0.2447 0.2653 0.0144  -0.0134 0.0038  11   GLU B CG  
373 C  CD  . GLU B 12 ? 0.3366 0.2805 0.2862 -0.0112 0.0093  0.0060  11   GLU B CD  
374 O  OE1 . GLU B 12 ? 0.3610 0.3372 0.3299 -0.0030 0.0084  0.0153  11   GLU B OE1 
375 O  OE2 . GLU B 12 ? 0.3920 0.3872 0.3800 0.0218  -0.0367 0.0164  11   GLU B OE2 
376 N  N   . ASN B 13 ? 0.1854 0.1654 0.0899 -0.0193 0.0103  0.0045  12   ASN B N   
377 C  CA  . ASN B 13 ? 0.1912 0.1480 0.1243 -0.0196 -0.0015 0.0261  12   ASN B CA  
378 C  C   . ASN B 13 ? 0.1661 0.1675 0.0993 -0.0377 0.0299  0.0042  12   ASN B C   
379 O  O   . ASN B 13 ? 0.1761 0.2160 0.1119 -0.0593 0.0126  0.0059  12   ASN B O   
380 C  CB  . ASN B 13 ? 0.1568 0.1662 0.1181 0.0052  -0.0063 -0.0055 12   ASN B CB  
381 C  CG  . ASN B 13 ? 0.1600 0.1612 0.1355 -0.0075 0.0043  0.0110  12   ASN B CG  
382 O  OD1 . ASN B 13 ? 0.1760 0.2025 0.1815 0.0063  0.0095  0.0503  12   ASN B OD1 
383 N  ND2 . ASN B 13 ? 0.1752 0.1429 0.1010 -0.0134 0.0067  0.0237  12   ASN B ND2 
384 N  N   . LEU B 14 ? 0.1459 0.1829 0.1395 -0.0445 0.0190  -0.0207 13   LEU B N   
385 C  CA  . LEU B 14 ? 0.1591 0.1682 0.1285 -0.0338 0.0522  0.0331  13   LEU B CA  
386 C  C   . LEU B 14 ? 0.1289 0.1605 0.1546 -0.0723 0.0459  0.0197  13   LEU B C   
387 O  O   . LEU B 14 ? 0.1787 0.2117 0.1516 -0.0558 0.0275  -0.0238 13   LEU B O   
388 C  CB  . LEU B 14 ? 0.1779 0.1636 0.1562 -0.0074 0.0161  -0.0151 13   LEU B CB  
389 C  CG  . LEU B 14 ? 0.1801 0.2089 0.1402 -0.0115 0.0480  0.0212  13   LEU B CG  
390 C  CD1 . LEU B 14 ? 0.2440 0.2188 0.1787 -0.0280 0.0361  0.0223  13   LEU B CD1 
391 C  CD2 . LEU B 14 ? 0.1982 0.2514 0.2155 -0.0192 0.0089  0.0237  13   LEU B CD2 
392 N  N   . SER B 15 ? 0.2193 0.1726 0.1390 -0.0297 -0.0077 0.0006  14   SER B N   
393 C  CA  . SER B 15 ? 0.2014 0.2244 0.1622 -0.0256 0.0288  0.0294  14   SER B CA  
394 C  C   . SER B 15 ? 0.2292 0.1763 0.1396 -0.0178 0.0138  -0.0037 14   SER B C   
395 O  O   . SER B 15 ? 0.2496 0.2240 0.1362 -0.0395 0.0106  -0.0033 14   SER B O   
396 C  CB  A SER B 15 ? 0.2403 0.2259 0.1851 -0.0216 -0.0055 0.0108  14   SER B CB  
397 C  CB  B SER B 15 ? 0.2608 0.2295 0.1907 -0.0159 -0.0058 0.0128  14   SER B CB  
398 O  OG  A SER B 15 ? 0.2572 0.2278 0.2043 -0.0359 0.0017  0.0353  14   SER B OG  
399 O  OG  B SER B 15 ? 0.2598 0.2880 0.2663 -0.0100 0.0063  0.0086  14   SER B OG  
400 N  N   . LYS B 16 ? 0.1785 0.1689 0.1461 -0.0214 0.0028  -0.0249 15   LYS B N   
401 C  CA  . LYS B 16 ? 0.1686 0.1839 0.1102 -0.0264 0.0055  0.0367  15   LYS B CA  
402 C  C   . LYS B 16 ? 0.1867 0.1905 0.0988 -0.0109 0.0089  0.0212  15   LYS B C   
403 O  O   . LYS B 16 ? 0.1858 0.1572 0.1230 -0.0301 -0.0121 0.0130  15   LYS B O   
404 C  CB  . LYS B 16 ? 0.1691 0.2131 0.1476 -0.0295 0.0026  -0.0062 15   LYS B CB  
405 C  CG  . LYS B 16 ? 0.2112 0.2005 0.1815 -0.0305 0.0026  0.0020  15   LYS B CG  
406 C  CD  . LYS B 16 ? 0.2680 0.2870 0.2467 0.0131  0.0250  0.0028  15   LYS B CD  
407 C  CE  . LYS B 16 ? 0.3572 0.3348 0.3500 0.0185  0.0246  -0.0486 15   LYS B CE  
408 N  NZ  . LYS B 16 ? 0.4434 0.4206 0.4152 0.0035  0.0078  0.0150  15   LYS B NZ  
409 N  N   . VAL B 17 ? 0.1360 0.1298 0.1096 -0.0551 -0.0059 0.0270  16   VAL B N   
410 C  CA  . VAL B 17 ? 0.1590 0.1249 0.1388 -0.0250 0.0391  0.0211  16   VAL B CA  
411 C  C   . VAL B 17 ? 0.1187 0.1921 0.1392 -0.0343 0.0205  -0.0108 16   VAL B C   
412 O  O   . VAL B 17 ? 0.1254 0.2196 0.1436 -0.0456 0.0229  -0.0275 16   VAL B O   
413 C  CB  A VAL B 17 ? 0.1669 0.2157 0.1351 -0.0034 0.0322  0.0265  16   VAL B CB  
414 C  CB  B VAL B 17 ? 0.1986 0.1805 0.1865 0.0184  -0.0021 0.0108  16   VAL B CB  
415 C  CG1 A VAL B 17 ? 0.2952 0.2549 0.2804 0.0204  0.0027  -0.0116 16   VAL B CG1 
416 C  CG1 B VAL B 17 ? 0.1907 0.2092 0.1320 0.0074  0.0221  0.0239  16   VAL B CG1 
417 C  CG2 A VAL B 17 ? 0.1536 0.1712 0.1037 0.0065  0.0072  0.0271  16   VAL B CG2 
418 C  CG2 B VAL B 17 ? 0.1426 0.1994 0.1769 0.0054  0.0069  0.0062  16   VAL B CG2 
419 N  N   . TYR B 18 ? 0.1395 0.1797 0.1562 -0.0463 0.0256  -0.0230 17   TYR B N   
420 C  CA  . TYR B 18 ? 0.1733 0.1548 0.1180 -0.0434 0.0604  0.0660  17   TYR B CA  
421 C  C   . TYR B 18 ? 0.1651 0.1586 0.1365 -0.0392 0.0372  0.0211  17   TYR B C   
422 O  O   . TYR B 18 ? 0.1979 0.2100 0.1608 -0.0389 0.0181  -0.0223 17   TYR B O   
423 C  CB  . TYR B 18 ? 0.1849 0.2236 0.1636 -0.0516 0.0769  0.0161  17   TYR B CB  
424 C  CG  . TYR B 18 ? 0.2724 0.2887 0.2493 0.0002  0.0184  0.0059  17   TYR B CG  
425 C  CD1 . TYR B 18 ? 0.2464 0.2893 0.2558 -0.0082 0.0173  0.0177  17   TYR B CD1 
426 C  CD2 . TYR B 18 ? 0.3129 0.3724 0.3388 -0.0091 -0.0178 -0.0127 17   TYR B CD2 
427 C  CE1 . TYR B 18 ? 0.2826 0.3276 0.3169 -0.0038 -0.0105 0.0129  17   TYR B CE1 
428 C  CE2 . TYR B 18 ? 0.3051 0.3360 0.3196 0.0005  0.0137  0.0228  17   TYR B CE2 
429 C  CZ  . TYR B 18 ? 0.2865 0.3205 0.2887 0.0124  -0.0060 -0.0168 17   TYR B CZ  
430 O  OH  . TYR B 18 ? 0.2913 0.3738 0.3335 0.0091  -0.0061 0.0143  17   TYR B OH  
431 N  N   . HIS B 19 ? 0.1803 0.1696 0.1436 -0.0404 0.0042  -0.0073 18   HIS B N   
432 C  CA  . HIS B 19 ? 0.2190 0.2053 0.1843 -0.0336 0.0127  0.0354  18   HIS B CA  
433 C  C   . HIS B 19 ? 0.1997 0.2054 0.1510 -0.0330 -0.0138 -0.0038 18   HIS B C   
434 O  O   . HIS B 19 ? 0.2304 0.1796 0.1361 -0.0423 -0.0167 0.0179  18   HIS B O   
435 C  CB  . HIS B 19 ? 0.1924 0.2268 0.1694 -0.0420 0.0426  0.0216  18   HIS B CB  
436 C  CG  . HIS B 19 ? 0.2624 0.2299 0.2910 0.0006  -0.0260 0.0111  18   HIS B CG  
437 N  ND1 . HIS B 19 ? 0.3193 0.3296 0.3014 0.0088  0.0113  0.0007  18   HIS B ND1 
438 C  CD2 . HIS B 19 ? 0.2465 0.1944 0.2811 -0.0090 0.0089  -0.0146 18   HIS B CD2 
439 C  CE1 . HIS B 19 ? 0.3363 0.3663 0.3309 0.0041  -0.0087 0.0137  18   HIS B CE1 
440 N  NE2 . HIS B 19 ? 0.3218 0.3150 0.2783 0.0005  -0.0087 -0.0041 18   HIS B NE2 
441 N  N   . ASN B 20 ? 0.1892 0.2009 0.1194 -0.0225 -0.0151 -0.0118 19   ASN B N   
442 C  CA  . ASN B 20 ? 0.1736 0.1718 0.1392 -0.0005 -0.0114 0.0133  19   ASN B CA  
443 C  C   . ASN B 20 ? 0.1608 0.1825 0.0938 -0.0118 0.0128  0.0062  19   ASN B C   
444 O  O   . ASN B 20 ? 0.1567 0.1762 0.1297 -0.0322 0.0055  -0.0198 19   ASN B O   
445 C  CB  A ASN B 20 ? 0.1656 0.1570 0.1465 -0.0068 -0.0054 0.0011  19   ASN B CB  
446 C  CB  B ASN B 20 ? 0.1314 0.1415 0.1590 0.0069  0.0215  -0.0221 19   ASN B CB  
447 C  CG  A ASN B 20 ? 0.2085 0.1745 0.1588 -0.0025 -0.0062 -0.0068 19   ASN B CG  
448 C  CG  B ASN B 20 ? 0.1259 0.1702 0.1332 -0.0008 0.0196  0.0050  19   ASN B CG  
449 O  OD1 A ASN B 20 ? 0.2231 0.2245 0.2056 0.0078  -0.0246 0.0128  19   ASN B OD1 
450 O  OD1 B ASN B 20 ? 0.1752 0.1748 0.1463 0.0046  0.0224  0.0269  19   ASN B OD1 
451 N  ND2 A ASN B 20 ? 0.1057 0.1653 0.1580 0.0111  0.0071  -0.0205 19   ASN B ND2 
452 N  ND2 B ASN B 20 ? 0.1952 0.1377 0.1284 0.0139  0.0017  0.0274  19   ASN B ND2 
453 N  N   . GLU B 21 ? 0.1615 0.1742 0.1256 -0.0055 0.0255  -0.0074 20   GLU B N   
454 C  CA  . GLU B 21 ? 0.1549 0.1772 0.1500 -0.0191 0.0232  -0.0069 20   GLU B CA  
455 C  C   . GLU B 21 ? 0.1289 0.1768 0.1512 -0.0494 0.0270  0.0210  20   GLU B C   
456 O  O   . GLU B 21 ? 0.2040 0.2284 0.1760 0.0123  -0.0260 -0.0362 20   GLU B O   
457 C  CB  . GLU B 21 ? 0.1912 0.2242 0.1910 0.0126  0.0176  -0.0096 20   GLU B CB  
458 C  CG  . GLU B 21 ? 0.2572 0.2430 0.2545 -0.0017 0.0216  -0.0219 20   GLU B CG  
459 C  CD  . GLU B 21 ? 0.3149 0.3882 0.3328 0.0282  -0.0103 -0.0079 20   GLU B CD  
460 O  OE1 . GLU B 21 ? 0.3162 0.3999 0.4222 -0.0118 0.0073  0.0080  20   GLU B OE1 
461 O  OE2 . GLU B 21 ? 0.4728 0.4185 0.4815 -0.0047 -0.0081 -0.0057 20   GLU B OE2 
462 N  N   . ASN B 22 ? 0.1660 0.1730 0.1266 -0.0210 0.0453  -0.0134 21   ASN B N   
463 C  CA  . ASN B 22 ? 0.1978 0.2300 0.1448 -0.0277 0.0171  0.0109  21   ASN B CA  
464 C  C   . ASN B 22 ? 0.2045 0.1998 0.1478 -0.0097 0.0100  -0.0021 21   ASN B C   
465 O  O   . ASN B 22 ? 0.2180 0.2435 0.1509 -0.0283 0.0072  -0.0411 21   ASN B O   
466 C  CB  . ASN B 22 ? 0.2316 0.2010 0.1519 -0.0143 0.0173  0.0236  21   ASN B CB  
467 C  CG  . ASN B 22 ? 0.2423 0.2189 0.2593 -0.0037 -0.0090 0.0235  21   ASN B CG  
468 O  OD1 . ASN B 22 ? 0.3007 0.2547 0.3609 0.0019  0.0230  -0.0190 21   ASN B OD1 
469 N  ND2 . ASN B 22 ? 0.2978 0.2399 0.2709 -0.0367 -0.0025 0.0152  21   ASN B ND2 
470 N  N   . GLU B 23 ? 0.1751 0.1920 0.1547 -0.0360 0.0031  -0.0048 22   GLU B N   
471 C  CA  . GLU B 23 ? 0.1837 0.1554 0.1193 -0.0407 0.0236  0.0336  22   GLU B CA  
472 C  C   . GLU B 23 ? 0.1307 0.1249 0.1653 -0.0303 0.0095  0.0187  22   GLU B C   
473 O  O   . GLU B 23 ? 0.1986 0.1658 0.1404 -0.0203 -0.0285 0.0099  22   GLU B O   
474 C  CB  . GLU B 23 ? 0.1746 0.1850 0.1803 -0.0096 0.0082  0.0280  22   GLU B CB  
475 C  CG  . GLU B 23 ? 0.2895 0.1802 0.2564 -0.0003 -0.0279 0.0067  22   GLU B CG  
476 C  CD  . GLU B 23 ? 0.3431 0.3078 0.2681 0.0023  0.0182  0.0168  22   GLU B CD  
477 O  OE1 . GLU B 23 ? 0.3878 0.3067 0.3064 -0.0008 -0.0298 0.0205  22   GLU B OE1 
478 O  OE2 . GLU B 23 ? 0.3866 0.4200 0.4235 -0.0277 0.0324  0.0154  22   GLU B OE2 
479 N  N   . VAL B 24 ? 0.1420 0.1438 0.1525 -0.0273 0.0077  -0.0050 23   VAL B N   
480 C  CA  . VAL B 24 ? 0.1644 0.1300 0.1389 -0.0163 0.0174  0.0211  23   VAL B CA  
481 C  C   . VAL B 24 ? 0.1741 0.1599 0.1787 -0.0148 -0.0046 -0.0085 23   VAL B C   
482 O  O   . VAL B 24 ? 0.1956 0.1807 0.1857 -0.0211 -0.0144 -0.0398 23   VAL B O   
483 C  CB  . VAL B 24 ? 0.2120 0.1534 0.1702 -0.0328 0.0083  0.0196  23   VAL B CB  
484 C  CG1 . VAL B 24 ? 0.2981 0.1922 0.2911 -0.0080 -0.0210 -0.0255 23   VAL B CG1 
485 C  CG2 . VAL B 24 ? 0.2297 0.2626 0.1993 -0.0061 0.0067  -0.0047 23   VAL B CG2 
486 N  N   . ALA B 25 ? 0.1872 0.2091 0.1710 -0.0096 0.0140  -0.0249 24   ALA B N   
487 C  CA  . ALA B 25 ? 0.2421 0.2847 0.2102 0.0264  0.0260  -0.0183 24   ALA B CA  
488 C  C   . ALA B 25 ? 0.2231 0.2206 0.2364 -0.0002 -0.0068 -0.0168 24   ALA B C   
489 O  O   . ALA B 25 ? 0.2227 0.2268 0.2089 -0.0053 0.0006  -0.0699 24   ALA B O   
490 C  CB  . ALA B 25 ? 0.2444 0.3180 0.2632 0.0138  0.0144  -0.0466 24   ALA B CB  
491 N  N   . ARG B 26 ? 0.2051 0.2019 0.1488 -0.0219 0.0136  -0.0045 25   ARG B N   
492 C  CA  . ARG B 26 ? 0.2445 0.2474 0.1534 -0.0259 0.0496  0.0119  25   ARG B CA  
493 C  C   . ARG B 26 ? 0.2287 0.2225 0.1419 0.0047  0.0105  -0.0344 25   ARG B C   
494 O  O   . ARG B 26 ? 0.2660 0.2227 0.1677 -0.0495 0.0143  -0.0223 25   ARG B O   
495 C  CB  . ARG B 26 ? 0.2544 0.2507 0.2266 -0.0247 0.0316  -0.0178 25   ARG B CB  
496 C  CG  . ARG B 26 ? 0.3504 0.3464 0.2972 0.0071  -0.0168 0.0067  25   ARG B CG  
497 C  CD  . ARG B 26 ? 0.4352 0.3815 0.4147 -0.0178 -0.0010 -0.0036 25   ARG B CD  
498 N  NE  . ARG B 26 ? 0.4175 0.3574 0.4372 -0.0093 -0.0027 -0.0071 25   ARG B NE  
499 C  CZ  . ARG B 26 ? 0.4352 0.4557 0.4772 -0.0007 0.0067  -0.0099 25   ARG B CZ  
500 N  NH1 . ARG B 26 ? 0.4407 0.4224 0.4435 -0.0038 -0.0121 -0.0014 25   ARG B NH1 
501 N  NH2 . ARG B 26 ? 0.5270 0.5211 0.5053 0.0020  -0.0069 0.0153  25   ARG B NH2 
502 N  N   . LEU B 27 ? 0.2230 0.2519 0.1366 -0.0223 0.0008  -0.0128 26   LEU B N   
503 C  CA  . LEU B 27 ? 0.2084 0.2030 0.1734 0.0034  -0.0034 -0.0034 26   LEU B CA  
504 C  C   . LEU B 27 ? 0.2042 0.2091 0.1738 -0.0272 -0.0041 -0.0216 26   LEU B C   
505 O  O   . LEU B 27 ? 0.2011 0.2126 0.1824 -0.0066 -0.0278 -0.0532 26   LEU B O   
506 C  CB  . LEU B 27 ? 0.2196 0.2368 0.2026 -0.0012 0.0082  0.0045  26   LEU B CB  
507 C  CG  . LEU B 27 ? 0.2386 0.2708 0.2503 -0.0201 0.0014  -0.0040 26   LEU B CG  
508 C  CD1 . LEU B 27 ? 0.3238 0.3068 0.3475 0.0127  -0.0191 0.0086  26   LEU B CD1 
509 C  CD2 . LEU B 27 ? 0.2741 0.3054 0.2976 0.0019  0.0305  -0.0344 26   LEU B CD2 
510 N  N   . LYS B 28 ? 0.2314 0.2190 0.2098 -0.0048 -0.0252 -0.0446 27   LYS B N   
511 C  CA  . LYS B 28 ? 0.2347 0.2048 0.2392 -0.0200 0.0165  0.0204  27   LYS B CA  
512 C  C   . LYS B 28 ? 0.2696 0.2909 0.2483 -0.0127 0.0010  -0.0327 27   LYS B C   
513 O  O   . LYS B 28 ? 0.2831 0.2658 0.2611 -0.0214 -0.0244 -0.0342 27   LYS B O   
514 C  CB  . LYS B 28 ? 0.2921 0.3035 0.2798 0.0275  -0.0042 -0.0144 27   LYS B CB  
515 C  CG  . LYS B 28 ? 0.4517 0.3882 0.4777 -0.0253 0.0256  -0.0027 27   LYS B CG  
516 C  CD  . LYS B 28 ? 0.5528 0.5769 0.5619 0.0101  -0.0203 0.0224  27   LYS B CD  
517 C  CE  . LYS B 28 ? 0.6436 0.6285 0.6226 0.0039  0.0044  -0.0144 27   LYS B CE  
518 N  NZ  . LYS B 28 ? 0.6431 0.6230 0.6344 -0.0016 -0.0053 -0.0003 27   LYS B NZ  
519 N  N   . LYS B 29 ? 0.2752 0.2909 0.1968 -0.0157 0.0323  -0.0353 28   LYS B N   
520 C  CA  . LYS B 29 ? 0.3011 0.2987 0.2406 0.0001  0.0239  0.0000  28   LYS B CA  
521 C  C   . LYS B 29 ? 0.2511 0.2208 0.1576 -0.0448 0.0599  0.0237  28   LYS B C   
522 O  O   . LYS B 29 ? 0.3691 0.3066 0.2206 -0.0271 0.0336  -0.0696 28   LYS B O   
523 C  CB  . LYS B 29 ? 0.3229 0.3362 0.3554 -0.0143 0.0041  -0.0051 28   LYS B CB  
524 C  CG  . LYS B 29 ? 0.3993 0.3661 0.3433 0.0042  0.0125  0.0110  28   LYS B CG  
525 C  CD  . LYS B 29 ? 0.4243 0.5192 0.4748 -0.0038 -0.0026 0.0088  28   LYS B CD  
526 C  CE  . LYS B 29 ? 0.5985 0.5525 0.5994 -0.0055 0.0099  -0.0059 28   LYS B CE  
527 N  NZ  . LYS B 29 ? 0.6314 0.6411 0.6254 -0.0016 -0.0132 -0.0079 28   LYS B NZ  
528 N  N   . LEU B 30 ? 0.3071 0.2388 0.2854 -0.0171 0.0132  -0.0100 29   LEU B N   
529 C  CA  . LEU B 30 ? 0.3446 0.2777 0.1765 -0.0247 0.0229  0.0645  29   LEU B CA  
530 C  C   . LEU B 30 ? 0.3330 0.3199 0.2874 -0.0187 -0.0003 0.0059  29   LEU B C   
531 O  O   . LEU B 30 ? 0.4189 0.3600 0.3392 -0.0086 -0.0459 -0.0099 29   LEU B O   
532 C  CB  . LEU B 30 ? 0.4085 0.3443 0.3210 -0.0083 0.0138  -0.0028 29   LEU B CB  
533 C  CG  . LEU B 30 ? 0.3928 0.4044 0.3719 -0.0049 0.0080  -0.0026 29   LEU B CG  
534 C  CD1 . LEU B 30 ? 0.3855 0.3279 0.3614 0.0060  0.0178  -0.0047 29   LEU B CD1 
535 C  CD2 . LEU B 30 ? 0.4005 0.3921 0.3664 0.0009  0.0148  0.0028  29   LEU B CD2 
536 N  N   . VAL B 31 ? 0.2200 0.2692 0.2008 -0.0211 -0.0034 -0.0320 30   VAL B N   
537 C  CA  . VAL B 31 ? 0.1452 0.1989 0.1559 0.0219  -0.0238 -0.0017 30   VAL B CA  
538 C  C   . VAL B 31 ? 0.1918 0.2139 0.2205 -0.0041 -0.0217 -0.0131 30   VAL B C   
539 O  O   . VAL B 31 ? 0.1705 0.2429 0.2204 -0.0165 0.0088  -0.0349 30   VAL B O   
540 C  CB  . VAL B 31 ? 0.1867 0.1956 0.1907 -0.0029 0.0196  -0.0126 30   VAL B CB  
541 C  CG1 . VAL B 31 ? 0.1903 0.1904 0.2194 -0.0007 0.0073  -0.0248 30   VAL B CG1 
542 C  CG2 . VAL B 31 ? 0.1705 0.1599 0.1890 -0.0183 -0.0029 -0.0046 30   VAL B CG2 
543 N  N   . GLY B 32 ? 0.2487 0.1865 0.1828 0.0101  -0.0245 0.0083  31   GLY B N   
544 C  CA  . GLY B 32 ? 0.2176 0.2483 0.2193 0.0270  0.0133  -0.0378 31   GLY B CA  
545 C  C   . GLY B 32 ? 0.3369 0.3341 0.3392 -0.0002 0.0011  0.0177  31   GLY B C   
546 O  O   . GLY B 32 ? 0.3516 0.3862 0.3880 0.0084  0.0268  -0.0055 31   GLY B O   
547 N  N   . GLU B 33 ? 0.3905 0.3344 0.3679 0.0103  0.0132  -0.0014 32   GLU B N   
548 C  CA  . GLU B 33 ? 0.3848 0.3532 0.3697 -0.0142 0.0263  -0.0114 32   GLU B CA  
549 C  C   . GLU B 33 ? 0.4350 0.4436 0.4122 0.0082  -0.0226 -0.0047 32   GLU B C   
550 O  O   . GLU B 33 ? 0.3606 0.4047 0.4211 0.0215  -0.0202 0.0130  32   GLU B O   
551 C  CB  . GLU B 33 ? 0.3782 0.4125 0.3629 0.0025  0.0183  0.0195  32   GLU B CB  
552 C  CD  . ARG B 34 ? 0.2784 0.3275 0.3530 -0.0144 -0.0036 -0.0025 33   ARG B CD  
553 N  NE  . ARG B 34 ? 0.3098 0.2600 0.3331 -0.0166 -0.0235 -0.0064 33   ARG B NE  
554 C  CZ  . ARG B 34 ? 0.3171 0.3184 0.3281 0.0004  -0.0050 -0.0003 33   ARG B CZ  
555 N  NH1 . ARG B 34 ? 0.3272 0.3679 0.3913 -0.0096 0.0182  -0.0046 33   ARG B NH1 
556 N  NH2 . ARG B 34 ? 0.3184 0.3047 0.3704 0.0018  -0.0203 0.0067  33   ARG B NH2 
557 C  C   . ACE C 1  ? 0.2470 0.2707 0.2450 -0.0161 -0.0089 -0.0059 0    ACE C C   
558 O  O   . ACE C 1  ? 0.2251 0.3230 0.2763 -0.0217 -0.0125 -0.0457 0    ACE C O   
559 C  CH3 . ACE C 1  ? 0.2174 0.2421 0.2448 -0.0136 -0.0040 0.0043  0    ACE C CH3 
560 N  N   . ARG C 2  ? 0.2295 0.2768 0.2554 0.0023  -0.0133 -0.0133 1    ARG C N   
561 C  CA  . ARG C 2  ? 0.1872 0.2689 0.2406 -0.0188 0.0056  0.0143  1    ARG C CA  
562 C  C   . ARG C 2  ? 0.1981 0.2519 0.1662 -0.0215 0.0225  0.0032  1    ARG C C   
563 O  O   . ARG C 2  ? 0.2062 0.2671 0.1999 -0.0521 -0.0132 -0.0221 1    ARG C O   
564 C  CB  . ARG C 2  ? 0.3206 0.3156 0.3180 -0.0004 -0.0223 -0.0140 1    ARG C CB  
565 C  CG  . ARG C 2  ? 0.2547 0.2707 0.2739 -0.0079 0.0083  -0.0167 1    ARG C CG  
566 C  CD  . ARG C 2  ? 0.3777 0.2942 0.4034 -0.0127 0.0052  -0.0113 1    ARG C CD  
567 N  NE  . ARG C 2  ? 0.4541 0.4771 0.4361 0.0078  -0.0214 0.0108  1    ARG C NE  
568 C  CZ  . ARG C 2  ? 0.5318 0.4920 0.5277 0.0059  -0.0020 0.0114  1    ARG C CZ  
569 N  NH1 . ARG C 2  ? 0.5838 0.5700 0.5593 -0.0075 -0.0056 -0.0095 1    ARG C NH1 
570 N  NH2 . ARG C 2  ? 0.4922 0.4831 0.4876 -0.0018 -0.0015 -0.0113 1    ARG C NH2 
571 N  N   . MET C 3  ? 0.1606 0.2290 0.1461 -0.0175 0.0100  -0.0116 2    MET C N   
572 C  CA  . MET C 3  ? 0.1533 0.2152 0.1802 0.0032  -0.0009 0.0003  2    MET C CA  
573 C  C   . MET C 3  ? 0.1255 0.1966 0.1417 -0.0224 0.0092  0.0206  2    MET C C   
574 O  O   . MET C 3  ? 0.1655 0.2077 0.1491 -0.0234 -0.0230 -0.0194 2    MET C O   
575 C  CB  . MET C 3  ? 0.2107 0.2257 0.1691 0.0098  -0.0126 -0.0144 2    MET C CB  
576 C  CG  . MET C 3  ? 0.2508 0.2670 0.2257 -0.0422 0.0161  -0.0237 2    MET C CG  
577 S  SD  . MET C 3  ? 0.3115 0.2887 0.2467 0.0086  0.0616  -0.0420 2    MET C SD  
578 C  CE  . MET C 3  ? 0.3282 0.2847 0.2625 -0.0167 -0.0018 -0.0141 2    MET C CE  
579 N  N   . LYS C 4  ? 0.1198 0.2130 0.1770 -0.0249 -0.0166 -0.0142 3    LYS C N   
580 C  CA  . LYS C 4  ? 0.1650 0.1931 0.1640 0.0032  0.0039  0.0238  3    LYS C CA  
581 C  C   . LYS C 4  ? 0.1189 0.1676 0.1733 0.0016  -0.0028 -0.0245 3    LYS C C   
582 O  O   . LYS C 4  ? 0.1146 0.1672 0.1626 -0.0552 0.0098  -0.0016 3    LYS C O   
583 C  CB  A LYS C 4  ? 0.1972 0.2248 0.2198 0.0120  -0.0162 -0.0035 3    LYS C CB  
584 C  CB  B LYS C 4  ? 0.1651 0.1915 0.1782 0.0014  -0.0026 -0.0099 3    LYS C CB  
585 C  CG  A LYS C 4  ? 0.1902 0.2076 0.1993 0.0126  -0.0133 0.0031  3    LYS C CG  
586 C  CG  B LYS C 4  ? 0.1774 0.1643 0.1330 0.0133  -0.0080 0.0243  3    LYS C CG  
587 C  CD  A LYS C 4  ? 0.2567 0.2522 0.2374 -0.0107 0.0029  -0.0173 3    LYS C CD  
588 C  CD  B LYS C 4  ? 0.2217 0.2244 0.2358 -0.0209 0.0073  0.0019  3    LYS C CD  
589 C  CE  A LYS C 4  ? 0.1970 0.2167 0.2020 0.0120  -0.0029 0.0250  3    LYS C CE  
590 C  CE  B LYS C 4  ? 0.2574 0.2548 0.2739 0.0116  0.0080  -0.0056 3    LYS C CE  
591 N  NZ  A LYS C 4  ? 0.2764 0.2368 0.2398 -0.0165 -0.0207 0.0163  3    LYS C NZ  
592 N  NZ  B LYS C 4  ? 0.2994 0.2836 0.2633 -0.0101 -0.0101 -0.0009 3    LYS C NZ  
593 N  N   . GLN C 5  ? 0.1197 0.2070 0.1712 -0.0227 0.0084  -0.0329 4    GLN C N   
594 C  CA  . GLN C 5  ? 0.1729 0.1145 0.1555 -0.0024 0.0035  0.0056  4    GLN C CA  
595 C  C   . GLN C 5  ? 0.1806 0.1529 0.1333 -0.0082 0.0002  0.0201  4    GLN C C   
596 O  O   . GLN C 5  ? 0.1123 0.1788 0.1581 -0.0063 -0.0064 -0.0248 4    GLN C O   
597 C  CB  A GLN C 5  ? 0.2036 0.1732 0.1860 -0.0204 0.0086  0.0160  4    GLN C CB  
598 C  CB  B GLN C 5  ? 0.1981 0.1634 0.1710 -0.0183 0.0065  0.0190  4    GLN C CB  
599 C  CG  A GLN C 5  ? 0.2206 0.2322 0.2818 -0.0052 -0.0081 -0.0011 4    GLN C CG  
600 C  CG  B GLN C 5  ? 0.2166 0.2125 0.2279 0.0060  -0.0058 -0.0081 4    GLN C CG  
601 C  CD  A GLN C 5  ? 0.1813 0.2255 0.1771 -0.0043 0.0229  0.0202  4    GLN C CD  
602 C  CD  B GLN C 5  ? 0.1971 0.2305 0.2383 0.0154  0.0143  0.0053  4    GLN C CD  
603 O  OE1 A GLN C 5  ? 0.2010 0.2060 0.2009 -0.0392 0.0003  0.0394  4    GLN C OE1 
604 O  OE1 B GLN C 5  ? 0.3209 0.3020 0.3475 -0.0192 -0.0140 -0.0092 4    GLN C OE1 
605 N  NE2 A GLN C 5  ? 0.2165 0.2224 0.2662 0.0052  -0.0058 0.0100  4    GLN C NE2 
606 N  NE2 B GLN C 5  ? 0.2179 0.2086 0.2468 -0.0154 0.0087  0.0092  4    GLN C NE2 
607 N  N   . LEU C 6  ? 0.1149 0.1431 0.1538 -0.0221 0.0100  -0.0009 5    LEU C N   
608 C  CA  . LEU C 6  ? 0.1528 0.0897 0.1101 -0.0220 0.0307  0.0539  5    LEU C CA  
609 C  C   . LEU C 6  ? 0.1122 0.0859 0.1099 -0.0132 0.0463  0.0523  5    LEU C C   
610 O  O   . LEU C 6  ? 0.1159 0.1175 0.1000 -0.0026 0.0024  0.0195  5    LEU C O   
611 C  CB  . LEU C 6  ? 0.1378 0.1613 0.1684 -0.0090 0.0259  0.0036  5    LEU C CB  
612 C  CG  . LEU C 6  ? 0.1818 0.1353 0.2035 -0.0254 0.0112  0.0031  5    LEU C CG  
613 C  CD1 . LEU C 6  ? 0.2335 0.1692 0.2138 0.0066  0.0001  0.0011  5    LEU C CD1 
614 C  CD2 . LEU C 6  ? 0.2255 0.1556 0.2488 0.0196  0.0312  -0.0230 5    LEU C CD2 
615 N  N   . GLU C 7  ? 0.1176 0.0921 0.0970 -0.0216 0.0322  0.0517  6    GLU C N   
616 C  CA  . GLU C 7  ? 0.1256 0.1016 0.1115 0.0162  0.0525  0.0742  6    GLU C CA  
617 C  C   . GLU C 7  ? 0.1122 0.0952 0.1207 -0.0100 -0.0062 0.0136  6    GLU C C   
618 O  O   . GLU C 7  ? 0.1131 0.1312 0.1145 -0.0176 0.0034  -0.0041 6    GLU C O   
619 C  CB  . GLU C 7  ? 0.1545 0.1164 0.1453 0.0247  0.0034  0.0247  6    GLU C CB  
620 C  CG  . GLU C 7  ? 0.1600 0.1308 0.1343 -0.0279 0.0073  0.0114  6    GLU C CG  
621 C  CD  . GLU C 7  ? 0.1907 0.2342 0.1453 0.0301  0.0241  0.0010  6    GLU C CD  
622 O  OE1 . GLU C 7  ? 0.1836 0.2517 0.1343 0.0418  0.0082  -0.0059 6    GLU C OE1 
623 O  OE2 . GLU C 7  ? 0.1487 0.2613 0.1540 0.0123  0.0118  -0.0160 6    GLU C OE2 
624 N  N   . ASP C 8  ? 0.1323 0.1191 0.1025 0.0093  -0.0002 -0.0082 7    ASP C N   
625 C  CA  . ASP C 8  ? 0.1213 0.1240 0.1359 0.0020  0.0287  -0.0051 7    ASP C CA  
626 C  C   . ASP C 8  ? 0.1137 0.1265 0.1423 -0.0028 0.0036  -0.0073 7    ASP C C   
627 O  O   . ASP C 8  ? 0.1222 0.1349 0.1594 -0.0063 0.0008  -0.0228 7    ASP C O   
628 C  CB  . ASP C 8  ? 0.1338 0.1781 0.1514 0.0238  -0.0006 -0.0450 7    ASP C CB  
629 C  CG  . ASP C 8  ? 0.1574 0.1976 0.1967 -0.0165 0.0026  0.0081  7    ASP C CG  
630 O  OD1 . ASP C 8  ? 0.1654 0.2040 0.2090 0.0097  -0.0075 0.0106  7    ASP C OD1 
631 O  OD2 . ASP C 8  ? 0.1442 0.2629 0.2234 0.0519  -0.0007 0.0281  7    ASP C OD2 
632 N  N   . LYS C 9  ? 0.1282 0.1111 0.1030 -0.0060 0.0106  0.0146  8    LYS C N   
633 C  CA  . LYS C 9  ? 0.1035 0.1329 0.1032 -0.0085 0.0178  0.0251  8    LYS C CA  
634 C  C   . LYS C 9  ? 0.1137 0.0975 0.1129 -0.0244 0.0036  0.0001  8    LYS C C   
635 O  O   . LYS C 9  ? 0.1057 0.1228 0.0988 -0.0342 0.0093  0.0191  8    LYS C O   
636 C  CB  . LYS C 9  ? 0.1193 0.1494 0.1441 -0.0173 0.0352  0.0378  8    LYS C CB  
637 C  CG  . LYS C 9  ? 0.2036 0.2018 0.1933 0.0142  -0.0258 0.0008  8    LYS C CG  
638 C  CD  . LYS C 9  ? 0.2579 0.2096 0.2734 -0.0035 -0.0152 0.0008  8    LYS C CD  
639 C  CE  . LYS C 9  ? 0.3083 0.2449 0.2512 -0.0270 0.0208  0.0282  8    LYS C CE  
640 N  NZ  . LYS C 9  ? 0.3055 0.2283 0.2388 -0.0343 0.0512  0.0485  8    LYS C NZ  
641 N  N   . VAL C 10 ? 0.0947 0.1441 0.1128 -0.0155 0.0097  -0.0027 9    VAL C N   
642 C  CA  . VAL C 10 ? 0.0936 0.0984 0.0949 -0.0315 0.0216  0.0116  9    VAL C CA  
643 C  C   . VAL C 10 ? 0.0972 0.1116 0.0794 -0.0111 0.0205  0.0154  9    VAL C C   
644 O  O   . VAL C 10 ? 0.1149 0.1039 0.1285 -0.0288 -0.0159 0.0018  9    VAL C O   
645 C  CB  . VAL C 10 ? 0.1177 0.1054 0.1003 -0.0069 0.0314  0.0293  9    VAL C CB  
646 C  CG1 . VAL C 10 ? 0.1009 0.1748 0.0993 0.0001  0.0319  0.0216  9    VAL C CG1 
647 C  CG2 . VAL C 10 ? 0.1643 0.0988 0.1713 -0.0048 -0.0140 -0.0033 9    VAL C CG2 
648 N  N   . GLU C 11 ? 0.1107 0.1017 0.1351 -0.0021 -0.0243 0.0086  10   GLU C N   
649 C  CA  . GLU C 11 ? 0.1346 0.1045 0.1188 -0.0165 0.0000  0.0042  10   GLU C CA  
650 C  C   . GLU C 11 ? 0.1093 0.1558 0.1069 -0.0159 -0.0024 -0.0011 10   GLU C C   
651 O  O   . GLU C 11 ? 0.1259 0.1223 0.1345 -0.0122 -0.0002 -0.0084 10   GLU C O   
652 C  CB  . GLU C 11 ? 0.2171 0.1462 0.1908 0.0071  -0.0527 -0.0278 10   GLU C CB  
653 C  CG  . GLU C 11 ? 0.4222 0.4421 0.3629 0.0074  0.0251  0.0339  10   GLU C CG  
654 C  CD  . GLU C 11 ? 0.4388 0.5284 0.5226 -0.0141 -0.0069 0.0138  10   GLU C CD  
655 O  OE1 . GLU C 11 ? 0.6191 0.5769 0.6293 0.0073  0.0085  -0.0188 10   GLU C OE1 
656 O  OE2 . GLU C 11 ? 0.4096 0.3595 0.2979 0.0118  0.0146  0.0370  10   GLU C OE2 
657 N  N   . GLU C 12 ? 0.0992 0.1450 0.1254 -0.0053 0.0244  -0.0151 11   GLU C N   
658 C  CA  . GLU C 12 ? 0.1506 0.0923 0.1188 -0.0227 0.0196  0.0118  11   GLU C CA  
659 C  C   . GLU C 12 ? 0.1526 0.1295 0.1187 -0.0177 -0.0049 0.0068  11   GLU C C   
660 O  O   . GLU C 12 ? 0.1539 0.1059 0.1183 -0.0172 -0.0072 0.0119  11   GLU C O   
661 C  CB  . GLU C 12 ? 0.1575 0.1863 0.1021 -0.0199 0.0326  0.0056  11   GLU C CB  
662 C  CG  . GLU C 12 ? 0.2027 0.2272 0.2594 -0.0001 0.0108  -0.0147 11   GLU C CG  
663 C  CD  . GLU C 12 ? 0.2940 0.2368 0.2915 0.0041  -0.0143 -0.0143 11   GLU C CD  
664 O  OE1 . GLU C 12 ? 0.2931 0.2111 0.2291 -0.0225 0.0455  -0.0533 11   GLU C OE1 
665 O  OE2 . GLU C 12 ? 0.2370 0.2878 0.2601 0.0129  0.0148  -0.0233 11   GLU C OE2 
666 N  N   . ASN C 13 ? 0.1190 0.1130 0.1181 -0.0193 0.0029  -0.0128 12   ASN C N   
667 C  CA  . ASN C 13 ? 0.1291 0.1234 0.1362 -0.0186 0.0192  0.0064  12   ASN C CA  
668 C  C   . ASN C 13 ? 0.1314 0.0911 0.0984 -0.0061 0.0320  0.0228  12   ASN C C   
669 O  O   . ASN C 13 ? 0.1505 0.1218 0.1078 -0.0388 -0.0161 0.0239  12   ASN C O   
670 C  CB  . ASN C 13 ? 0.1249 0.0818 0.1264 -0.0318 0.0001  0.0237  12   ASN C CB  
671 C  CG  . ASN C 13 ? 0.1645 0.1564 0.0927 -0.0410 0.0272  -0.0016 12   ASN C CG  
672 O  OD1 . ASN C 13 ? 0.2516 0.1180 0.1240 -0.0175 0.0570  0.0186  12   ASN C OD1 
673 N  ND2 . ASN C 13 ? 0.1775 0.1537 0.0987 -0.0048 0.0007  -0.0096 12   ASN C ND2 
674 N  N   . LEU C 14 ? 0.1311 0.1046 0.0962 -0.0173 0.0581  0.0450  13   LEU C N   
675 C  CA  . LEU C 14 ? 0.1192 0.0818 0.1080 -0.0081 0.0642  0.0409  13   LEU C CA  
676 C  C   . LEU C 14 ? 0.1151 0.0874 0.1087 -0.0231 0.0052  0.0344  13   LEU C C   
677 O  O   . LEU C 14 ? 0.1189 0.1017 0.1616 -0.0184 -0.0143 0.0001  13   LEU C O   
678 C  CB  . LEU C 14 ? 0.1682 0.0938 0.1191 -0.0212 0.0662  0.0544  13   LEU C CB  
679 C  CG  . LEU C 14 ? 0.2148 0.1264 0.1585 -0.0461 0.0524  0.0399  13   LEU C CG  
680 C  CD1 . LEU C 14 ? 0.2353 0.2864 0.2823 -0.0008 -0.0030 0.0013  13   LEU C CD1 
681 C  CD2 . LEU C 14 ? 0.2239 0.2834 0.1531 -0.0220 0.0540  0.0805  13   LEU C CD2 
682 N  N   . SER C 15 ? 0.1209 0.0881 0.1379 -0.0171 -0.0064 0.0132  14   SER C N   
683 C  CA  . SER C 15 ? 0.1300 0.1321 0.1578 -0.0207 0.0087  -0.0071 14   SER C CA  
684 C  C   . SER C 15 ? 0.1478 0.1169 0.1673 0.0035  -0.0134 -0.0178 14   SER C C   
685 O  O   . SER C 15 ? 0.1273 0.1346 0.1589 -0.0171 -0.0143 -0.0114 14   SER C O   
686 C  CB  A SER C 15 ? 0.1422 0.1229 0.1419 0.0061  -0.0065 -0.0162 14   SER C CB  
687 C  CB  B SER C 15 ? 0.1576 0.1603 0.1776 0.0087  -0.0012 -0.0169 14   SER C CB  
688 O  OG  A SER C 15 ? 0.1521 0.1343 0.1682 0.0055  0.0041  -0.0233 14   SER C OG  
689 O  OG  B SER C 15 ? 0.1909 0.1405 0.2274 0.0098  -0.0332 -0.0042 14   SER C OG  
690 N  N   . LYS C 16 ? 0.1271 0.1209 0.1086 0.0053  -0.0078 -0.0005 15   LYS C N   
691 C  CA  . LYS C 16 ? 0.1581 0.0718 0.0836 -0.0014 0.0470  0.0435  15   LYS C CA  
692 C  C   . LYS C 16 ? 0.1350 0.0958 0.1025 -0.0151 0.0049  0.0012  15   LYS C C   
693 O  O   . LYS C 16 ? 0.1481 0.1406 0.1272 -0.0029 -0.0075 -0.0099 15   LYS C O   
694 C  CB  . LYS C 16 ? 0.1533 0.1240 0.1063 0.0081  0.0130  0.0628  15   LYS C CB  
695 C  CG  . LYS C 16 ? 0.1374 0.1371 0.1423 -0.0210 0.0183  0.0329  15   LYS C CG  
696 C  CD  . LYS C 16 ? 0.1095 0.1916 0.2234 -0.0430 0.0171  0.0527  15   LYS C CD  
697 C  CE  . LYS C 16 ? 0.1847 0.2455 0.2725 -0.0335 0.0075  0.0185  15   LYS C CE  
698 N  NZ  . LYS C 16 ? 0.2658 0.3144 0.2896 -0.0104 -0.0091 0.0197  15   LYS C NZ  
699 N  N   . VAL C 17 ? 0.1049 0.1261 0.1002 -0.0086 0.0023  -0.0008 16   VAL C N   
700 C  CA  . VAL C 17 ? 0.1224 0.1175 0.1297 -0.0042 -0.0115 0.0047  16   VAL C CA  
701 C  C   . VAL C 17 ? 0.1088 0.1341 0.1525 -0.0095 -0.0133 -0.0041 16   VAL C C   
702 O  O   . VAL C 17 ? 0.1208 0.1171 0.1560 -0.0151 -0.0183 0.0017  16   VAL C O   
703 C  CB  . VAL C 17 ? 0.1200 0.1574 0.1488 -0.0163 0.0099  -0.0107 16   VAL C CB  
704 C  CG1 . VAL C 17 ? 0.1440 0.2114 0.1920 -0.0209 0.0098  0.0089  16   VAL C CG1 
705 C  CG2 . VAL C 17 ? 0.1690 0.1546 0.1772 -0.0345 -0.0043 -0.0113 16   VAL C CG2 
706 N  N   . TYR C 18 ? 0.1359 0.1266 0.1485 -0.0104 -0.0098 -0.0027 17   TYR C N   
707 C  CA  . TYR C 18 ? 0.1639 0.1190 0.1638 0.0083  -0.0057 -0.0038 17   TYR C CA  
708 C  C   . TYR C 18 ? 0.1178 0.1638 0.1747 0.0070  -0.0301 0.0023  17   TYR C C   
709 O  O   . TYR C 18 ? 0.1682 0.1439 0.2091 -0.0167 -0.0689 -0.0219 17   TYR C O   
710 C  CB  . TYR C 18 ? 0.1553 0.1409 0.1906 -0.0161 -0.0341 0.0055  17   TYR C CB  
711 C  CG  . TYR C 18 ? 0.1646 0.1459 0.2017 -0.0017 -0.0392 0.0087  17   TYR C CG  
712 C  CD1 . TYR C 18 ? 0.1647 0.1732 0.2332 -0.0008 -0.0268 -0.0043 17   TYR C CD1 
713 C  CD2 . TYR C 18 ? 0.1476 0.1012 0.1971 -0.0249 -0.0021 0.0257  17   TYR C CD2 
714 C  CE1 . TYR C 18 ? 0.1817 0.1584 0.2068 -0.0539 0.0166  0.0280  17   TYR C CE1 
715 C  CE2 . TYR C 18 ? 0.1912 0.1278 0.1681 0.0049  -0.0325 0.0178  17   TYR C CE2 
716 C  CZ  . TYR C 18 ? 0.2040 0.1505 0.2101 -0.0079 -0.0315 0.0049  17   TYR C CZ  
717 O  OH  . TYR C 18 ? 0.2644 0.1456 0.2066 -0.0342 -0.0486 0.0347  17   TYR C OH  
718 N  N   . HIS C 19 ? 0.1416 0.1439 0.1598 0.0196  -0.0057 -0.0273 18   HIS C N   
719 C  CA  . HIS C 19 ? 0.1820 0.1521 0.1689 0.0027  -0.0045 -0.0103 18   HIS C CA  
720 C  C   . HIS C 19 ? 0.1730 0.1455 0.1980 -0.0088 -0.0295 -0.0082 18   HIS C C   
721 O  O   . HIS C 19 ? 0.1507 0.1739 0.1658 0.0025  -0.0300 -0.0091 18   HIS C O   
722 C  CB  . HIS C 19 ? 0.1914 0.1968 0.2077 -0.0060 0.0078  -0.0357 18   HIS C CB  
723 C  CG  . HIS C 19 ? 0.2540 0.2685 0.3059 0.0097  -0.0192 0.0009  18   HIS C CG  
724 N  ND1 . HIS C 19 ? 0.3448 0.3351 0.3563 0.0149  -0.0458 -0.0153 18   HIS C ND1 
725 C  CD2 . HIS C 19 ? 0.3185 0.2748 0.3692 -0.0072 -0.0139 -0.0036 18   HIS C CD2 
726 C  CE1 . HIS C 19 ? 0.3099 0.3259 0.3165 0.0328  -0.0189 -0.0204 18   HIS C CE1 
727 N  NE2 . HIS C 19 ? 0.3425 0.3745 0.3615 0.0129  -0.0162 -0.0016 18   HIS C NE2 
728 N  N   . ASN C 20 ? 0.1462 0.1394 0.1609 0.0016  -0.0238 -0.0060 19   ASN C N   
729 C  CA  . ASN C 20 ? 0.1507 0.1392 0.1535 -0.0107 0.0117  -0.0069 19   ASN C CA  
730 C  C   . ASN C 20 ? 0.1411 0.0950 0.0974 -0.0174 0.0269  0.0464  19   ASN C C   
731 O  O   . ASN C 20 ? 0.1384 0.1509 0.1392 -0.0310 -0.0201 0.0013  19   ASN C O   
732 C  CB  A ASN C 20 ? 0.1620 0.1314 0.1575 0.0079  0.0041  0.0098  19   ASN C CB  
733 C  CB  B ASN C 20 ? 0.1719 0.1268 0.1618 0.0051  0.0149  0.0073  19   ASN C CB  
734 C  CG  A ASN C 20 ? 0.1890 0.1571 0.0918 -0.0065 0.0117  -0.0002 19   ASN C CG  
735 C  CG  B ASN C 20 ? 0.1568 0.1167 0.1610 -0.0019 0.0050  -0.0012 19   ASN C CG  
736 O  OD1 A ASN C 20 ? 0.1587 0.1771 0.2126 -0.0115 0.0399  -0.0218 19   ASN C OD1 
737 O  OD1 B ASN C 20 ? 0.1523 0.1293 0.1502 0.0253  -0.0124 0.0119  19   ASN C OD1 
738 N  ND2 A ASN C 20 ? 0.1589 0.1417 0.1664 0.0216  -0.0249 -0.0088 19   ASN C ND2 
739 N  ND2 B ASN C 20 ? 0.1902 0.2419 0.1704 0.0123  -0.0002 -0.0061 19   ASN C ND2 
740 N  N   . GLU C 21 ? 0.1673 0.1255 0.1125 -0.0188 0.0330  0.0365  20   GLU C N   
741 C  CA  . GLU C 21 ? 0.1334 0.1424 0.1618 -0.0048 0.0242  0.0391  20   GLU C CA  
742 C  C   . GLU C 21 ? 0.1108 0.1260 0.1378 -0.0175 0.0189  0.0347  20   GLU C C   
743 O  O   . GLU C 21 ? 0.1464 0.2058 0.1702 -0.0032 -0.0469 0.0015  20   GLU C O   
744 C  CB  . GLU C 21 ? 0.1702 0.2053 0.1359 -0.0191 0.0335  0.0102  20   GLU C CB  
745 C  CG  . GLU C 21 ? 0.2127 0.2343 0.2356 0.0077  0.0222  0.0043  20   GLU C CG  
746 C  CD  . GLU C 21 ? 0.3012 0.3026 0.2270 -0.0001 0.0036  -0.0075 20   GLU C CD  
747 O  OE1 . GLU C 21 ? 0.3864 0.2989 0.3669 0.0086  0.0122  0.0029  20   GLU C OE1 
748 O  OE2 . GLU C 21 ? 0.3768 0.2605 0.3015 0.0038  0.0252  -0.0078 20   GLU C OE2 
749 N  N   . ASN C 22 ? 0.1383 0.1485 0.1545 0.0061  -0.0394 -0.0146 21   ASN C N   
750 C  CA  . ASN C 22 ? 0.1936 0.1535 0.1946 0.0191  -0.0195 -0.0134 21   ASN C CA  
751 C  C   . ASN C 22 ? 0.1524 0.1235 0.1526 -0.0269 0.0115  0.0308  21   ASN C C   
752 O  O   . ASN C 22 ? 0.1712 0.1577 0.1853 -0.0303 -0.0494 -0.0192 21   ASN C O   
753 C  CB  . ASN C 22 ? 0.2081 0.0913 0.2172 -0.0183 -0.0185 0.0056  21   ASN C CB  
754 C  CG  . ASN C 22 ? 0.2586 0.2017 0.2355 0.0032  -0.0082 0.0027  21   ASN C CG  
755 O  OD1 . ASN C 22 ? 0.2789 0.2990 0.2752 0.0205  -0.0158 0.0355  21   ASN C OD1 
756 N  ND2 . ASN C 22 ? 0.2937 0.1824 0.2577 -0.0170 -0.0491 0.0174  21   ASN C ND2 
757 N  N   . GLU C 23 ? 0.1706 0.1080 0.1326 -0.0176 -0.0067 0.0213  22   GLU C N   
758 C  CA  . GLU C 23 ? 0.1662 0.1616 0.1446 -0.0090 0.0205  0.0361  22   GLU C CA  
759 C  C   . GLU C 23 ? 0.1811 0.1389 0.1799 -0.0030 -0.0315 -0.0009 22   GLU C C   
760 O  O   . GLU C 23 ? 0.1818 0.1603 0.1861 -0.0381 -0.0465 -0.0358 22   GLU C O   
761 C  CB  . GLU C 23 ? 0.1877 0.1701 0.1653 -0.0238 0.0173  0.0137  22   GLU C CB  
762 C  CG  . GLU C 23 ? 0.2025 0.3149 0.2272 -0.0035 0.0184  0.0015  22   GLU C CG  
763 C  CD  . GLU C 23 ? 0.4455 0.3629 0.4365 -0.0008 0.0129  -0.0284 22   GLU C CD  
764 O  OE1 . GLU C 23 ? 0.5034 0.5333 0.4699 0.0104  -0.0002 -0.0233 22   GLU C OE1 
765 O  OE2 . GLU C 23 ? 0.4640 0.4651 0.4747 0.0205  0.0060  0.0007  22   GLU C OE2 
766 N  N   . VAL C 24 ? 0.1669 0.1771 0.1736 -0.0025 -0.0415 0.0115  23   VAL C N   
767 C  CA  . VAL C 24 ? 0.1913 0.1701 0.1943 0.0058  -0.0353 -0.0191 23   VAL C CA  
768 C  C   . VAL C 24 ? 0.1576 0.1862 0.1662 0.0080  -0.0055 0.0071  23   VAL C C   
769 O  O   . VAL C 24 ? 0.1645 0.1852 0.1848 0.0232  -0.0542 -0.0078 23   VAL C O   
770 C  CB  . VAL C 24 ? 0.1775 0.1873 0.1802 0.0197  -0.0221 0.0012  23   VAL C CB  
771 C  CG1 . VAL C 24 ? 0.1800 0.2288 0.2231 -0.0117 0.0201  -0.0005 23   VAL C CG1 
772 C  CG2 . VAL C 24 ? 0.2184 0.2127 0.1759 -0.0050 0.0071  0.0048  23   VAL C CG2 
773 N  N   . ALA C 25 ? 0.1782 0.1867 0.1236 0.0080  -0.0139 0.0138  24   ALA C N   
774 C  CA  . ALA C 25 ? 0.1788 0.1815 0.2019 0.0080  -0.0143 0.0097  24   ALA C CA  
775 C  C   . ALA C 25 ? 0.1447 0.1560 0.1664 -0.0153 -0.0064 0.0194  24   ALA C C   
776 O  O   . ALA C 25 ? 0.1796 0.2070 0.1798 -0.0280 -0.0470 0.0001  24   ALA C O   
777 C  CB  . ALA C 25 ? 0.2225 0.2449 0.1643 0.0022  -0.0250 0.0000  24   ALA C CB  
778 N  N   . ARG C 26 ? 0.1553 0.1415 0.1550 -0.0298 -0.0238 -0.0037 25   ARG C N   
779 C  CA  . ARG C 26 ? 0.2065 0.0668 0.1776 -0.0240 0.0054  0.0326  25   ARG C CA  
780 C  C   . ARG C 26 ? 0.1799 0.1390 0.1472 0.0052  -0.0292 -0.0001 25   ARG C C   
781 O  O   . ARG C 26 ? 0.2057 0.1984 0.1506 -0.0087 -0.0350 -0.0095 25   ARG C O   
782 C  CB  . ARG C 26 ? 0.2258 0.1952 0.1653 0.0009  -0.0165 -0.0269 25   ARG C CB  
783 C  CG  . ARG C 26 ? 0.3155 0.2586 0.2386 -0.0052 -0.0265 0.0046  25   ARG C CG  
784 C  CD  . ARG C 26 ? 0.3372 0.3583 0.3330 0.0047  0.0192  -0.0009 25   ARG C CD  
785 N  NE  . ARG C 26 ? 0.4286 0.4048 0.4382 0.0211  0.0070  0.0049  25   ARG C NE  
786 C  CZ  . ARG C 26 ? 0.5077 0.5028 0.4900 -0.0073 -0.0243 -0.0122 25   ARG C CZ  
787 N  NH1 . ARG C 26 ? 0.4220 0.4378 0.4383 0.0259  -0.0019 0.0035  25   ARG C NH1 
788 N  NH2 . ARG C 26 ? 0.5374 0.5134 0.5452 0.0053  -0.0034 0.0120  25   ARG C NH2 
789 N  N   . LEU C 27 ? 0.1856 0.1585 0.1359 -0.0158 0.0015  0.0373  26   LEU C N   
790 C  CA  . LEU C 27 ? 0.1845 0.2046 0.1706 0.0072  -0.0222 0.0127  26   LEU C CA  
791 C  C   . LEU C 27 ? 0.1778 0.1908 0.1682 -0.0340 0.0053  0.0101  26   LEU C C   
792 O  O   . LEU C 27 ? 0.2003 0.2130 0.1610 -0.0400 -0.0488 0.0216  26   LEU C O   
793 C  CB  . LEU C 27 ? 0.2740 0.2225 0.2358 0.0065  -0.0314 0.0028  26   LEU C CB  
794 C  CG  . LEU C 27 ? 0.4231 0.3785 0.3190 -0.0329 0.0045  0.0140  26   LEU C CG  
795 C  CD1 . LEU C 27 ? 0.4267 0.4037 0.4350 0.0110  -0.0191 -0.0049 26   LEU C CD1 
796 C  CD2 . LEU C 27 ? 0.2698 0.2646 0.2600 -0.0029 0.0096  0.0626  26   LEU C CD2 
797 N  N   . LYS C 28 ? 0.1721 0.2276 0.1505 0.0202  -0.0377 0.0256  27   LYS C N   
798 C  CA  . LYS C 28 ? 0.1819 0.1748 0.1545 -0.0040 -0.0314 0.0292  27   LYS C CA  
799 C  C   . LYS C 28 ? 0.1429 0.2046 0.1282 -0.0295 0.0326  0.0165  27   LYS C C   
800 O  O   . LYS C 28 ? 0.1770 0.2762 0.1959 0.0136  -0.0400 0.0104  27   LYS C O   
801 C  CB  . LYS C 28 ? 0.2282 0.2393 0.1414 -0.0272 -0.0271 0.0565  27   LYS C CB  
802 C  CG  . LYS C 28 ? 0.3311 0.3549 0.3450 0.0096  0.0171  0.0256  27   LYS C CG  
803 C  CD  . LYS C 28 ? 0.3324 0.3411 0.2999 -0.0029 0.0552  -0.0046 27   LYS C CD  
804 C  CE  . LYS C 28 ? 0.3937 0.3958 0.3963 -0.0205 -0.0119 -0.0009 27   LYS C CE  
805 N  NZ  . LYS C 28 ? 0.4461 0.4336 0.4158 -0.0124 -0.0054 -0.0274 27   LYS C NZ  
806 N  N   . LYS C 29 ? 0.1657 0.2206 0.1417 -0.0117 -0.0099 0.0074  28   LYS C N   
807 C  CA  . LYS C 29 ? 0.2309 0.2272 0.2413 -0.0287 0.0000  -0.0125 28   LYS C CA  
808 C  C   . LYS C 29 ? 0.2252 0.2566 0.2151 -0.0335 0.0021  -0.0139 28   LYS C C   
809 O  O   . LYS C 29 ? 0.2340 0.3134 0.2656 -0.0407 -0.0380 0.0037  28   LYS C O   
810 C  CB  . LYS C 29 ? 0.2550 0.1909 0.2314 -0.0220 -0.0024 0.0203  28   LYS C CB  
811 C  CG  . LYS C 29 ? 0.3508 0.3782 0.2906 -0.0016 0.0188  0.0240  28   LYS C CG  
812 C  CD  . LYS C 29 ? 0.4250 0.3852 0.4334 0.0245  -0.0163 0.0526  28   LYS C CD  
813 C  CE  . LYS C 29 ? 0.5271 0.5111 0.5067 -0.0036 -0.0073 -0.0147 28   LYS C CE  
814 N  NZ  . LYS C 29 ? 0.5379 0.5329 0.5404 -0.0006 -0.0111 0.0050  28   LYS C NZ  
815 N  N   . LEU C 30 ? 0.1800 0.2290 0.1508 -0.0124 0.0015  -0.0030 29   LEU C N   
816 C  CA  . LEU C 30 ? 0.2059 0.1815 0.1648 -0.0052 0.0017  0.0053  29   LEU C CA  
817 C  C   . LEU C 30 ? 0.1785 0.2444 0.1499 0.0031  -0.0164 0.0026  29   LEU C C   
818 O  O   . LEU C 30 ? 0.1793 0.2514 0.1426 -0.0061 -0.0091 0.0020  29   LEU C O   
819 C  CB  . LEU C 30 ? 0.2328 0.2101 0.2084 -0.0260 -0.0102 0.0330  29   LEU C CB  
820 C  CG  . LEU C 30 ? 0.3692 0.3429 0.3869 0.0225  0.0033  -0.0096 29   LEU C CG  
821 C  CD1 . LEU C 30 ? 0.3901 0.4571 0.4363 -0.0039 0.0004  0.0015  29   LEU C CD1 
822 C  CD2 . LEU C 30 ? 0.3915 0.3829 0.3661 0.0100  0.0029  -0.0123 29   LEU C CD2 
823 N  N   . VAL C 31 ? 0.2018 0.2225 0.1255 0.0073  -0.0193 0.0056  30   VAL C N   
824 C  CA  . VAL C 31 ? 0.1653 0.2227 0.1456 0.0054  -0.0089 0.0034  30   VAL C CA  
825 C  C   . VAL C 31 ? 0.2115 0.2403 0.1633 0.0129  0.0081  0.0281  30   VAL C C   
826 O  O   . VAL C 31 ? 0.1965 0.2740 0.1424 0.0251  -0.0137 0.0039  30   VAL C O   
827 C  CB  . VAL C 31 ? 0.2539 0.2145 0.1800 0.0305  0.0015  0.0338  30   VAL C CB  
828 C  CG1 . VAL C 31 ? 0.2965 0.2863 0.2961 -0.0205 0.0084  0.0127  30   VAL C CG1 
829 C  CG2 . VAL C 31 ? 0.2425 0.2612 0.2000 -0.0025 -0.0053 0.0031  30   VAL C CG2 
830 N  N   . GLY C 32 ? 0.1719 0.3086 0.2051 -0.0104 0.0228  0.0685  31   GLY C N   
831 C  CA  . GLY C 32 ? 0.2237 0.3362 0.2549 -0.0139 0.0169  0.0307  31   GLY C CA  
832 C  C   . GLY C 32 ? 0.3235 0.3519 0.3141 -0.0029 0.0068  -0.0041 31   GLY C C   
833 O  O   . GLY C 32 ? 0.2843 0.3309 0.3041 0.0138  -0.0274 0.0122  31   GLY C O   
834 N  N   . GLU C 33 ? 0.3315 0.3838 0.3376 -0.0035 0.0008  0.0137  32   GLU C N   
835 C  CA  . GLU C 33 ? 0.3480 0.4070 0.3807 -0.0232 0.0035  -0.0034 32   GLU C CA  
836 C  C   . GLU C 33 ? 0.4328 0.4718 0.4941 0.0073  -0.0111 0.0216  32   GLU C C   
837 O  O   . GLU C 33 ? 0.5401 0.5383 0.5149 -0.0047 -0.0072 0.0120  32   GLU C O   
838 C  CB  . GLU C 33 ? 0.3336 0.2596 0.3295 -0.0023 0.0133  0.0094  32   GLU C CB  
839 C  CG  . GLU C 33 ? 0.3105 0.3509 0.2956 -0.0087 -0.0051 0.0000  32   GLU C CG  
840 C  CD  . GLU C 33 ? 0.3196 0.3126 0.3318 0.0126  0.0021  -0.0059 32   GLU C CD  
841 O  OE1 . GLU C 33 ? 0.2861 0.2850 0.3085 -0.0371 0.0527  0.0231  32   GLU C OE1 
842 O  OE2 . GLU C 33 ? 0.3548 0.3589 0.3453 -0.0204 0.0049  -0.0014 32   GLU C OE2 
843 N  N   . ARG C 34 ? 0.5331 0.5671 0.5550 0.0063  0.0091  -0.0199 33   ARG C N   
844 C  CA  . ARG C 34 ? 0.6179 0.5748 0.6205 -0.0115 0.0091  0.0091  33   ARG C CA  
845 C  C   . ARG C 34 ? 0.6653 0.6797 0.6743 -0.0059 -0.0182 0.0096  33   ARG C C   
846 O  O   . ARG C 34 ? 0.7080 0.6984 0.7016 0.0065  0.0068  0.0013  33   ARG C O   
847 C  CB  . ARG C 34 ? 0.5413 0.5727 0.5399 0.0081  -0.0083 0.0018  33   ARG C CB  
848 C  CG  . ARG C 34 ? 0.5037 0.4884 0.5061 -0.0040 0.0072  0.0015  33   ARG C CG  
849 C  CD  . ARG C 34 ? 0.5046 0.5056 0.5151 -0.0033 0.0033  -0.0056 33   ARG C CD  
850 N  NE  . ARG C 34 ? 0.5005 0.4934 0.5411 0.0008  0.0102  0.0249  33   ARG C NE  
851 C  CZ  . ARG C 34 ? 0.6542 0.6669 0.6204 -0.0030 -0.0033 -0.0270 33   ARG C CZ  
852 N  NH1 . ARG C 34 ? 0.7306 0.6929 0.7289 -0.0047 0.0045  0.0014  33   ARG C NH1 
853 N  NH2 . ARG C 34 ? 0.6887 0.6836 0.6733 0.0035  -0.0052 0.0088  33   ARG C NH2 
854 O  OXT . ARG C 34 ? 0.7218 0.7111 0.7076 0.0028  0.0043  -0.0040 33   ARG C OXT 
855 CL CL  . CL  D .  ? 0.1616 0.1376 0.1460 -0.0112 0.0180  0.0135  1032 CL  A CL  
856 CL CL  . CL  E .  ? 0.1666 0.1527 0.1620 0.0046  0.0118  0.0007  1033 CL  A CL  
# 
